data_5QGU
# 
_entry.id   5QGU 
# 
_audit_conform.dict_name       mmcif_pdbx.dic 
_audit_conform.dict_version    5.381 
_audit_conform.dict_location   http://mmcif.pdb.org/dictionaries/ascii/mmcif_pdbx.dic 
# 
loop_
_database_2.database_id 
_database_2.database_code 
_database_2.pdbx_database_accession 
_database_2.pdbx_DOI 
PDB   5QGU         pdb_00005qgu 10.2210/pdb5qgu/pdb 
WWPDB D_1001401931 ?            ?                   
# 
_pdbx_database_status.entry_id                        5QGU 
_pdbx_database_status.status_code                     REL 
_pdbx_database_status.status_code_sf                  REL 
_pdbx_database_status.status_code_mr                  ? 
_pdbx_database_status.status_code_cs                  ? 
_pdbx_database_status.recvd_initial_deposition_date   2018-05-15 
_pdbx_database_status.deposit_site                    RCSB 
_pdbx_database_status.process_site                    RCSB 
_pdbx_database_status.SG_entry                        ? 
_pdbx_database_status.pdb_format_compatible           Y 
_pdbx_database_status.methods_development_category    ? 
_pdbx_database_status.status_code_nmr_data            ? 
# 
loop_
_audit_author.name 
_audit_author.pdbx_ordinal 
_audit_author.identifier_ORCID 
'Krojer, T.'         1  ? 
'Talon, R.'          2  ? 
'Fairhead, M.'       3  ? 
'Diaz Saez, L.'      4  ? 
'Bradley, A.R.'      5  ? 
'Aimon, A.'          6  ? 
'Collins, P.'        7  ? 
'Brandao-Neto, J.'   8  ? 
'Douangamath, A.'    9  ? 
'Ruda, G.F.'         10 ? 
'Szommer, T.'        11 ? 
'Srikannathasan, V.' 12 ? 
'Elkins, J.'         13 ? 
'Spencer, J.'        14 ? 
'London, N.'         15 ? 
'Nelson, A.'         16 ? 
'Brennan, P.E.'      17 ? 
'Huber, K.'          18 ? 
'Bountra, C.'        19 ? 
'Arrowsmith, C.H.'   20 ? 
'Edwards, A.'        21 ? 
'von Delft, F.'      22 ? 
# 
_citation.id                        primary 
_citation.title                     'PanDDA analysis group deposition of models with modelled events (e.g. bound ligands)' 
_citation.journal_abbrev            'To Be Published' 
_citation.journal_volume            ? 
_citation.page_first                ? 
_citation.page_last                 ? 
_citation.year                      ? 
_citation.journal_id_ASTM           ? 
_citation.country                   ? 
_citation.journal_id_ISSN           ? 
_citation.journal_id_CSD            0353 
_citation.book_publisher            ? 
_citation.pdbx_database_id_PubMed   ? 
_citation.pdbx_database_id_DOI      ? 
# 
loop_
_citation_author.citation_id 
_citation_author.name 
_citation_author.identifier_ORCID 
_citation_author.ordinal 
primary 'Krojer, T.'         ? 1  
primary 'Talon, R.'          ? 2  
primary 'Fairhead, M.'       ? 3  
primary 'Diaz Saez, L.'      ? 4  
primary 'Bradley, A.R.'      ? 5  
primary 'Aimon, A.'          ? 6  
primary 'Collins, P.'        ? 7  
primary 'Brandao-Neto, J.'   ? 8  
primary 'Douangamath, A.'    ? 9  
primary 'Ruda, G.F.'         ? 10 
primary 'Szommer, T.'        ? 11 
primary 'Srikannathasan, V.' ? 12 
primary 'Elkins, J.'         ? 13 
primary 'Spencer, J.'        ? 14 
primary 'London, N.'         ? 15 
primary 'Nelson, A.'         ? 16 
primary 'Brennan, P.E.'      ? 17 
primary 'Huber, K.'          ? 18 
primary 'Bountra, C.'        ? 19 
primary 'Arrowsmith, C.H.'   ? 20 
primary 'Edwards, A.'        ? 21 
primary 'von Delft, F.'      ? 22 
# 
_cell.entry_id           5QGU 
_cell.length_a           126.022 
_cell.length_b           126.022 
_cell.length_c           41.630 
_cell.angle_alpha        90.000 
_cell.angle_beta         90.000 
_cell.angle_gamma        120.000 
_cell.Z_PDB              6 
_cell.pdbx_unique_axis   ? 
# 
_symmetry.entry_id                         5QGU 
_symmetry.space_group_name_H-M             'P 3 2 1' 
_symmetry.pdbx_full_space_group_name_H-M   ? 
_symmetry.cell_setting                     ? 
_symmetry.Int_Tables_number                150 
# 
loop_
_entity.id 
_entity.type 
_entity.src_method 
_entity.pdbx_description 
_entity.formula_weight 
_entity.pdbx_number_of_molecules 
_entity.pdbx_ec 
_entity.pdbx_mutation 
_entity.pdbx_fragment 
_entity.details 
1 polymer     man 'Peroxisomal coenzyme A diphosphatase NUDT7'    22197.600 1   3.6.1.- ? ? ? 
2 non-polymer syn 'ACETATE ION'                                   59.044    2   ?       ? ? ? 
3 non-polymer syn 'DIMETHYL SULFOXIDE'                            78.133    2   ?       ? ? ? 
4 non-polymer syn '(4-tert-butylpiperidin-1-yl)(phenyl)methanone' 245.360   1   ?       ? ? ? 
5 water       nat water                                           18.015    168 ?       ? ? ? 
# 
_entity_name_com.entity_id   1 
_entity_name_com.name        'Nucleoside diphosphate-linked moiety X motif 7,Nudix motif 7' 
# 
_entity_poly.entity_id                      1 
_entity_poly.type                           'polypeptide(L)' 
_entity_poly.nstd_linkage                   no 
_entity_poly.nstd_monomer                   yes 
_entity_poly.pdbx_seq_one_letter_code       
;SMLDDAKARLRKYDIGGKYSHLPYNKYSVLLPLVAKEGKLHLLFTVRSEKLRRAPGEVCFPGGKRDPTDMDDAATALREA
QEEVGLR(HYP)HQVEVV(CSO)CLVPCLIDTDTLITPFVGLIDHNFQAQPNPAEVKDVFLVPLAYFLHPQVHDQHYVTR
LGHRFINHIFEYTNPEDGVTYQIKGMTANLAVLVAFIILEKKPT
;
_entity_poly.pdbx_seq_one_letter_code_can   
;SMLDDAKARLRKYDIGGKYSHLPYNKYSVLLPLVAKEGKLHLLFTVRSEKLRRAPGEVCFPGGKRDPTDMDDAATALREA
QEEVGLRPHQVEVVCCLVPCLIDTDTLITPFVGLIDHNFQAQPNPAEVKDVFLVPLAYFLHPQVHDQHYVTRLGHRFINH
IFEYTNPEDGVTYQIKGMTANLAVLVAFIILEKKPT
;
_entity_poly.pdbx_strand_id                 A 
_entity_poly.pdbx_target_identifier         ? 
# 
loop_
_entity_poly_seq.entity_id 
_entity_poly_seq.num 
_entity_poly_seq.mon_id 
_entity_poly_seq.hetero 
1 1   SER n 
1 2   MET n 
1 3   LEU n 
1 4   ASP n 
1 5   ASP n 
1 6   ALA n 
1 7   LYS n 
1 8   ALA n 
1 9   ARG n 
1 10  LEU n 
1 11  ARG n 
1 12  LYS n 
1 13  TYR n 
1 14  ASP n 
1 15  ILE n 
1 16  GLY n 
1 17  GLY n 
1 18  LYS n 
1 19  TYR n 
1 20  SER n 
1 21  HIS n 
1 22  LEU n 
1 23  PRO n 
1 24  TYR n 
1 25  ASN n 
1 26  LYS n 
1 27  TYR n 
1 28  SER n 
1 29  VAL n 
1 30  LEU n 
1 31  LEU n 
1 32  PRO n 
1 33  LEU n 
1 34  VAL n 
1 35  ALA n 
1 36  LYS n 
1 37  GLU n 
1 38  GLY n 
1 39  LYS n 
1 40  LEU n 
1 41  HIS n 
1 42  LEU n 
1 43  LEU n 
1 44  PHE n 
1 45  THR n 
1 46  VAL n 
1 47  ARG n 
1 48  SER n 
1 49  GLU n 
1 50  LYS n 
1 51  LEU n 
1 52  ARG n 
1 53  ARG n 
1 54  ALA n 
1 55  PRO n 
1 56  GLY n 
1 57  GLU n 
1 58  VAL n 
1 59  CYS n 
1 60  PHE n 
1 61  PRO n 
1 62  GLY n 
1 63  GLY n 
1 64  LYS n 
1 65  ARG n 
1 66  ASP n 
1 67  PRO n 
1 68  THR n 
1 69  ASP n 
1 70  MET n 
1 71  ASP n 
1 72  ASP n 
1 73  ALA n 
1 74  ALA n 
1 75  THR n 
1 76  ALA n 
1 77  LEU n 
1 78  ARG n 
1 79  GLU n 
1 80  ALA n 
1 81  GLN n 
1 82  GLU n 
1 83  GLU n 
1 84  VAL n 
1 85  GLY n 
1 86  LEU n 
1 87  ARG n 
1 88  HYP n 
1 89  HIS n 
1 90  GLN n 
1 91  VAL n 
1 92  GLU n 
1 93  VAL n 
1 94  VAL n 
1 95  CSO n 
1 96  CYS n 
1 97  LEU n 
1 98  VAL n 
1 99  PRO n 
1 100 CYS n 
1 101 LEU n 
1 102 ILE n 
1 103 ASP n 
1 104 THR n 
1 105 ASP n 
1 106 THR n 
1 107 LEU n 
1 108 ILE n 
1 109 THR n 
1 110 PRO n 
1 111 PHE n 
1 112 VAL n 
1 113 GLY n 
1 114 LEU n 
1 115 ILE n 
1 116 ASP n 
1 117 HIS n 
1 118 ASN n 
1 119 PHE n 
1 120 GLN n 
1 121 ALA n 
1 122 GLN n 
1 123 PRO n 
1 124 ASN n 
1 125 PRO n 
1 126 ALA n 
1 127 GLU n 
1 128 VAL n 
1 129 LYS n 
1 130 ASP n 
1 131 VAL n 
1 132 PHE n 
1 133 LEU n 
1 134 VAL n 
1 135 PRO n 
1 136 LEU n 
1 137 ALA n 
1 138 TYR n 
1 139 PHE n 
1 140 LEU n 
1 141 HIS n 
1 142 PRO n 
1 143 GLN n 
1 144 VAL n 
1 145 HIS n 
1 146 ASP n 
1 147 GLN n 
1 148 HIS n 
1 149 TYR n 
1 150 VAL n 
1 151 THR n 
1 152 ARG n 
1 153 LEU n 
1 154 GLY n 
1 155 HIS n 
1 156 ARG n 
1 157 PHE n 
1 158 ILE n 
1 159 ASN n 
1 160 HIS n 
1 161 ILE n 
1 162 PHE n 
1 163 GLU n 
1 164 TYR n 
1 165 THR n 
1 166 ASN n 
1 167 PRO n 
1 168 GLU n 
1 169 ASP n 
1 170 GLY n 
1 171 VAL n 
1 172 THR n 
1 173 TYR n 
1 174 GLN n 
1 175 ILE n 
1 176 LYS n 
1 177 GLY n 
1 178 MET n 
1 179 THR n 
1 180 ALA n 
1 181 ASN n 
1 182 LEU n 
1 183 ALA n 
1 184 VAL n 
1 185 LEU n 
1 186 VAL n 
1 187 ALA n 
1 188 PHE n 
1 189 ILE n 
1 190 ILE n 
1 191 LEU n 
1 192 GLU n 
1 193 LYS n 
1 194 LYS n 
1 195 PRO n 
1 196 THR n 
# 
_entity_src_gen.entity_id                          1 
_entity_src_gen.pdbx_src_id                        1 
_entity_src_gen.pdbx_alt_source_flag               sample 
_entity_src_gen.pdbx_seq_type                      'Biological sequence' 
_entity_src_gen.pdbx_beg_seq_num                   1 
_entity_src_gen.pdbx_end_seq_num                   196 
_entity_src_gen.gene_src_common_name               Human 
_entity_src_gen.gene_src_genus                     ? 
_entity_src_gen.pdbx_gene_src_gene                 NUDT7 
_entity_src_gen.gene_src_species                   ? 
_entity_src_gen.gene_src_strain                    ? 
_entity_src_gen.gene_src_tissue                    ? 
_entity_src_gen.gene_src_tissue_fraction           ? 
_entity_src_gen.gene_src_details                   ? 
_entity_src_gen.pdbx_gene_src_fragment             ? 
_entity_src_gen.pdbx_gene_src_scientific_name      'Homo sapiens' 
_entity_src_gen.pdbx_gene_src_ncbi_taxonomy_id     9606 
_entity_src_gen.pdbx_gene_src_variant              ? 
_entity_src_gen.pdbx_gene_src_cell_line            ? 
_entity_src_gen.pdbx_gene_src_atcc                 ? 
_entity_src_gen.pdbx_gene_src_organ                ? 
_entity_src_gen.pdbx_gene_src_organelle            ? 
_entity_src_gen.pdbx_gene_src_cell                 ? 
_entity_src_gen.pdbx_gene_src_cellular_location    ? 
_entity_src_gen.host_org_common_name               ? 
_entity_src_gen.pdbx_host_org_scientific_name      'Escherichia coli' 
_entity_src_gen.pdbx_host_org_ncbi_taxonomy_id     562 
_entity_src_gen.host_org_genus                     ? 
_entity_src_gen.pdbx_host_org_gene                 ? 
_entity_src_gen.pdbx_host_org_organ                ? 
_entity_src_gen.host_org_species                   ? 
_entity_src_gen.pdbx_host_org_tissue               ? 
_entity_src_gen.pdbx_host_org_tissue_fraction      ? 
_entity_src_gen.pdbx_host_org_strain               ? 
_entity_src_gen.pdbx_host_org_variant              ? 
_entity_src_gen.pdbx_host_org_cell_line            ? 
_entity_src_gen.pdbx_host_org_atcc                 ? 
_entity_src_gen.pdbx_host_org_culture_collection   ? 
_entity_src_gen.pdbx_host_org_cell                 ? 
_entity_src_gen.pdbx_host_org_organelle            ? 
_entity_src_gen.pdbx_host_org_cellular_location    ? 
_entity_src_gen.pdbx_host_org_vector_type          ? 
_entity_src_gen.pdbx_host_org_vector               ? 
_entity_src_gen.host_org_details                   ? 
_entity_src_gen.expression_system_id               ? 
_entity_src_gen.plasmid_name                       ? 
_entity_src_gen.plasmid_details                    ? 
_entity_src_gen.pdbx_description                   ? 
# 
_struct_ref.id                         1 
_struct_ref.db_name                    UNP 
_struct_ref.db_code                    NUDT7_HUMAN 
_struct_ref.pdbx_db_accession          P0C024 
_struct_ref.pdbx_db_isoform            ? 
_struct_ref.entity_id                  1 
_struct_ref.pdbx_seq_one_letter_code   
;SLLDDAKARLRKYDIGGKYSHLPYNKYSVLLPLVAKEGKLHLLFTVRSEKLRRAPGEVCFPGGKRDPTDMDDAATALREA
QEEVGLRPHQVEVVCCLVPCLIDTDTLITPFVGLIDHNFQAQPNPAEVKDVFLVPLAYFLHPQVHDQHYVTRLGHRFINH
IFEYTNPEDGVTYQIKGMTANLAVLVAFIILEKKPT
;
_struct_ref.pdbx_align_begin           14 
# 
_struct_ref_seq.align_id                      1 
_struct_ref_seq.ref_id                        1 
_struct_ref_seq.pdbx_PDB_id_code              5QGU 
_struct_ref_seq.pdbx_strand_id                A 
_struct_ref_seq.seq_align_beg                 1 
_struct_ref_seq.pdbx_seq_align_beg_ins_code   ? 
_struct_ref_seq.seq_align_end                 196 
_struct_ref_seq.pdbx_seq_align_end_ins_code   ? 
_struct_ref_seq.pdbx_db_accession             P0C024 
_struct_ref_seq.db_align_beg                  14 
_struct_ref_seq.pdbx_db_align_beg_ins_code    ? 
_struct_ref_seq.db_align_end                  209 
_struct_ref_seq.pdbx_db_align_end_ins_code    ? 
_struct_ref_seq.pdbx_auth_seq_align_beg       15 
_struct_ref_seq.pdbx_auth_seq_align_end       210 
# 
_struct_ref_seq_dif.align_id                     1 
_struct_ref_seq_dif.pdbx_pdb_id_code             5QGU 
_struct_ref_seq_dif.mon_id                       MET 
_struct_ref_seq_dif.pdbx_pdb_strand_id           A 
_struct_ref_seq_dif.seq_num                      2 
_struct_ref_seq_dif.pdbx_pdb_ins_code            ? 
_struct_ref_seq_dif.pdbx_seq_db_name             UNP 
_struct_ref_seq_dif.pdbx_seq_db_accession_code   P0C024 
_struct_ref_seq_dif.db_mon_id                    LEU 
_struct_ref_seq_dif.pdbx_seq_db_seq_num          15 
_struct_ref_seq_dif.details                      conflict 
_struct_ref_seq_dif.pdbx_auth_seq_num            16 
_struct_ref_seq_dif.pdbx_ordinal                 1 
# 
loop_
_chem_comp.id 
_chem_comp.type 
_chem_comp.mon_nstd_flag 
_chem_comp.name 
_chem_comp.pdbx_synonyms 
_chem_comp.formula 
_chem_comp.formula_weight 
ACT non-polymer         . 'ACETATE ION'                                   ?              'C2 H3 O2 -1'    59.044  
ALA 'L-peptide linking' y ALANINE                                         ?              'C3 H7 N O2'     89.093  
ARG 'L-peptide linking' y ARGININE                                        ?              'C6 H15 N4 O2 1' 175.209 
ASN 'L-peptide linking' y ASPARAGINE                                      ?              'C4 H8 N2 O3'    132.118 
ASP 'L-peptide linking' y 'ASPARTIC ACID'                                 ?              'C4 H7 N O4'     133.103 
CSO 'L-peptide linking' n S-HYDROXYCYSTEINE                               ?              'C3 H7 N O3 S'   137.158 
CYS 'L-peptide linking' y CYSTEINE                                        ?              'C3 H7 N O2 S'   121.158 
DMS non-polymer         . 'DIMETHYL SULFOXIDE'                            ?              'C2 H6 O S'      78.133  
GLN 'L-peptide linking' y GLUTAMINE                                       ?              'C5 H10 N2 O3'   146.144 
GLU 'L-peptide linking' y 'GLUTAMIC ACID'                                 ?              'C5 H9 N O4'     147.129 
GLY 'peptide linking'   y GLYCINE                                         ?              'C2 H5 N O2'     75.067  
H3G non-polymer         . '(4-tert-butylpiperidin-1-yl)(phenyl)methanone' ?              'C16 H23 N O'    245.360 
HIS 'L-peptide linking' y HISTIDINE                                       ?              'C6 H10 N3 O2 1' 156.162 
HOH non-polymer         . WATER                                           ?              'H2 O'           18.015  
HYP 'L-peptide linking' n 4-HYDROXYPROLINE                                HYDROXYPROLINE 'C5 H9 N O3'     131.130 
ILE 'L-peptide linking' y ISOLEUCINE                                      ?              'C6 H13 N O2'    131.173 
LEU 'L-peptide linking' y LEUCINE                                         ?              'C6 H13 N O2'    131.173 
LYS 'L-peptide linking' y LYSINE                                          ?              'C6 H15 N2 O2 1' 147.195 
MET 'L-peptide linking' y METHIONINE                                      ?              'C5 H11 N O2 S'  149.211 
PHE 'L-peptide linking' y PHENYLALANINE                                   ?              'C9 H11 N O2'    165.189 
PRO 'L-peptide linking' y PROLINE                                         ?              'C5 H9 N O2'     115.130 
SER 'L-peptide linking' y SERINE                                          ?              'C3 H7 N O3'     105.093 
THR 'L-peptide linking' y THREONINE                                       ?              'C4 H9 N O3'     119.119 
TYR 'L-peptide linking' y TYROSINE                                        ?              'C9 H11 N O3'    181.189 
VAL 'L-peptide linking' y VALINE                                          ?              'C5 H11 N O2'    117.146 
# 
_exptl.crystals_number   1 
_exptl.entry_id          5QGU 
_exptl.method            'X-RAY DIFFRACTION' 
# 
_exptl_crystal.id                    1 
_exptl_crystal.pdbx_mosaicity        0.130 
_exptl_crystal.pdbx_mosaicity_esd    ? 
_exptl_crystal.density_Matthews      4.30 
_exptl_crystal.density_diffrn        ? 
_exptl_crystal.density_meas          ? 
_exptl_crystal.density_meas_temp     ? 
_exptl_crystal.density_percent_sol   71.39 
_exptl_crystal.size_max              ? 
_exptl_crystal.size_mid              ? 
_exptl_crystal.size_min              ? 
_exptl_crystal.size_rad              ? 
_exptl_crystal.description           ? 
_exptl_crystal.preparation           ? 
# 
_exptl_crystal_grow.crystal_id      1 
_exptl_crystal_grow.method          'VAPOR DIFFUSION, SITTING DROP' 
_exptl_crystal_grow.pH              5.5 
_exptl_crystal_grow.temp            293 
_exptl_crystal_grow.pdbx_details    '0.1M bis-tris pH 5.5 -- 0.1M ammonium acetate -- 5%(w/v) PEG10K' 
_exptl_crystal_grow.temp_details    ? 
_exptl_crystal_grow.pdbx_pH_range   ? 
# 
_diffrn.id                     1 
_diffrn.ambient_temp           100 
_diffrn.crystal_id             1 
_diffrn.ambient_temp_details   ? 
# 
_diffrn_detector.detector               PIXEL 
_diffrn_detector.type                   'DECTRIS PILATUS 6M' 
_diffrn_detector.pdbx_collection_date   2017-05-11 
_diffrn_detector.diffrn_id              1 
_diffrn_detector.details                ? 
# 
_diffrn_radiation.diffrn_id                        1 
_diffrn_radiation.wavelength_id                    1 
_diffrn_radiation.pdbx_diffrn_protocol             'SINGLE WAVELENGTH' 
_diffrn_radiation.pdbx_monochromatic_or_laue_m_l   ? 
_diffrn_radiation.monochromator                    ? 
_diffrn_radiation.pdbx_scattering_type             x-ray 
# 
_diffrn_radiation_wavelength.id           1 
_diffrn_radiation_wavelength.wavelength   0.92819 
_diffrn_radiation_wavelength.wt           1.0 
# 
_diffrn_source.diffrn_id                   1 
_diffrn_source.source                      SYNCHROTRON 
_diffrn_source.type                        'DIAMOND BEAMLINE I04-1' 
_diffrn_source.pdbx_wavelength_list        0.92819 
_diffrn_source.pdbx_synchrotron_site       Diamond 
_diffrn_source.pdbx_synchrotron_beamline   I04-1 
_diffrn_source.pdbx_wavelength             ? 
# 
_reflns.entry_id                     5QGU 
_reflns.pdbx_diffrn_id               1 
_reflns.pdbx_ordinal                 1 
_reflns.observed_criterion_sigma_I   ? 
_reflns.observed_criterion_sigma_F   ? 
_reflns.d_resolution_low             29.300 
_reflns.d_resolution_high            1.710 
_reflns.number_obs                   41414 
_reflns.number_all                   ? 
_reflns.percent_possible_obs         99.800 
_reflns.pdbx_Rmerge_I_obs            0.065 
_reflns.pdbx_Rsym_value              ? 
_reflns.pdbx_netI_over_sigmaI        20.400 
_reflns.B_iso_Wilson_estimate        ? 
_reflns.pdbx_redundancy              9.800 
_reflns.pdbx_Rrim_I_all              0.068 
_reflns.pdbx_Rpim_I_all              0.022 
_reflns.pdbx_CC_half                 0.999 
_reflns.pdbx_netI_over_av_sigmaI     ? 
_reflns.pdbx_number_measured_all     406009 
_reflns.pdbx_scaling_rejects         2 
_reflns.pdbx_chi_squared             ? 
_reflns.Rmerge_F_all                 ? 
_reflns.Rmerge_F_obs                 ? 
_reflns.observed_criterion_F_max     ? 
_reflns.observed_criterion_F_min     ? 
_reflns.observed_criterion_I_max     ? 
_reflns.observed_criterion_I_min     ? 
_reflns.pdbx_d_res_high_opt          ? 
_reflns.pdbx_d_res_low_opt           ? 
_reflns.details                      ? 
# 
loop_
_reflns_shell.pdbx_diffrn_id 
_reflns_shell.pdbx_ordinal 
_reflns_shell.d_res_high 
_reflns_shell.d_res_low 
_reflns_shell.number_measured_obs 
_reflns_shell.number_measured_all 
_reflns_shell.number_unique_obs 
_reflns_shell.pdbx_rejects 
_reflns_shell.Rmerge_I_obs 
_reflns_shell.meanI_over_sigI_obs 
_reflns_shell.pdbx_Rsym_value 
_reflns_shell.pdbx_chi_squared 
_reflns_shell.pdbx_redundancy 
_reflns_shell.percent_possible_obs 
_reflns_shell.pdbx_netI_over_sigmaI_obs 
_reflns_shell.number_possible 
_reflns_shell.number_unique_all 
_reflns_shell.Rmerge_F_all 
_reflns_shell.Rmerge_F_obs 
_reflns_shell.Rmerge_I_all 
_reflns_shell.meanI_over_sigI_all 
_reflns_shell.percent_possible_all 
_reflns_shell.pdbx_Rrim_I_all 
_reflns_shell.pdbx_Rpim_I_all 
_reflns_shell.pdbx_CC_half 
1 1 1.710 1.750  ? 26263 ? ? 0.785 ? ? ? 8.900 ? 2.100  ? 2958 ? ? ? ? 97.200 0.833 0.276 0.802 
1 2 7.630 29.300 ? 5028  ? ? 0.026 ? ? ? 9.900 ? 66.000 ? 507  ? ? ? ? 98.200 0.028 0.009 0.999 
# 
_refine.entry_id                                 5QGU 
_refine.pdbx_refine_id                           'X-RAY DIFFRACTION' 
_refine.ls_d_res_high                            1.7100 
_refine.ls_d_res_low                             109.1400 
_refine.pdbx_ls_sigma_F                          0.000 
_refine.pdbx_data_cutoff_high_absF               ? 
_refine.pdbx_data_cutoff_low_absF                ? 
_refine.ls_percent_reflns_obs                    99.0500 
_refine.ls_number_reflns_obs                     38924 
_refine.ls_number_reflns_all                     ? 
_refine.pdbx_ls_cross_valid_method               THROUGHOUT 
_refine.ls_matrix_type                           ? 
_refine.pdbx_R_Free_selection_details            RANDOM 
_refine.details                                  
'HYDROGENS HAVE BEEN ADDED IN THE RIDING POSITIONS U VALUES      : REFINED INDIVIDUALLY' 
_refine.ls_R_factor_all                          ? 
_refine.ls_R_factor_obs                          0.1998 
_refine.ls_R_factor_R_work                       0.1986 
_refine.ls_wR_factor_R_work                      ? 
_refine.ls_R_factor_R_free                       0.2206 
_refine.ls_wR_factor_R_free                      ? 
_refine.ls_percent_reflns_R_free                 5.3000 
_refine.ls_number_reflns_R_free                  2185 
_refine.ls_number_reflns_R_work                  ? 
_refine.ls_R_factor_R_free_error                 ? 
_refine.B_iso_mean                               32.1770 
_refine.solvent_model_param_bsol                 ? 
_refine.solvent_model_param_ksol                 ? 
_refine.pdbx_isotropic_thermal_model             ? 
_refine.aniso_B[1][1]                            0.1900 
_refine.aniso_B[2][2]                            0.1900 
_refine.aniso_B[3][3]                            -0.6100 
_refine.aniso_B[1][2]                            0.0900 
_refine.aniso_B[1][3]                            0.0000 
_refine.aniso_B[2][3]                            -0.0000 
_refine.correlation_coeff_Fo_to_Fc               0.9580 
_refine.correlation_coeff_Fo_to_Fc_free          0.9460 
_refine.overall_SU_R_Cruickshank_DPI             ? 
_refine.pdbx_overall_SU_R_free_Cruickshank_DPI   ? 
_refine.pdbx_overall_SU_R_Blow_DPI               ? 
_refine.pdbx_overall_SU_R_free_Blow_DPI          ? 
_refine.overall_SU_R_free                        ? 
_refine.pdbx_overall_ESU_R                       0.0790 
_refine.pdbx_overall_ESU_R_Free                  0.0800 
_refine.overall_SU_ML                            0.0620 
_refine.overall_SU_B                             1.9440 
_refine.solvent_model_details                    MASK 
_refine.pdbx_solvent_vdw_probe_radii             1.2000 
_refine.pdbx_solvent_ion_probe_radii             0.8000 
_refine.pdbx_solvent_shrinkage_radii             0.8000 
_refine.ls_number_parameters                     ? 
_refine.ls_number_restraints                     ? 
_refine.pdbx_starting_model                      5T3P 
_refine.pdbx_method_to_determine_struct          'FOURIER SYNTHESIS' 
_refine.pdbx_stereochemistry_target_values       'MAXIMUM LIKELIHOOD' 
_refine.pdbx_stereochem_target_val_spec_case     ? 
_refine.overall_FOM_work_R_set                   ? 
_refine.B_iso_max                                109.490 
_refine.B_iso_min                                13.970 
_refine.pdbx_overall_phase_error                 ? 
_refine.occupancy_max                            ? 
_refine.occupancy_min                            ? 
_refine.pdbx_diffrn_id                           1 
_refine.pdbx_TLS_residual_ADP_flag               ? 
_refine.pdbx_ls_sigma_I                          ? 
_refine.pdbx_data_cutoff_high_rms_absF           ? 
_refine.ls_R_factor_R_free_error_details         ? 
# 
_refine_hist.cycle_id                         final 
_refine_hist.pdbx_refine_id                   'X-RAY DIFFRACTION' 
_refine_hist.d_res_high                       1.7100 
_refine_hist.d_res_low                        109.1400 
_refine_hist.pdbx_number_atoms_ligand         34 
_refine_hist.number_atoms_solvent             168 
_refine_hist.number_atoms_total               1669 
_refine_hist.pdbx_number_residues_total       186 
_refine_hist.pdbx_B_iso_mean_ligand           49.03 
_refine_hist.pdbx_B_iso_mean_solvent          41.85 
_refine_hist.pdbx_number_atoms_protein        1467 
_refine_hist.pdbx_number_atoms_nucleic_acid   0 
# 
loop_
_refine_ls_restr.pdbx_refine_id 
_refine_ls_restr.type 
_refine_ls_restr.number 
_refine_ls_restr.dev_ideal 
_refine_ls_restr.dev_ideal_target 
_refine_ls_restr.weight 
_refine_ls_restr.pdbx_restraint_function 
'X-RAY DIFFRACTION' r_bond_refined_d       1551 0.014  0.019  ? ? 
'X-RAY DIFFRACTION' r_bond_other_d         1474 0.002  0.020  ? ? 
'X-RAY DIFFRACTION' r_angle_refined_deg    2109 1.711  1.988  ? ? 
'X-RAY DIFFRACTION' r_angle_other_deg      3419 0.974  2.978  ? ? 
'X-RAY DIFFRACTION' r_dihedral_angle_1_deg 188  6.045  5.000  ? ? 
'X-RAY DIFFRACTION' r_dihedral_angle_2_deg 68   32.897 23.971 ? ? 
'X-RAY DIFFRACTION' r_dihedral_angle_3_deg 254  14.667 15.000 ? ? 
'X-RAY DIFFRACTION' r_dihedral_angle_4_deg 8    18.448 15.000 ? ? 
'X-RAY DIFFRACTION' r_chiral_restr         239  0.108  0.200  ? ? 
'X-RAY DIFFRACTION' r_gen_planes_refined   1697 0.007  0.021  ? ? 
'X-RAY DIFFRACTION' r_gen_planes_other     295  0.001  0.020  ? ? 
'X-RAY DIFFRACTION' r_mcbond_it            754  2.357  2.847  ? ? 
'X-RAY DIFFRACTION' r_mcbond_other         751  2.335  2.833  ? ? 
'X-RAY DIFFRACTION' r_mcangle_it           940  3.604  4.223  ? ? 
# 
_refine_ls_shell.d_res_high                       1.7060 
_refine_ls_shell.d_res_low                        1.7500 
_refine_ls_shell.pdbx_total_number_of_bins_used   20 
_refine_ls_shell.percent_reflns_obs               97.7300 
_refine_ls_shell.number_reflns_R_work             2837 
_refine_ls_shell.R_factor_all                     ? 
_refine_ls_shell.R_factor_R_work                  0.2830 
_refine_ls_shell.R_factor_R_free                  0.3310 
_refine_ls_shell.percent_reflns_R_free            ? 
_refine_ls_shell.number_reflns_R_free             137 
_refine_ls_shell.R_factor_R_free_error            ? 
_refine_ls_shell.number_reflns_all                2974 
_refine_ls_shell.number_reflns_obs                ? 
_refine_ls_shell.pdbx_refine_id                   'X-RAY DIFFRACTION' 
# 
_struct.entry_id                  5QGU 
_struct.title                     
;PanDDA analysis group deposition of models with modelled events (e.g. bound ligands) -- Crystal Structure of NUDT7 in complex with FMOPL000747a
;
_struct.pdbx_model_details        ? 
_struct.pdbx_CASP_flag            ? 
_struct.pdbx_model_type_details   ? 
# 
_struct_keywords.entry_id        5QGU 
_struct_keywords.text            'PanDDA, SGC - Diamond I04-1 fragment screening, NUDIX domain, XChemExplorer, HYDROLASE' 
_struct_keywords.pdbx_keywords   HYDROLASE 
# 
loop_
_struct_asym.id 
_struct_asym.pdbx_blank_PDB_chainid_flag 
_struct_asym.pdbx_modified 
_struct_asym.entity_id 
_struct_asym.details 
A N N 1 ? 
B N N 2 ? 
C N N 2 ? 
D N N 3 ? 
E N N 3 ? 
F N N 4 ? 
G N N 5 ? 
# 
loop_
_struct_conf.conf_type_id 
_struct_conf.id 
_struct_conf.pdbx_PDB_helix_id 
_struct_conf.beg_label_comp_id 
_struct_conf.beg_label_asym_id 
_struct_conf.beg_label_seq_id 
_struct_conf.pdbx_beg_PDB_ins_code 
_struct_conf.end_label_comp_id 
_struct_conf.end_label_asym_id 
_struct_conf.end_label_seq_id 
_struct_conf.pdbx_end_PDB_ins_code 
_struct_conf.beg_auth_comp_id 
_struct_conf.beg_auth_asym_id 
_struct_conf.beg_auth_seq_id 
_struct_conf.end_auth_comp_id 
_struct_conf.end_auth_asym_id 
_struct_conf.end_auth_seq_id 
_struct_conf.pdbx_PDB_helix_class 
_struct_conf.details 
_struct_conf.pdbx_PDB_helix_length 
HELX_P HELX_P1 AA1 SER A 1   ? LYS A 12  ? SER A 15  LYS A 26  1 ? 12 
HELX_P HELX_P2 AA2 ASP A 71  ? GLY A 85  ? ASP A 85  GLY A 99  1 ? 15 
HELX_P HELX_P3 AA3 ARG A 87  ? HIS A 89  ? ARG A 101 HIS A 103 5 ? 3  
HELX_P HELX_P4 AA4 ALA A 137 ? HIS A 141 ? ALA A 151 HIS A 155 5 ? 5  
HELX_P HELX_P5 AA5 LYS A 176 ? GLU A 192 ? LYS A 190 GLU A 206 1 ? 17 
# 
_struct_conf_type.id          HELX_P 
_struct_conf_type.criteria    ? 
_struct_conf_type.reference   ? 
# 
loop_
_struct_conn.id 
_struct_conn.conn_type_id 
_struct_conn.pdbx_leaving_atom_flag 
_struct_conn.pdbx_PDB_id 
_struct_conn.ptnr1_label_asym_id 
_struct_conn.ptnr1_label_comp_id 
_struct_conn.ptnr1_label_seq_id 
_struct_conn.ptnr1_label_atom_id 
_struct_conn.pdbx_ptnr1_label_alt_id 
_struct_conn.pdbx_ptnr1_PDB_ins_code 
_struct_conn.pdbx_ptnr1_standard_comp_id 
_struct_conn.ptnr1_symmetry 
_struct_conn.ptnr2_label_asym_id 
_struct_conn.ptnr2_label_comp_id 
_struct_conn.ptnr2_label_seq_id 
_struct_conn.ptnr2_label_atom_id 
_struct_conn.pdbx_ptnr2_label_alt_id 
_struct_conn.pdbx_ptnr2_PDB_ins_code 
_struct_conn.ptnr1_auth_asym_id 
_struct_conn.ptnr1_auth_comp_id 
_struct_conn.ptnr1_auth_seq_id 
_struct_conn.ptnr2_auth_asym_id 
_struct_conn.ptnr2_auth_comp_id 
_struct_conn.ptnr2_auth_seq_id 
_struct_conn.ptnr2_symmetry 
_struct_conn.pdbx_ptnr3_label_atom_id 
_struct_conn.pdbx_ptnr3_label_seq_id 
_struct_conn.pdbx_ptnr3_label_comp_id 
_struct_conn.pdbx_ptnr3_label_asym_id 
_struct_conn.pdbx_ptnr3_label_alt_id 
_struct_conn.pdbx_ptnr3_PDB_ins_code 
_struct_conn.details 
_struct_conn.pdbx_dist_value 
_struct_conn.pdbx_value_order 
_struct_conn.pdbx_role 
covale1 covale both ? A ARG 87 C ? ? ? 1_555 A HYP 88 N ? ? A ARG 101 A HYP 102 1_555 ? ? ? ? ? ? ? 1.336 ? ? 
covale2 covale both ? A HYP 88 C ? ? ? 1_555 A HIS 89 N ? ? A HYP 102 A HIS 103 1_555 ? ? ? ? ? ? ? 1.330 ? ? 
covale3 covale both ? A VAL 94 C ? ? ? 1_555 A CSO 95 N ? ? A VAL 108 A CSO 109 1_555 ? ? ? ? ? ? ? 1.328 ? ? 
covale4 covale both ? A CSO 95 C ? ? ? 1_555 A CYS 96 N ? ? A CSO 109 A CYS 110 1_555 ? ? ? ? ? ? ? 1.327 ? ? 
# 
_struct_conn_type.id          covale 
_struct_conn_type.criteria    ? 
_struct_conn_type.reference   ? 
# 
loop_
_struct_sheet.id 
_struct_sheet.type 
_struct_sheet.number_strands 
_struct_sheet.details 
AA1 ? 4 ? 
AA2 ? 4 ? 
AA3 ? 3 ? 
AA4 ? 3 ? 
# 
loop_
_struct_sheet_order.sheet_id 
_struct_sheet_order.range_id_1 
_struct_sheet_order.range_id_2 
_struct_sheet_order.offset 
_struct_sheet_order.sense 
AA1 1 2 ? anti-parallel 
AA1 2 3 ? parallel      
AA1 3 4 ? anti-parallel 
AA2 1 2 ? anti-parallel 
AA2 2 3 ? parallel      
AA2 3 4 ? anti-parallel 
AA3 1 2 ? anti-parallel 
AA3 2 3 ? anti-parallel 
AA4 1 2 ? anti-parallel 
AA4 2 3 ? anti-parallel 
# 
loop_
_struct_sheet_range.sheet_id 
_struct_sheet_range.id 
_struct_sheet_range.beg_label_comp_id 
_struct_sheet_range.beg_label_asym_id 
_struct_sheet_range.beg_label_seq_id 
_struct_sheet_range.pdbx_beg_PDB_ins_code 
_struct_sheet_range.end_label_comp_id 
_struct_sheet_range.end_label_asym_id 
_struct_sheet_range.end_label_seq_id 
_struct_sheet_range.pdbx_end_PDB_ins_code 
_struct_sheet_range.beg_auth_comp_id 
_struct_sheet_range.beg_auth_asym_id 
_struct_sheet_range.beg_auth_seq_id 
_struct_sheet_range.end_auth_comp_id 
_struct_sheet_range.end_auth_asym_id 
_struct_sheet_range.end_auth_seq_id 
AA1 1 VAL A 91  ? CYS A 96  ? VAL A 105 CYS A 110 
AA1 2 THR A 106 ? ILE A 115 ? THR A 120 ILE A 129 
AA1 3 ASN A 25  ? LYS A 36  ? ASN A 39  LYS A 50  
AA1 4 LYS A 39  ? ARG A 47  ? LYS A 53  ARG A 61  
AA2 1 CYS A 100 ? ILE A 102 ? CYS A 114 ILE A 116 
AA2 2 THR A 106 ? ILE A 115 ? THR A 120 ILE A 129 
AA2 3 ASN A 25  ? LYS A 36  ? ASN A 39  LYS A 50  
AA2 4 GLY A 62  ? LYS A 64  ? GLY A 76  LYS A 78  
AA3 1 VAL A 128 ? PRO A 135 ? VAL A 142 PRO A 149 
AA3 2 LYS A 39  ? ARG A 47  ? LYS A 53  ARG A 61  
AA3 3 VAL A 58  ? CYS A 59  ? VAL A 72  CYS A 73  
AA4 1 VAL A 144 ? ASP A 146 ? VAL A 158 ASP A 160 
AA4 2 HIS A 160 ? THR A 165 ? HIS A 174 THR A 179 
AA4 3 THR A 172 ? ILE A 175 ? THR A 186 ILE A 189 
# 
loop_
_pdbx_struct_sheet_hbond.sheet_id 
_pdbx_struct_sheet_hbond.range_id_1 
_pdbx_struct_sheet_hbond.range_id_2 
_pdbx_struct_sheet_hbond.range_1_label_atom_id 
_pdbx_struct_sheet_hbond.range_1_label_comp_id 
_pdbx_struct_sheet_hbond.range_1_label_asym_id 
_pdbx_struct_sheet_hbond.range_1_label_seq_id 
_pdbx_struct_sheet_hbond.range_1_PDB_ins_code 
_pdbx_struct_sheet_hbond.range_1_auth_atom_id 
_pdbx_struct_sheet_hbond.range_1_auth_comp_id 
_pdbx_struct_sheet_hbond.range_1_auth_asym_id 
_pdbx_struct_sheet_hbond.range_1_auth_seq_id 
_pdbx_struct_sheet_hbond.range_2_label_atom_id 
_pdbx_struct_sheet_hbond.range_2_label_comp_id 
_pdbx_struct_sheet_hbond.range_2_label_asym_id 
_pdbx_struct_sheet_hbond.range_2_label_seq_id 
_pdbx_struct_sheet_hbond.range_2_PDB_ins_code 
_pdbx_struct_sheet_hbond.range_2_auth_atom_id 
_pdbx_struct_sheet_hbond.range_2_auth_comp_id 
_pdbx_struct_sheet_hbond.range_2_auth_asym_id 
_pdbx_struct_sheet_hbond.range_2_auth_seq_id 
AA1 1 2 N VAL A 94  ? N VAL A 108 O VAL A 112 ? O VAL A 126 
AA1 2 3 O PHE A 111 ? O PHE A 125 N LEU A 31  ? N LEU A 45  
AA1 3 4 N LYS A 36  ? N LYS A 50  O LYS A 39  ? O LYS A 53  
AA2 1 2 N CYS A 100 ? N CYS A 114 O ILE A 108 ? O ILE A 122 
AA2 2 3 O PHE A 111 ? O PHE A 125 N LEU A 31  ? N LEU A 45  
AA2 3 4 N SER A 28  ? N SER A 42  O GLY A 63  ? O GLY A 77  
AA3 1 2 O PHE A 132 ? O PHE A 146 N PHE A 44  ? N PHE A 58  
AA3 2 3 N THR A 45  ? N THR A 59  O CYS A 59  ? O CYS A 73  
AA4 1 2 N HIS A 145 ? N HIS A 159 O ILE A 161 ? O ILE A 175 
AA4 2 3 N TYR A 164 ? N TYR A 178 O TYR A 173 ? O TYR A 187 
# 
loop_
_struct_site.id 
_struct_site.pdbx_evidence_code 
_struct_site.pdbx_auth_asym_id 
_struct_site.pdbx_auth_comp_id 
_struct_site.pdbx_auth_seq_id 
_struct_site.pdbx_auth_ins_code 
_struct_site.pdbx_num_residues 
_struct_site.details 
AC1 Software A ACT 301 ? 3 'binding site for residue ACT A 301' 
AC2 Software A ACT 302 ? 2 'binding site for residue ACT A 302' 
AC3 Software A DMS 303 ? 6 'binding site for residue DMS A 303' 
AC4 Software A DMS 304 ? 4 'binding site for residue DMS A 304' 
AC5 Software A H3G 305 ? 8 'binding site for residue H3G A 305' 
# 
loop_
_struct_site_gen.id 
_struct_site_gen.site_id 
_struct_site_gen.pdbx_num_res 
_struct_site_gen.label_comp_id 
_struct_site_gen.label_asym_id 
_struct_site_gen.label_seq_id 
_struct_site_gen.pdbx_auth_ins_code 
_struct_site_gen.auth_comp_id 
_struct_site_gen.auth_asym_id 
_struct_site_gen.auth_seq_id 
_struct_site_gen.label_atom_id 
_struct_site_gen.label_alt_id 
_struct_site_gen.symmetry 
_struct_site_gen.details 
1  AC1 3 GLY A 56  ? GLY A 70  . ? 1_555 ? 
2  AC1 3 TYR A 173 ? TYR A 187 . ? 1_555 ? 
3  AC1 3 GLN A 174 ? GLN A 188 . ? 1_555 ? 
4  AC2 2 HYP A 88  ? HYP A 102 . ? 1_555 ? 
5  AC2 2 VAL A 91  ? VAL A 105 . ? 1_555 ? 
6  AC3 6 GLY A 85  ? GLY A 99  . ? 1_555 ? 
7  AC3 6 ARG A 87  ? ARG A 101 . ? 1_555 ? 
8  AC3 6 GLN A 90  ? GLN A 104 . ? 1_555 ? 
9  AC3 6 PHE A 119 ? PHE A 133 . ? 1_555 ? 
10 AC3 6 GLN A 120 ? GLN A 134 . ? 1_555 ? 
11 AC3 6 GLN A 122 ? GLN A 136 . ? 1_555 ? 
12 AC4 4 ASP A 116 ? ASP A 130 . ? 1_555 ? 
13 AC4 4 HIS A 117 ? HIS A 131 . ? 1_555 ? 
14 AC4 4 ASP A 130 ? ASP A 144 . ? 2_545 ? 
15 AC4 4 HOH G .   ? HOH A 436 . ? 2_545 ? 
16 AC5 8 TYR A 27  ? TYR A 41  . ? 1_555 ? 
17 AC5 8 VAL A 29  ? VAL A 43  . ? 1_555 ? 
18 AC5 8 ARG A 53  ? ARG A 67  . ? 1_555 ? 
19 AC5 8 ILE A 102 ? ILE A 116 . ? 1_555 ? 
20 AC5 8 ASP A 103 ? ASP A 117 . ? 1_555 ? 
21 AC5 8 ILE A 108 ? ILE A 122 . ? 1_555 ? 
22 AC5 8 HOH G .   ? HOH A 421 . ? 1_555 ? 
23 AC5 8 HOH G .   ? HOH A 434 . ? 1_555 ? 
# 
_atom_sites.entry_id                    5QGU 
_atom_sites.fract_transf_matrix[1][1]   -0.00297119 
_atom_sites.fract_transf_matrix[1][2]   -0.00460397 
_atom_sites.fract_transf_matrix[1][3]   0.00734339 
_atom_sites.fract_transf_matrix[2][1]   -0.00438369 
_atom_sites.fract_transf_matrix[2][2]   -0.00797644 
_atom_sites.fract_transf_matrix[2][3]   -0.00105841 
_atom_sites.fract_transf_matrix[3][1]   0.02096126 
_atom_sites.fract_transf_matrix[3][2]   -0.01167406 
_atom_sites.fract_transf_matrix[3][3]   0.00116199 
_atom_sites.fract_transf_vector[1]      0.135470 
_atom_sites.fract_transf_vector[2]      -0.435900 
_atom_sites.fract_transf_vector[3]      1.978179 
# 
loop_
_atom_type.symbol 
C 
N 
O 
S 
# 
loop_
_atom_site.group_PDB 
_atom_site.id 
_atom_site.type_symbol 
_atom_site.label_atom_id 
_atom_site.label_alt_id 
_atom_site.label_comp_id 
_atom_site.label_asym_id 
_atom_site.label_entity_id 
_atom_site.label_seq_id 
_atom_site.pdbx_PDB_ins_code 
_atom_site.Cartn_x 
_atom_site.Cartn_y 
_atom_site.Cartn_z 
_atom_site.occupancy 
_atom_site.B_iso_or_equiv 
_atom_site.pdbx_formal_charge 
_atom_site.auth_seq_id 
_atom_site.auth_comp_id 
_atom_site.auth_asym_id 
_atom_site.auth_atom_id 
_atom_site.pdbx_PDB_model_num 
ATOM   1    N N   . SER A 1 1   ? 15.036  3.011   17.511  1.00 48.58  ? 15  SER A N   1 
ATOM   2    C CA  . SER A 1 1   ? 14.133  1.835   17.430  1.00 44.42  ? 15  SER A CA  1 
ATOM   3    C C   . SER A 1 1   ? 13.810  1.521   15.950  1.00 44.39  ? 15  SER A C   1 
ATOM   4    O O   . SER A 1 1   ? 14.097  2.343   15.055  1.00 45.18  ? 15  SER A O   1 
ATOM   5    C CB  . SER A 1 1   ? 12.864  2.089   18.268  1.00 45.25  ? 15  SER A CB  1 
ATOM   6    O OG  . SER A 1 1   ? 11.996  3.080   17.703  1.00 41.34  ? 15  SER A OG  1 
ATOM   7    N N   . MET A 1 2   ? 13.271  0.319   15.714  1.00 43.77  ? 16  MET A N   1 
ATOM   8    C CA  . MET A 1 2   ? 12.824  -0.142  14.381  1.00 43.75  ? 16  MET A CA  1 
ATOM   9    C C   . MET A 1 2   ? 11.828  0.841   13.749  1.00 45.50  ? 16  MET A C   1 
ATOM   10   O O   . MET A 1 2   ? 11.941  1.175   12.553  1.00 39.31  ? 16  MET A O   1 
ATOM   11   C CB  . MET A 1 2   ? 12.201  -1.560  14.446  1.00 43.79  ? 16  MET A CB  1 
ATOM   12   C CG  . MET A 1 2   ? 11.341  -1.997  13.238  1.00 46.37  ? 16  MET A CG  1 
ATOM   13   S SD  . MET A 1 2   ? 10.981  -3.796  13.227  1.00 53.71  ? 16  MET A SD  1 
ATOM   14   C CE  . MET A 1 2   ? 9.830   -3.956  14.571  1.00 49.60  ? 16  MET A CE  1 
ATOM   15   N N   . LEU A 1 3   ? 10.859  1.302   14.532  1.00 43.60  ? 17  LEU A N   1 
ATOM   16   C CA  . LEU A 1 3   ? 9.824   2.172   13.965  1.00 44.22  ? 17  LEU A CA  1 
ATOM   17   C C   . LEU A 1 3   ? 10.300  3.611   13.733  1.00 45.23  ? 17  LEU A C   1 
ATOM   18   O O   . LEU A 1 3   ? 9.906   4.250   12.752  1.00 47.02  ? 17  LEU A O   1 
ATOM   19   C CB  . LEU A 1 3   ? 8.573   2.167   14.834  1.00 43.17  ? 17  LEU A CB  1 
ATOM   20   C CG  . LEU A 1 3   ? 7.724   0.909   14.655  1.00 46.64  ? 17  LEU A CG  1 
ATOM   21   C CD1 . LEU A 1 3   ? 6.779   0.738   15.853  1.00 41.62  ? 17  LEU A CD1 1 
ATOM   22   C CD2 . LEU A 1 3   ? 6.952   0.958   13.333  1.00 48.89  ? 17  LEU A CD2 1 
ATOM   23   N N   . ASP A 1 4   ? 11.135  4.114   14.636  1.00 44.49  ? 18  ASP A N   1 
ATOM   24   C CA  . ASP A 1 4   ? 11.683  5.452   14.499  1.00 46.18  ? 18  ASP A CA  1 
ATOM   25   C C   . ASP A 1 4   ? 12.662  5.504   13.323  1.00 42.94  ? 18  ASP A C   1 
ATOM   26   O O   . ASP A 1 4   ? 12.767  6.521   12.640  1.00 38.75  ? 18  ASP A O   1 
ATOM   27   C CB  . ASP A 1 4   ? 12.382  5.906   15.799  1.00 50.05  ? 18  ASP A CB  1 
ATOM   28   C CG  . ASP A 1 4   ? 11.384  6.292   16.911  1.00 56.27  ? 18  ASP A CG  1 
ATOM   29   O OD1 . ASP A 1 4   ? 10.141  6.235   16.709  1.00 56.54  ? 18  ASP A OD1 1 
ATOM   30   O OD2 . ASP A 1 4   ? 11.862  6.661   18.000  1.00 62.68  ? 18  ASP A OD2 1 
ATOM   31   N N   . ASP A 1 5   ? 13.386  4.404   13.133  1.00 38.56  ? 19  ASP A N   1 
ATOM   32   C CA  . ASP A 1 5   ? 14.304  4.254   12.035  1.00 38.90  ? 19  ASP A CA  1 
ATOM   33   C C   . ASP A 1 5   ? 13.531  4.240   10.700  1.00 34.86  ? 19  ASP A C   1 
ATOM   34   O O   . ASP A 1 5   ? 13.947  4.921   9.757   1.00 33.51  ? 19  ASP A O   1 
ATOM   35   C CB  . ASP A 1 5   ? 15.145  2.976   12.203  1.00 42.88  ? 19  ASP A CB  1 
ATOM   36   C CG  . ASP A 1 5   ? 16.274  3.125   13.246  1.00 48.00  ? 19  ASP A CG  1 
ATOM   37   O OD1 . ASP A 1 5   ? 16.543  4.254   13.738  1.00 49.73  ? 19  ASP A OD1 1 
ATOM   38   O OD2 . ASP A 1 5   ? 16.890  2.084   13.586  1.00 58.65  ? 19  ASP A OD2 1 
ATOM   39   N N   . ALA A 1 6   ? 12.432  3.493   10.639  1.00 28.61  ? 20  ALA A N   1 
ATOM   40   C CA  . ALA A 1 6   ? 11.596  3.449   9.408   1.00 29.56  ? 20  ALA A CA  1 
ATOM   41   C C   . ALA A 1 6   ? 11.040  4.812   9.001   1.00 27.73  ? 20  ALA A C   1 
ATOM   42   O O   . ALA A 1 6   ? 11.144  5.216   7.811   1.00 24.34  ? 20  ALA A O   1 
ATOM   43   C CB  . ALA A 1 6   ? 10.488  2.452   9.520   1.00 29.98  ? 20  ALA A CB  1 
ATOM   44   N N   . LYS A 1 7   ? 10.461  5.529   9.974   1.00 27.83  ? 21  LYS A N   1 
ATOM   45   C CA  . LYS A 1 7   ? 9.904   6.857   9.715   1.00 29.87  ? 21  LYS A CA  1 
ATOM   46   C C   . LYS A 1 7   ? 10.995  7.854   9.268   1.00 26.79  ? 21  LYS A C   1 
ATOM   47   O O   . LYS A 1 7   ? 10.790  8.633   8.339   1.00 27.19  ? 21  LYS A O   1 
ATOM   48   C CB  . LYS A 1 7   ? 9.220   7.455   10.948  1.00 33.47  ? 21  LYS A CB  1 
ATOM   49   C CG  . LYS A 1 7   ? 8.072   6.678   11.534  1.00 40.35  ? 21  LYS A CG  1 
ATOM   50   C CD  . LYS A 1 7   ? 7.488   7.459   12.735  1.00 47.08  ? 21  LYS A CD  1 
ATOM   51   C CE  . LYS A 1 7   ? 7.326   6.643   14.020  1.00 51.34  ? 21  LYS A CE  1 
ATOM   52   N NZ  . LYS A 1 7   ? 6.365   7.314   14.962  1.00 54.67  ? 21  LYS A NZ  1 
ATOM   53   N N   . ALA A 1 8   ? 12.149  7.807   9.921   1.00 27.57  ? 22  ALA A N   1 
ATOM   54   C CA  . ALA A 1 8   ? 13.267  8.693   9.559   1.00 29.65  ? 22  ALA A CA  1 
ATOM   55   C C   . ALA A 1 8   ? 13.722  8.441   8.101   1.00 27.02  ? 22  ALA A C   1 
ATOM   56   O O   . ALA A 1 8   ? 13.957  9.401   7.349   1.00 28.89  ? 22  ALA A O   1 
ATOM   57   C CB  . ALA A 1 8   ? 14.425  8.545   10.544  1.00 32.77  ? 22  ALA A CB  1 
ATOM   58   N N   . ARG A 1 9   ? 13.772  7.167   7.691   1.00 24.54  ? 23  ARG A N   1 
ATOM   59   C CA  . ARG A 1 9   ? 14.145  6.822   6.308   1.00 24.47  ? 23  ARG A CA  1 
ATOM   60   C C   . ARG A 1 9   ? 13.079  7.343   5.320   1.00 25.12  ? 23  ARG A C   1 
ATOM   61   O O   . ARG A 1 9   ? 13.415  7.964   4.302   1.00 22.78  ? 23  ARG A O   1 
ATOM   62   C CB  . ARG A 1 9   ? 14.303  5.299   6.110   1.00 26.91  ? 23  ARG A CB  1 
ATOM   63   C CG  . ARG A 1 9   ? 15.539  4.624   6.718   1.00 29.44  ? 23  ARG A CG  1 
ATOM   64   C CD  . ARG A 1 9   ? 16.792  4.990   5.938   1.00 33.75  ? 23  ARG A CD  1 
ATOM   65   N NE  . ARG A 1 9   ? 17.959  4.177   6.356   1.00 37.97  ? 23  ARG A NE  1 
ATOM   66   C CZ  . ARG A 1 9   ? 18.262  2.940   5.927   1.00 39.49  ? 23  ARG A CZ  1 
ATOM   67   N NH1 . ARG A 1 9   ? 17.518  2.306   5.015   1.00 32.41  ? 23  ARG A NH1 1 
ATOM   68   N NH2 . ARG A 1 9   ? 19.371  2.337   6.394   1.00 39.60  ? 23  ARG A NH2 1 
ATOM   69   N N   . LEU A 1 10  ? 11.800  7.049   5.609   1.00 21.34  ? 24  LEU A N   1 
ATOM   70   C CA  . LEU A 1 10  ? 10.689  7.441   4.755   1.00 22.38  ? 24  LEU A CA  1 
ATOM   71   C C   . LEU A 1 10  ? 10.584  8.948   4.519   1.00 23.65  ? 24  LEU A C   1 
ATOM   72   O O   . LEU A 1 10  ? 10.291  9.380   3.404   1.00 24.14  ? 24  LEU A O   1 
ATOM   73   C CB  . LEU A 1 10  ? 9.361   6.907   5.319   1.00 22.50  ? 24  LEU A CB  1 
ATOM   74   C CG  . LEU A 1 10  ? 9.139   5.399   5.244   1.00 23.02  ? 24  LEU A CG  1 
ATOM   75   C CD1 . LEU A 1 10  ? 8.035   4.981   6.221   1.00 23.11  ? 24  LEU A CD1 1 
ATOM   76   C CD2 . LEU A 1 10  ? 8.787   4.938   3.847   1.00 24.03  ? 24  LEU A CD2 1 
ATOM   77   N N   . ARG A 1 11  ? 10.842  9.740   5.545   1.00 23.40  ? 25  ARG A N   1 
ATOM   78   C CA  . ARG A 1 11  ? 10.735  11.211  5.440   1.00 26.56  ? 25  ARG A CA  1 
ATOM   79   C C   . ARG A 1 11  ? 11.701  11.816  4.409   1.00 26.68  ? 25  ARG A C   1 
ATOM   80   O O   . ARG A 1 11  ? 11.381  12.861  3.823   1.00 27.52  ? 25  ARG A O   1 
ATOM   81   C CB  . ARG A 1 11  ? 10.874  11.879  6.807   1.00 31.74  ? 25  ARG A CB  1 
ATOM   82   C CG  . ARG A 1 11  ? 9.640   11.656  7.677   1.00 37.57  ? 25  ARG A CG  1 
ATOM   83   C CD  . ARG A 1 11  ? 9.749   12.334  9.038   1.00 43.19  ? 25  ARG A CD  1 
ATOM   84   N NE  . ARG A 1 11  ? 8.775   11.781  9.996   1.00 50.98  ? 25  ARG A NE  1 
ATOM   85   C CZ  . ARG A 1 11  ? 9.055   11.218  11.189  1.00 58.12  ? 25  ARG A CZ  1 
ATOM   86   N NH1 . ARG A 1 11  ? 10.322  11.100  11.659  1.00 57.77  ? 25  ARG A NH1 1 
ATOM   87   N NH2 . ARG A 1 11  ? 8.038   10.755  11.938  1.00 57.94  ? 25  ARG A NH2 1 
ATOM   88   N N   . LYS A 1 12  ? 12.831  11.149  4.155   1.00 27.66  ? 26  LYS A N   1 
ATOM   89   C CA  . LYS A 1 12  ? 13.785  11.620  3.154   1.00 28.48  ? 26  LYS A CA  1 
ATOM   90   C C   . LYS A 1 12  ? 13.278  11.547  1.704   1.00 28.23  ? 26  LYS A C   1 
ATOM   91   O O   . LYS A 1 12  ? 13.869  12.183  0.823   1.00 28.82  ? 26  LYS A O   1 
ATOM   92   C CB  . LYS A 1 12  ? 15.109  10.860  3.295   1.00 31.98  ? 26  LYS A CB  1 
ATOM   93   C CG  . LYS A 1 12  ? 15.825  11.142  4.617   1.00 36.67  ? 26  LYS A CG  1 
ATOM   94   C CD  . LYS A 1 12  ? 17.218  10.530  4.621   1.00 43.52  ? 26  LYS A CD  1 
ATOM   95   C CE  . LYS A 1 12  ? 17.772  10.421  6.036   1.00 49.63  ? 26  LYS A CE  1 
ATOM   96   N NZ  . LYS A 1 12  ? 17.902  11.747  6.691   1.00 56.69  ? 26  LYS A NZ  1 
ATOM   97   N N   . TYR A 1 13  ? 12.218  10.766  1.450   1.00 24.53  ? 27  TYR A N   1 
ATOM   98   C CA  . TYR A 1 13  ? 11.632  10.574  0.156   1.00 22.68  ? 27  TYR A CA  1 
ATOM   99   C C   . TYR A 1 13  ? 10.268  11.257  -0.041  1.00 22.51  ? 27  TYR A C   1 
ATOM   100  O O   . TYR A 1 13  ? 9.654   11.093  -1.099  1.00 24.14  ? 27  TYR A O   1 
ATOM   101  C CB  . TYR A 1 13  ? 11.533  9.066   -0.151  1.00 23.00  ? 27  TYR A CB  1 
ATOM   102  C CG  . TYR A 1 13  ? 12.898  8.372   -0.167  1.00 22.50  ? 27  TYR A CG  1 
ATOM   103  C CD1 . TYR A 1 13  ? 13.445  7.899   1.025   1.00 24.18  ? 27  TYR A CD1 1 
ATOM   104  C CD2 . TYR A 1 13  ? 13.626  8.189   -1.353  1.00 23.68  ? 27  TYR A CD2 1 
ATOM   105  C CE1 . TYR A 1 13  ? 14.677  7.257   1.058   1.00 26.58  ? 27  TYR A CE1 1 
ATOM   106  C CE2 . TYR A 1 13  ? 14.896  7.546   -1.328  1.00 25.35  ? 27  TYR A CE2 1 
ATOM   107  C CZ  . TYR A 1 13  ? 15.404  7.094   -0.108  1.00 28.19  ? 27  TYR A CZ  1 
ATOM   108  O OH  . TYR A 1 13  ? 16.641  6.439   -0.001  1.00 31.23  ? 27  TYR A OH  1 
ATOM   109  N N   . ASP A 1 14  ? 9.813   11.987  0.969   1.00 23.45  ? 28  ASP A N   1 
ATOM   110  C CA  . ASP A 1 14  ? 8.509   12.667  0.994   1.00 25.76  ? 28  ASP A CA  1 
ATOM   111  C C   . ASP A 1 14  ? 8.565   13.783  -0.041  1.00 30.70  ? 28  ASP A C   1 
ATOM   112  O O   . ASP A 1 14  ? 9.482   14.604  -0.034  1.00 31.95  ? 28  ASP A O   1 
ATOM   113  C CB  . ASP A 1 14  ? 8.266   13.232  2.380   1.00 27.12  ? 28  ASP A CB  1 
ATOM   114  C CG  . ASP A 1 14  ? 6.871   13.791  2.591   1.00 30.41  ? 28  ASP A CG  1 
ATOM   115  O OD1 . ASP A 1 14  ? 5.918   13.466  1.851   1.00 28.60  ? 28  ASP A OD1 1 
ATOM   116  O OD2 . ASP A 1 14  ? 6.745   14.493  3.609   1.00 37.83  ? 28  ASP A OD2 1 
ATOM   117  N N   . ILE A 1 15  ? 7.650   13.751  -0.982  1.00 30.45  ? 29  ILE A N   1 
ATOM   118  C CA  . ILE A 1 15  ? 7.504   14.894  -1.877  1.00 37.21  ? 29  ILE A CA  1 
ATOM   119  C C   . ILE A 1 15  ? 6.436   15.885  -1.406  1.00 36.80  ? 29  ILE A C   1 
ATOM   120  O O   . ILE A 1 15  ? 6.288   16.930  -2.004  1.00 40.40  ? 29  ILE A O   1 
ATOM   121  C CB  . ILE A 1 15  ? 7.286   14.446  -3.324  1.00 41.83  ? 29  ILE A CB  1 
ATOM   122  C CG1 . ILE A 1 15  ? 5.906   13.854  -3.541  1.00 40.44  ? 29  ILE A CG1 1 
ATOM   123  C CG2 . ILE A 1 15  ? 8.376   13.448  -3.756  1.00 46.00  ? 29  ILE A CG2 1 
ATOM   124  C CD1 . ILE A 1 15  ? 5.462   14.080  -4.967  1.00 44.15  ? 29  ILE A CD1 1 
ATOM   125  N N   . GLY A 1 16  ? 5.691   15.555  -0.342  1.00 38.10  ? 30  GLY A N   1 
ATOM   126  C CA  . GLY A 1 16  ? 4.613   16.433  0.151   1.00 36.44  ? 30  GLY A CA  1 
ATOM   127  C C   . GLY A 1 16  ? 3.548   16.682  -0.918  1.00 37.46  ? 30  GLY A C   1 
ATOM   128  O O   . GLY A 1 16  ? 3.176   15.765  -1.666  1.00 35.70  ? 30  GLY A O   1 
ATOM   129  N N   . GLY A 1 17  ? 3.092   17.938  -1.013  1.00 38.54  ? 31  GLY A N   1 
ATOM   130  C CA  . GLY A 1 17  ? 1.996   18.317  -1.925  1.00 36.46  ? 31  GLY A CA  1 
ATOM   131  C C   . GLY A 1 17  ? 2.402   18.895  -3.277  1.00 36.11  ? 31  GLY A C   1 
ATOM   132  O O   . GLY A 1 17  ? 1.545   19.367  -4.033  1.00 31.66  ? 31  GLY A O   1 
ATOM   133  N N   . LYS A 1 18  ? 3.699   18.818  -3.583  1.00 37.08  ? 32  LYS A N   1 
ATOM   134  C CA  . LYS A 1 18  ? 4.284   19.287  -4.843  1.00 36.37  ? 32  LYS A CA  1 
ATOM   135  C C   . LYS A 1 18  ? 3.445   18.989  -6.133  1.00 33.17  ? 32  LYS A C   1 
ATOM   136  O O   . LYS A 1 18  ? 3.184   19.913  -6.897  1.00 36.94  ? 32  LYS A O   1 
ATOM   137  C CB  . LYS A 1 18  ? 5.752   18.772  -4.912  1.00 37.50  ? 32  LYS A CB  1 
ATOM   138  C CG  . LYS A 1 18  ? 6.609   19.379  -6.008  1.00 39.88  ? 32  LYS A CG  1 
ATOM   139  C CD  . LYS A 1 18  ? 8.101   19.115  -5.813  1.00 38.63  ? 32  LYS A CD  1 
ATOM   140  C CE  . LYS A 1 18  ? 8.680   20.019  -4.735  1.00 42.48  ? 32  LYS A CE  1 
ATOM   141  N NZ  . LYS A 1 18  ? 10.144  19.786  -4.614  1.00 46.27  ? 32  LYS A NZ  1 
ATOM   142  N N   . TYR A 1 19  ? 2.918   17.760  -6.306  1.00 29.47  ? 33  TYR A N   1 
ATOM   143  C CA  . TYR A 1 19  ? 2.126   17.365  -7.491  1.00 27.25  ? 33  TYR A CA  1 
ATOM   144  C C   . TYR A 1 19  ? 0.583   17.291  -7.261  1.00 27.08  ? 33  TYR A C   1 
ATOM   145  O O   . TYR A 1 19  ? -0.182  16.958  -8.184  1.00 28.51  ? 33  TYR A O   1 
ATOM   146  C CB  . TYR A 1 19  ? 2.630   16.010  -8.031  1.00 26.13  ? 33  TYR A CB  1 
ATOM   147  C CG  . TYR A 1 19  ? 3.990   16.125  -8.732  1.00 25.84  ? 33  TYR A CG  1 
ATOM   148  C CD1 . TYR A 1 19  ? 5.156   16.393  -8.007  1.00 24.65  ? 33  TYR A CD1 1 
ATOM   149  C CD2 . TYR A 1 19  ? 4.091   15.992  -10.106 1.00 24.73  ? 33  TYR A CD2 1 
ATOM   150  C CE1 . TYR A 1 19  ? 6.406   16.545  -8.638  1.00 25.50  ? 33  TYR A CE1 1 
ATOM   151  C CE2 . TYR A 1 19  ? 5.333   16.111  -10.750 1.00 24.19  ? 33  TYR A CE2 1 
ATOM   152  C CZ  . TYR A 1 19  ? 6.472   16.387  -10.032 1.00 23.46  ? 33  TYR A CZ  1 
ATOM   153  O OH  . TYR A 1 19  ? 7.684   16.476  -10.664 1.00 23.90  ? 33  TYR A OH  1 
ATOM   154  N N   . SER A 1 20  ? 0.140   17.698  -6.068  1.00 25.88  ? 34  SER A N   1 
ATOM   155  C CA  . SER A 1 20  ? -1.256  17.494  -5.685  1.00 26.71  ? 34  SER A CA  1 
ATOM   156  C C   . SER A 1 20  ? -2.342  18.395  -6.329  1.00 24.63  ? 34  SER A C   1 
ATOM   157  O O   . SER A 1 20  ? -3.517  17.997  -6.306  1.00 28.24  ? 34  SER A O   1 
ATOM   158  C CB  . SER A 1 20  ? -1.341  17.624  -4.168  1.00 29.31  ? 34  SER A CB  1 
ATOM   159  O OG  . SER A 1 20  ? -1.069  18.978  -3.769  1.00 33.98  ? 34  SER A OG  1 
ATOM   160  N N   A HIS A 1 21  ? -2.002  19.563  -6.873  0.26 21.10  ? 35  HIS A N   1 
ATOM   161  N N   B HIS A 1 21  ? -1.967  19.565  -6.852  0.23 22.28  ? 35  HIS A N   1 
ATOM   162  C CA  A HIS A 1 21  ? -3.032  20.455  -7.456  0.26 21.25  ? 35  HIS A CA  1 
ATOM   163  C CA  B HIS A 1 21  ? -2.934  20.521  -7.429  0.23 22.82  ? 35  HIS A CA  1 
ATOM   164  C C   A HIS A 1 21  ? -3.223  20.280  -8.962  0.26 21.57  ? 35  HIS A C   1 
ATOM   165  C C   B HIS A 1 21  ? -3.145  20.364  -8.948  0.23 22.60  ? 35  HIS A C   1 
ATOM   166  O O   A HIS A 1 21  ? -4.182  20.821  -9.538  0.26 19.04  ? 35  HIS A O   1 
ATOM   167  O O   B HIS A 1 21  ? -4.049  20.994  -9.514  0.23 20.73  ? 35  HIS A O   1 
ATOM   168  C CB  A HIS A 1 21  ? -2.674  21.901  -7.242  0.26 21.53  ? 35  HIS A CB  1 
ATOM   169  C CB  B HIS A 1 21  ? -2.511  21.967  -7.138  0.23 24.10  ? 35  HIS A CB  1 
ATOM   170  C CG  A HIS A 1 21  ? -1.707  22.403  -8.260  0.26 21.95  ? 35  HIS A CG  1 
ATOM   171  C CG  B HIS A 1 21  ? -2.450  22.321  -5.681  0.23 25.22  ? 35  HIS A CG  1 
ATOM   172  N ND1 A HIS A 1 21  ? -0.355  22.469  -8.020  0.26 22.14  ? 35  HIS A ND1 1 
ATOM   173  N ND1 B HIS A 1 21  ? -2.206  21.393  -4.691  0.23 27.29  ? 35  HIS A ND1 1 
ATOM   174  C CD2 A HIS A 1 21  ? -1.881  22.785  -9.549  0.26 22.31  ? 35  HIS A CD2 1 
ATOM   175  C CD2 B HIS A 1 21  ? -2.554  23.515  -5.049  0.23 26.62  ? 35  HIS A CD2 1 
ATOM   176  C CE1 A HIS A 1 21  ? 0.262   22.904  -9.099  0.26 20.65  ? 35  HIS A CE1 1 
ATOM   177  C CE1 B HIS A 1 21  ? -2.181  21.992  -3.514  0.23 26.40  ? 35  HIS A CE1 1 
ATOM   178  N NE2 A HIS A 1 21  ? -0.640  23.101  -10.043 0.26 22.42  ? 35  HIS A NE2 1 
ATOM   179  N NE2 B HIS A 1 21  ? -2.383  23.282  -3.704  0.23 26.30  ? 35  HIS A NE2 1 
ATOM   180  N N   . LEU A 1 22  ? -2.329  19.534  -9.607  1.00 22.74  ? 36  LEU A N   1 
ATOM   181  C CA  . LEU A 1 22  ? -2.415  19.343  -11.085 1.00 24.52  ? 36  LEU A CA  1 
ATOM   182  C C   . LEU A 1 22  ? -3.763  18.769  -11.517 1.00 25.16  ? 36  LEU A C   1 
ATOM   183  O O   . LEU A 1 22  ? -4.364  17.962  -10.782 1.00 26.09  ? 36  LEU A O   1 
ATOM   184  C CB  . LEU A 1 22  ? -1.266  18.466  -11.614 1.00 24.05  ? 36  LEU A CB  1 
ATOM   185  C CG  . LEU A 1 22  ? 0.125   19.079  -11.494 1.00 24.31  ? 36  LEU A CG  1 
ATOM   186  C CD1 . LEU A 1 22  ? 1.219   18.032  -11.587 1.00 26.65  ? 36  LEU A CD1 1 
ATOM   187  C CD2 . LEU A 1 22  ? 0.314   20.165  -12.553 1.00 26.97  ? 36  LEU A CD2 1 
ATOM   188  N N   . PRO A 1 23  ? -4.255  19.135  -12.723 1.00 26.01  ? 37  PRO A N   1 
ATOM   189  C CA  . PRO A 1 23  ? -5.653  18.817  -13.110 1.00 25.46  ? 37  PRO A CA  1 
ATOM   190  C C   . PRO A 1 23  ? -5.908  17.394  -13.645 1.00 26.37  ? 37  PRO A C   1 
ATOM   191  O O   . PRO A 1 23  ? -6.352  17.193  -14.774 1.00 29.05  ? 37  PRO A O   1 
ATOM   192  C CB  . PRO A 1 23  ? -5.965  19.939  -14.153 1.00 27.23  ? 37  PRO A CB  1 
ATOM   193  C CG  . PRO A 1 23  ? -4.636  20.186  -14.802 1.00 27.14  ? 37  PRO A CG  1 
ATOM   194  C CD  . PRO A 1 23  ? -3.584  20.009  -13.725 1.00 27.15  ? 37  PRO A CD  1 
ATOM   195  N N   . TYR A 1 24  ? -5.637  16.372  -12.820 1.00 24.15  ? 38  TYR A N   1 
ATOM   196  C CA  . TYR A 1 24  ? -5.835  14.991  -13.207 1.00 21.46  ? 38  TYR A CA  1 
ATOM   197  C C   . TYR A 1 24  ? -7.132  14.427  -12.612 1.00 21.11  ? 38  TYR A C   1 
ATOM   198  O O   . TYR A 1 24  ? -7.675  15.018  -11.678 1.00 22.54  ? 38  TYR A O   1 
ATOM   199  C CB  . TYR A 1 24  ? -4.656  14.147  -12.670 1.00 22.25  ? 38  TYR A CB  1 
ATOM   200  C CG  . TYR A 1 24  ? -3.374  14.337  -13.458 1.00 21.77  ? 38  TYR A CG  1 
ATOM   201  C CD1 . TYR A 1 24  ? -3.217  13.685  -14.646 1.00 23.36  ? 38  TYR A CD1 1 
ATOM   202  C CD2 . TYR A 1 24  ? -2.349  15.158  -12.991 1.00 21.73  ? 38  TYR A CD2 1 
ATOM   203  C CE1 . TYR A 1 24  ? -2.040  13.807  -15.385 1.00 23.65  ? 38  TYR A CE1 1 
ATOM   204  C CE2 . TYR A 1 24  ? -1.160  15.327  -13.743 1.00 22.13  ? 38  TYR A CE2 1 
ATOM   205  C CZ  . TYR A 1 24  ? -1.035  14.654  -14.935 1.00 22.48  ? 38  TYR A CZ  1 
ATOM   206  O OH  . TYR A 1 24  ? 0.115   14.772  -15.733 1.00 24.62  ? 38  TYR A OH  1 
ATOM   207  N N   . ASN A 1 25  ? -7.558  13.293  -13.136 1.00 20.70  ? 39  ASN A N   1 
ATOM   208  C CA  . ASN A 1 25  ? -8.455  12.356  -12.386 1.00 24.56  ? 39  ASN A CA  1 
ATOM   209  C C   . ASN A 1 25  ? -7.616  11.769  -11.259 1.00 22.25  ? 39  ASN A C   1 
ATOM   210  O O   . ASN A 1 25  ? -6.575  11.144  -11.545 1.00 22.13  ? 39  ASN A O   1 
ATOM   211  C CB  . ASN A 1 25  ? -8.984  11.239  -13.279 1.00 26.48  ? 39  ASN A CB  1 
ATOM   212  C CG  . ASN A 1 25  ? -9.918  11.758  -14.388 1.00 33.84  ? 39  ASN A CG  1 
ATOM   213  O OD1 . ASN A 1 25  ? -10.827 12.531  -14.132 1.00 39.74  ? 39  ASN A OD1 1 
ATOM   214  N ND2 . ASN A 1 25  ? -9.661  11.352  -15.616 1.00 37.71  ? 39  ASN A ND2 1 
ATOM   215  N N   . LYS A 1 26  ? -8.038  11.963  -10.010 1.00 24.03  ? 40  LYS A N   1 
ATOM   216  C CA  . LYS A 1 26  ? -7.157  11.752  -8.840  1.00 21.09  ? 40  LYS A CA  1 
ATOM   217  C C   . LYS A 1 26  ? -7.587  10.542  -7.997  1.00 23.05  ? 40  LYS A C   1 
ATOM   218  O O   . LYS A 1 26  ? -8.763  10.448  -7.601  1.00 21.71  ? 40  LYS A O   1 
ATOM   219  C CB  . LYS A 1 26  ? -7.099  13.019  -8.040  1.00 23.28  ? 40  LYS A CB  1 
ATOM   220  C CG  . LYS A 1 26  ? -6.240  14.114  -8.708  1.00 25.33  ? 40  LYS A CG  1 
ATOM   221  C CD  . LYS A 1 26  ? -6.315  15.451  -8.013  1.00 27.10  ? 40  LYS A CD  1 
ATOM   222  C CE  . LYS A 1 26  ? -5.607  15.457  -6.658  1.00 26.99  ? 40  LYS A CE  1 
ATOM   223  N NZ  . LYS A 1 26  ? -4.209  14.869  -6.688  1.00 27.03  ? 40  LYS A NZ  1 
ATOM   224  N N   . TYR A 1 27  ? -6.623  9.644   -7.729  1.00 22.28  ? 41  TYR A N   1 
ATOM   225  C CA  . TYR A 1 27  ? -6.787  8.470   -6.812  1.00 21.04  ? 41  TYR A CA  1 
ATOM   226  C C   . TYR A 1 27  ? -5.651  8.465   -5.808  1.00 21.08  ? 41  TYR A C   1 
ATOM   227  O O   . TYR A 1 27  ? -4.562  8.936   -6.112  1.00 18.23  ? 41  TYR A O   1 
ATOM   228  C CB  . TYR A 1 27  ? -6.732  7.154   -7.588  1.00 22.15  ? 41  TYR A CB  1 
ATOM   229  C CG  . TYR A 1 27  ? -7.841  6.909   -8.557  1.00 23.12  ? 41  TYR A CG  1 
ATOM   230  C CD1 . TYR A 1 27  ? -7.943  7.649   -9.750  1.00 25.68  ? 41  TYR A CD1 1 
ATOM   231  C CD2 . TYR A 1 27  ? -8.803  5.924   -8.316  1.00 23.99  ? 41  TYR A CD2 1 
ATOM   232  C CE1 . TYR A 1 27  ? -8.978  7.419   -10.649 1.00 27.05  ? 41  TYR A CE1 1 
ATOM   233  C CE2 . TYR A 1 27  ? -9.834  5.681   -9.220  1.00 25.85  ? 41  TYR A CE2 1 
ATOM   234  C CZ  . TYR A 1 27  ? -9.916  6.424   -10.383 1.00 28.98  ? 41  TYR A CZ  1 
ATOM   235  O OH  . TYR A 1 27  ? -10.947 6.201   -11.293 1.00 32.58  ? 41  TYR A OH  1 
ATOM   236  N N   . SER A 1 28  ? -5.905  7.941   -4.590  1.00 18.48  ? 42  SER A N   1 
ATOM   237  C CA  . SER A 1 28  ? -4.885  7.727   -3.585  1.00 18.02  ? 42  SER A CA  1 
ATOM   238  C C   . SER A 1 28  ? -4.864  6.252   -3.151  1.00 19.35  ? 42  SER A C   1 
ATOM   239  O O   . SER A 1 28  ? -5.905  5.560   -3.193  1.00 20.19  ? 42  SER A O   1 
ATOM   240  C CB  . SER A 1 28  ? -5.051  8.611   -2.337  1.00 19.93  ? 42  SER A CB  1 
ATOM   241  O OG  . SER A 1 28  ? -5.019  10.039  -2.596  1.00 20.18  ? 42  SER A OG  1 
ATOM   242  N N   . VAL A 1 29  ? -3.672  5.783   -2.737  1.00 17.53  ? 43  VAL A N   1 
ATOM   243  C CA  . VAL A 1 29  ? -3.495  4.481   -2.077  1.00 18.35  ? 43  VAL A CA  1 
ATOM   244  C C   . VAL A 1 29  ? -2.754  4.665   -0.741  1.00 17.70  ? 43  VAL A C   1 
ATOM   245  O O   . VAL A 1 29  ? -1.960  5.613   -0.552  1.00 17.82  ? 43  VAL A O   1 
ATOM   246  C CB  . VAL A 1 29  ? -2.838  3.394   -2.935  1.00 19.96  ? 43  VAL A CB  1 
ATOM   247  C CG1 . VAL A 1 29  ? -3.698  3.038   -4.158  1.00 21.96  ? 43  VAL A CG1 1 
ATOM   248  C CG2 . VAL A 1 29  ? -1.427  3.792   -3.345  1.00 19.77  ? 43  VAL A CG2 1 
ATOM   249  N N   . LEU A 1 30  ? -3.082  3.779   0.221   1.00 18.77  ? 44  LEU A N   1 
ATOM   250  C CA  . LEU A 1 30  ? -2.387  3.675   1.483   1.00 19.13  ? 44  LEU A CA  1 
ATOM   251  C C   . LEU A 1 30  ? -1.502  2.431   1.502   1.00 17.63  ? 44  LEU A C   1 
ATOM   252  O O   . LEU A 1 30  ? -1.977  1.349   1.217   1.00 17.33  ? 44  LEU A O   1 
ATOM   253  C CB  . LEU A 1 30  ? -3.371  3.623   2.661   1.00 19.05  ? 44  LEU A CB  1 
ATOM   254  C CG  . LEU A 1 30  ? -2.711  3.569   4.026   1.00 19.15  ? 44  LEU A CG  1 
ATOM   255  C CD1 . LEU A 1 30  ? -2.037  4.897   4.378   1.00 21.19  ? 44  LEU A CD1 1 
ATOM   256  C CD2 . LEU A 1 30  ? -3.712  3.187   5.115   1.00 20.92  ? 44  LEU A CD2 1 
ATOM   257  N N   . LEU A 1 31  ? -0.207  2.617   1.749   1.00 18.31  ? 45  LEU A N   1 
ATOM   258  C CA  . LEU A 1 31  ? 0.745   1.520   1.921   1.00 19.23  ? 45  LEU A CA  1 
ATOM   259  C C   . LEU A 1 31  ? 0.888   1.268   3.462   1.00 17.52  ? 45  LEU A C   1 
ATOM   260  O O   . LEU A 1 31  ? 1.571   2.041   4.135   1.00 19.00  ? 45  LEU A O   1 
ATOM   261  C CB  . LEU A 1 31  ? 2.108   1.913   1.322   1.00 21.91  ? 45  LEU A CB  1 
ATOM   262  C CG  . LEU A 1 31  ? 2.312   1.852   -0.208  1.00 27.76  ? 45  LEU A CG  1 
ATOM   263  C CD1 . LEU A 1 31  ? 1.141   2.170   -1.054  1.00 26.27  ? 45  LEU A CD1 1 
ATOM   264  C CD2 . LEU A 1 31  ? 3.518   2.703   -0.682  1.00 29.93  ? 45  LEU A CD2 1 
ATOM   265  N N   . PRO A 1 32  ? 0.175   0.269   4.014   1.00 16.88  ? 46  PRO A N   1 
ATOM   266  C CA  . PRO A 1 32  ? 0.069   0.144   5.471   1.00 17.67  ? 46  PRO A CA  1 
ATOM   267  C C   . PRO A 1 32  ? 1.176   -0.749  6.054   1.00 16.76  ? 46  PRO A C   1 
ATOM   268  O O   . PRO A 1 32  ? 1.254   -1.948  5.681   1.00 17.63  ? 46  PRO A O   1 
ATOM   269  C CB  . PRO A 1 32  ? -1.317  -0.495  5.652   1.00 17.91  ? 46  PRO A CB  1 
ATOM   270  C CG  . PRO A 1 32  ? -1.952  -0.584  4.267   1.00 18.14  ? 46  PRO A CG  1 
ATOM   271  C CD  . PRO A 1 32  ? -0.752  -0.684  3.382   1.00 17.74  ? 46  PRO A CD  1 
ATOM   272  N N   . LEU A 1 33  ? 2.051   -0.160  6.867   1.00 17.62  ? 47  LEU A N   1 
ATOM   273  C CA  . LEU A 1 33  ? 3.164   -0.889  7.536   1.00 20.43  ? 47  LEU A CA  1 
ATOM   274  C C   . LEU A 1 33  ? 2.719   -1.366  8.932   1.00 21.27  ? 47  LEU A C   1 
ATOM   275  O O   . LEU A 1 33  ? 2.317   -0.533  9.746   1.00 20.89  ? 47  LEU A O   1 
ATOM   276  C CB  . LEU A 1 33  ? 4.394   -0.005  7.717   1.00 22.34  ? 47  LEU A CB  1 
ATOM   277  C CG  . LEU A 1 33  ? 5.214   0.276   6.452   1.00 25.66  ? 47  LEU A CG  1 
ATOM   278  C CD1 . LEU A 1 33  ? 6.258   1.362   6.744   1.00 25.79  ? 47  LEU A CD1 1 
ATOM   279  C CD2 . LEU A 1 33  ? 5.929   -1.003  5.991   1.00 25.19  ? 47  LEU A CD2 1 
ATOM   280  N N   . VAL A 1 34  ? 2.872   -2.662  9.160   1.00 22.10  ? 48  VAL A N   1 
ATOM   281  C CA  . VAL A 1 34  ? 2.444   -3.379  10.382  1.00 22.73  ? 48  VAL A CA  1 
ATOM   282  C C   . VAL A 1 34  ? 3.699   -4.021  10.960  1.00 25.03  ? 48  VAL A C   1 
ATOM   283  O O   . VAL A 1 34  ? 4.433   -4.698  10.210  1.00 23.28  ? 48  VAL A O   1 
ATOM   284  C CB  . VAL A 1 34  ? 1.438   -4.455  9.978   1.00 24.64  ? 48  VAL A CB  1 
ATOM   285  C CG1 . VAL A 1 34  ? 1.082   -5.368  11.153  1.00 26.83  ? 48  VAL A CG1 1 
ATOM   286  C CG2 . VAL A 1 34  ? 0.169   -3.796  9.412   1.00 26.70  ? 48  VAL A CG2 1 
ATOM   287  N N   . ALA A 1 35  ? 3.952   -3.825  12.266  1.00 22.90  ? 49  ALA A N   1 
ATOM   288  C CA  . ALA A 1 35  ? 5.062   -4.521  12.944  1.00 25.64  ? 49  ALA A CA  1 
ATOM   289  C C   . ALA A 1 35  ? 4.537   -5.758  13.660  1.00 30.47  ? 49  ALA A C   1 
ATOM   290  O O   . ALA A 1 35  ? 3.661   -5.601  14.500  1.00 33.79  ? 49  ALA A O   1 
ATOM   291  C CB  . ALA A 1 35  ? 5.735   -3.605  13.924  1.00 27.62  ? 49  ALA A CB  1 
ATOM   292  N N   . LYS A 1 36  ? 5.056   -6.952  13.320  1.00 29.91  ? 50  LYS A N   1 
ATOM   293  C CA  . LYS A 1 36  ? 4.687   -8.264  13.961  1.00 34.25  ? 50  LYS A CA  1 
ATOM   294  C C   . LYS A 1 36  ? 5.970   -9.059  14.163  1.00 34.74  ? 50  LYS A C   1 
ATOM   295  O O   . LYS A 1 36  ? 6.828   -9.118  13.255  1.00 27.68  ? 50  LYS A O   1 
ATOM   296  C CB  . LYS A 1 36  ? 3.788   -9.144  13.074  1.00 39.77  ? 50  LYS A CB  1 
ATOM   297  C CG  . LYS A 1 36  ? 2.390   -8.656  12.787  1.00 49.39  ? 50  LYS A CG  1 
ATOM   298  C CD  . LYS A 1 36  ? 1.459   -8.691  14.001  1.00 55.34  ? 50  LYS A CD  1 
ATOM   299  C CE  . LYS A 1 36  ? 0.032   -8.272  13.626  1.00 58.54  ? 50  LYS A CE  1 
ATOM   300  N NZ  . LYS A 1 36  ? -0.657  -7.537  14.733  1.00 63.42  ? 50  LYS A NZ  1 
ATOM   301  N N   . GLU A 1 37  ? 6.111   -9.711  15.324  1.00 32.76  ? 51  GLU A N   1 
ATOM   302  C CA  . GLU A 1 37  ? 7.223   -10.651 15.551  1.00 34.02  ? 51  GLU A CA  1 
ATOM   303  C C   . GLU A 1 37  ? 8.570   -10.069 15.231  1.00 31.68  ? 51  GLU A C   1 
ATOM   304  O O   . GLU A 1 37  ? 9.450   -10.752 14.703  1.00 33.47  ? 51  GLU A O   1 
ATOM   305  C CB  . GLU A 1 37  ? 7.001   -11.951 14.751  1.00 42.35  ? 51  GLU A CB  1 
ATOM   306  C CG  . GLU A 1 37  ? 5.600   -12.518 14.913  1.00 50.67  ? 51  GLU A CG  1 
ATOM   307  C CD  . GLU A 1 37  ? 5.464   -13.945 14.422  1.00 61.63  ? 51  GLU A CD  1 
ATOM   308  O OE1 . GLU A 1 37  ? 4.624   -14.679 14.989  1.00 73.23  ? 51  GLU A OE1 1 
ATOM   309  O OE2 . GLU A 1 37  ? 6.187   -14.334 13.477  1.00 70.17  ? 51  GLU A OE2 1 
ATOM   310  N N   . GLY A 1 38  ? 8.736   -8.792  15.568  1.00 28.46  ? 52  GLY A N   1 
ATOM   311  C CA  . GLY A 1 38  ? 9.962   -8.091  15.452  1.00 29.88  ? 52  GLY A CA  1 
ATOM   312  C C   . GLY A 1 38  ? 10.310  -7.594  14.051  1.00 30.79  ? 52  GLY A C   1 
ATOM   313  O O   . GLY A 1 38  ? 11.407  -7.080  13.860  1.00 33.52  ? 52  GLY A O   1 
ATOM   314  N N   . LYS A 1 39  ? 9.390   -7.708  13.080  1.00 26.49  ? 53  LYS A N   1 
ATOM   315  C CA  . LYS A 1 39  ? 9.719   -7.342  11.669  1.00 27.43  ? 53  LYS A CA  1 
ATOM   316  C C   . LYS A 1 39  ? 8.583   -6.516  11.049  1.00 24.96  ? 53  LYS A C   1 
ATOM   317  O O   . LYS A 1 39  ? 7.440   -6.604  11.499  1.00 25.03  ? 53  LYS A O   1 
ATOM   318  C CB  . LYS A 1 39  ? 9.896   -8.606  10.856  1.00 31.56  ? 53  LYS A CB  1 
ATOM   319  C CG  . LYS A 1 39  ? 11.122  -9.408  11.294  1.00 38.32  ? 53  LYS A CG  1 
ATOM   320  C CD  . LYS A 1 39  ? 11.227  -10.815 10.712  1.00 47.26  ? 53  LYS A CD  1 
ATOM   321  C CE  . LYS A 1 39  ? 9.959   -11.673 10.781  1.00 53.63  ? 53  LYS A CE  1 
ATOM   322  N NZ  . LYS A 1 39  ? 9.239   -11.767 9.472   1.00 54.39  ? 53  LYS A NZ  1 
ATOM   323  N N   . LEU A 1 40  ? 8.909   -5.726  10.030  1.00 23.28  ? 54  LEU A N   1 
ATOM   324  C CA  . LEU A 1 40  ? 7.858   -4.963  9.298   1.00 21.21  ? 54  LEU A CA  1 
ATOM   325  C C   . LEU A 1 40  ? 7.197   -5.781  8.193   1.00 20.12  ? 54  LEU A C   1 
ATOM   326  O O   . LEU A 1 40  ? 7.865   -6.603  7.540   1.00 20.60  ? 54  LEU A O   1 
ATOM   327  C CB  . LEU A 1 40  ? 8.449   -3.678  8.711   1.00 23.63  ? 54  LEU A CB  1 
ATOM   328  C CG  . LEU A 1 40  ? 8.941   -2.641  9.726   1.00 26.00  ? 54  LEU A CG  1 
ATOM   329  C CD1 . LEU A 1 40  ? 9.792   -1.580  9.043   1.00 28.21  ? 54  LEU A CD1 1 
ATOM   330  C CD2 . LEU A 1 40  ? 7.783   -2.033  10.486  1.00 26.64  ? 54  LEU A CD2 1 
ATOM   331  N N   . HIS A 1 41  ? 5.894   -5.547  7.997   1.00 18.54  ? 55  HIS A N   1 
ATOM   332  C CA  . HIS A 1 41  ? 5.076   -6.202  6.995   1.00 18.92  ? 55  HIS A CA  1 
ATOM   333  C C   . HIS A 1 41  ? 4.250   -5.139  6.259   1.00 18.80  ? 55  HIS A C   1 
ATOM   334  O O   . HIS A 1 41  ? 4.008   -4.061  6.804   1.00 20.39  ? 55  HIS A O   1 
ATOM   335  C CB  . HIS A 1 41  ? 4.081   -7.163  7.643   1.00 20.02  ? 55  HIS A CB  1 
ATOM   336  C CG  . HIS A 1 41  ? 4.726   -8.264  8.402   1.00 21.31  ? 55  HIS A CG  1 
ATOM   337  N ND1 . HIS A 1 41  ? 5.337   -8.055  9.619   1.00 24.44  ? 55  HIS A ND1 1 
ATOM   338  C CD2 . HIS A 1 41  ? 4.838   -9.580  8.136   1.00 23.14  ? 55  HIS A CD2 1 
ATOM   339  C CE1 . HIS A 1 41  ? 5.863   -9.199  10.031  1.00 24.65  ? 55  HIS A CE1 1 
ATOM   340  N NE2 . HIS A 1 41  ? 5.571   -10.137 9.153   1.00 26.44  ? 55  HIS A NE2 1 
ATOM   341  N N   . LEU A 1 42  ? 3.889   -5.418  5.014   1.00 17.63  ? 56  LEU A N   1 
ATOM   342  C CA  . LEU A 1 42  ? 2.884   -4.621  4.311   1.00 18.21  ? 56  LEU A CA  1 
ATOM   343  C C   . LEU A 1 42  ? 1.552   -5.334  4.293   1.00 17.65  ? 56  LEU A C   1 
ATOM   344  O O   . LEU A 1 42  ? 1.500   -6.554  4.074   1.00 18.92  ? 56  LEU A O   1 
ATOM   345  C CB  . LEU A 1 42  ? 3.344   -4.307  2.863   1.00 19.00  ? 56  LEU A CB  1 
ATOM   346  C CG  . LEU A 1 42  ? 4.388   -3.174  2.741   1.00 19.59  ? 56  LEU A CG  1 
ATOM   347  C CD1 . LEU A 1 42  ? 5.051   -3.209  1.356   1.00 20.35  ? 56  LEU A CD1 1 
ATOM   348  C CD2 . LEU A 1 42  ? 3.774   -1.776  2.982   1.00 19.54  ? 56  LEU A CD2 1 
ATOM   349  N N   . LEU A 1 43  ? 0.475   -4.574  4.412   1.00 18.34  ? 57  LEU A N   1 
ATOM   350  C CA  . LEU A 1 43  ? -0.904  -5.106  4.325   1.00 19.62  ? 57  LEU A CA  1 
ATOM   351  C C   . LEU A 1 43  ? -1.451  -4.899  2.914   1.00 19.53  ? 57  LEU A C   1 
ATOM   352  O O   . LEU A 1 43  ? -1.406  -3.764  2.394   1.00 19.10  ? 57  LEU A O   1 
ATOM   353  C CB  . LEU A 1 43  ? -1.787  -4.411  5.351   1.00 20.92  ? 57  LEU A CB  1 
ATOM   354  C CG  . LEU A 1 43  ? -3.280  -4.855  5.343   1.00 23.32  ? 57  LEU A CG  1 
ATOM   355  C CD1 . LEU A 1 43  ? -3.917  -4.694  6.719   1.00 26.13  ? 57  LEU A CD1 1 
ATOM   356  C CD2 . LEU A 1 43  ? -4.108  -4.043  4.384   1.00 25.33  ? 57  LEU A CD2 1 
ATOM   357  N N   . PHE A 1 44  ? -1.959  -5.983  2.334   1.00 17.69  ? 58  PHE A N   1 
ATOM   358  C CA  . PHE A 1 44  ? -2.537  -6.016  0.974   1.00 18.80  ? 58  PHE A CA  1 
ATOM   359  C C   . PHE A 1 44  ? -4.003  -6.445  1.034   1.00 22.72  ? 58  PHE A C   1 
ATOM   360  O O   . PHE A 1 44  ? -4.415  -7.154  2.000   1.00 22.85  ? 58  PHE A O   1 
ATOM   361  C CB  . PHE A 1 44  ? -1.790  -7.002  0.089   1.00 19.68  ? 58  PHE A CB  1 
ATOM   362  C CG  . PHE A 1 44  ? -0.363  -6.618  -0.195  1.00 20.10  ? 58  PHE A CG  1 
ATOM   363  C CD1 . PHE A 1 44  ? 0.669   -6.979  0.664   1.00 18.47  ? 58  PHE A CD1 1 
ATOM   364  C CD2 . PHE A 1 44  ? -0.041  -5.861  -1.324  1.00 18.76  ? 58  PHE A CD2 1 
ATOM   365  C CE1 . PHE A 1 44  ? 1.990   -6.635  0.424   1.00 20.00  ? 58  PHE A CE1 1 
ATOM   366  C CE2 . PHE A 1 44  ? 1.295   -5.502  -1.569  1.00 18.93  ? 58  PHE A CE2 1 
ATOM   367  C CZ  . PHE A 1 44  ? 2.314   -5.899  -0.703  1.00 18.73  ? 58  PHE A CZ  1 
ATOM   368  N N   . THR A 1 45  ? -4.773  -6.069  -0.009  1.00 20.59  ? 59  THR A N   1 
ATOM   369  C CA  . THR A 1 45  ? -6.155  -6.566  -0.205  1.00 22.22  ? 59  THR A CA  1 
ATOM   370  C C   . THR A 1 45  ? -6.235  -7.403  -1.486  1.00 22.99  ? 59  THR A C   1 
ATOM   371  O O   . THR A 1 45  ? -5.418  -7.250  -2.406  1.00 23.19  ? 59  THR A O   1 
ATOM   372  C CB  . THR A 1 45  ? -7.214  -5.437  -0.295  1.00 23.80  ? 59  THR A CB  1 
ATOM   373  O OG1 . THR A 1 45  ? -7.083  -4.684  -1.525  1.00 25.60  ? 59  THR A OG1 1 
ATOM   374  C CG2 . THR A 1 45  ? -7.140  -4.526  0.856   1.00 23.96  ? 59  THR A CG2 1 
ATOM   375  N N   . VAL A 1 46  ? -7.199  -8.316  -1.524  1.00 23.69  ? 60  VAL A N   1 
ATOM   376  C CA  . VAL A 1 46  ? -7.666  -8.890  -2.767  1.00 23.50  ? 60  VAL A CA  1 
ATOM   377  C C   . VAL A 1 46  ? -9.023  -8.246  -3.065  1.00 25.31  ? 60  VAL A C   1 
ATOM   378  O O   . VAL A 1 46  ? -9.956  -8.312  -2.255  1.00 25.56  ? 60  VAL A O   1 
ATOM   379  C CB  . VAL A 1 46  ? -7.769  -10.431 -2.715  1.00 26.07  ? 60  VAL A CB  1 
ATOM   380  C CG1 . VAL A 1 46  ? -8.267  -10.972 -4.065  1.00 28.10  ? 60  VAL A CG1 1 
ATOM   381  C CG2 . VAL A 1 46  ? -6.423  -11.064 -2.350  1.00 26.22  ? 60  VAL A CG2 1 
ATOM   382  N N   . ARG A 1 47  ? -9.135  -7.604  -4.226  1.00 25.33  ? 61  ARG A N   1 
ATOM   383  C CA  . ARG A 1 47  ? -10.353 -6.854  -4.582  1.00 27.52  ? 61  ARG A CA  1 
ATOM   384  C C   . ARG A 1 47  ? -11.519 -7.788  -4.910  1.00 29.31  ? 61  ARG A C   1 
ATOM   385  O O   . ARG A 1 47  ? -11.319 -8.854  -5.457  1.00 29.96  ? 61  ARG A O   1 
ATOM   386  C CB  . ARG A 1 47  ? -10.076 -5.892  -5.757  1.00 28.93  ? 61  ARG A CB  1 
ATOM   387  C CG  . ARG A 1 47  ? -9.328  -4.651  -5.280  1.00 30.04  ? 61  ARG A CG  1 
ATOM   388  C CD  . ARG A 1 47  ? -8.763  -3.764  -6.395  1.00 35.81  ? 61  ARG A CD  1 
ATOM   389  N NE  . ARG A 1 47  ? -9.729  -2.787  -6.917  1.00 35.58  ? 61  ARG A NE  1 
ATOM   390  C CZ  . ARG A 1 47  ? -10.100 -1.651  -6.326  1.00 37.80  ? 61  ARG A CZ  1 
ATOM   391  N NH1 . ARG A 1 47  ? -9.624  -1.270  -5.134  1.00 41.90  ? 61  ARG A NH1 1 
ATOM   392  N NH2 . ARG A 1 47  ? -10.996 -0.873  -6.946  1.00 45.64  ? 61  ARG A NH2 1 
ATOM   393  N N   . SER A 1 48  ? -12.726 -7.400  -4.514  1.00 29.77  ? 62  SER A N   1 
ATOM   394  C CA  . SER A 1 48  ? -13.907 -8.182  -4.846  1.00 36.74  ? 62  SER A CA  1 
ATOM   395  C C   . SER A 1 48  ? -14.037 -8.326  -6.381  1.00 39.72  ? 62  SER A C   1 
ATOM   396  O O   . SER A 1 48  ? -13.842 -7.350  -7.115  1.00 41.64  ? 62  SER A O   1 
ATOM   397  C CB  . SER A 1 48  ? -15.175 -7.509  -4.339  1.00 37.98  ? 62  SER A CB  1 
ATOM   398  O OG  . SER A 1 48  ? -16.285 -8.116  -4.994  1.00 41.89  ? 62  SER A OG  1 
ATOM   399  N N   . GLU A 1 49  ? -14.384 -9.525  -6.838  1.00 48.41  ? 63  GLU A N   1 
ATOM   400  C CA  . GLU A 1 49  ? -14.687 -9.763  -8.273  1.00 58.05  ? 63  GLU A CA  1 
ATOM   401  C C   . GLU A 1 49  ? -15.803 -8.881  -8.887  1.00 58.16  ? 63  GLU A C   1 
ATOM   402  O O   . GLU A 1 49  ? -15.841 -8.710  -10.101 1.00 65.53  ? 63  GLU A O   1 
ATOM   403  C CB  . GLU A 1 49  ? -14.992 -11.248 -8.517  1.00 60.57  ? 63  GLU A CB  1 
ATOM   404  C CG  . GLU A 1 49  ? -13.764 -12.147 -8.413  1.00 66.27  ? 63  GLU A CG  1 
ATOM   405  C CD  . GLU A 1 49  ? -12.821 -12.055 -9.618  1.00 71.65  ? 63  GLU A CD  1 
ATOM   406  O OE1 . GLU A 1 49  ? -12.969 -11.144 -10.475 1.00 77.86  ? 63  GLU A OE1 1 
ATOM   407  O OE2 . GLU A 1 49  ? -11.911 -12.911 -9.707  1.00 71.99  ? 63  GLU A OE2 1 
ATOM   408  N N   . LYS A 1 50  ? -16.667 -8.311  -8.048  1.00 57.10  ? 64  LYS A N   1 
ATOM   409  C CA  . LYS A 1 50  ? -17.741 -7.394  -8.473  1.00 60.43  ? 64  LYS A CA  1 
ATOM   410  C C   . LYS A 1 50  ? -17.340 -5.973  -8.899  1.00 59.63  ? 64  LYS A C   1 
ATOM   411  O O   . LYS A 1 50  ? -18.182 -5.250  -9.430  1.00 58.79  ? 64  LYS A O   1 
ATOM   412  C CB  . LYS A 1 50  ? -18.771 -7.235  -7.338  1.00 62.38  ? 64  LYS A CB  1 
ATOM   413  C CG  . LYS A 1 50  ? -19.375 -8.539  -6.835  1.00 66.21  ? 64  LYS A CG  1 
ATOM   414  C CD  . LYS A 1 50  ? -20.888 -8.441  -6.623  1.00 72.00  ? 64  LYS A CD  1 
ATOM   415  C CE  . LYS A 1 50  ? -21.649 -9.445  -7.485  1.00 74.81  ? 64  LYS A CE  1 
ATOM   416  N NZ  . LYS A 1 50  ? -22.997 -8.935  -7.866  1.00 77.52  ? 64  LYS A NZ  1 
ATOM   417  N N   . LEU A 1 51  ? -16.103 -5.548  -8.656  1.00 58.57  ? 65  LEU A N   1 
ATOM   418  C CA  . LEU A 1 51  ? -15.765 -4.121  -8.779  1.00 62.18  ? 65  LEU A CA  1 
ATOM   419  C C   . LEU A 1 51  ? -15.487 -3.638  -10.221 1.00 68.06  ? 65  LEU A C   1 
ATOM   420  O O   . LEU A 1 51  ? -15.293 -4.446  -11.140 1.00 59.62  ? 65  LEU A O   1 
ATOM   421  C CB  . LEU A 1 51  ? -14.587 -3.776  -7.861  1.00 60.23  ? 65  LEU A CB  1 
ATOM   422  C CG  . LEU A 1 51  ? -14.797 -3.906  -6.344  1.00 56.04  ? 65  LEU A CG  1 
ATOM   423  C CD1 . LEU A 1 51  ? -13.509 -3.513  -5.634  1.00 51.58  ? 65  LEU A CD1 1 
ATOM   424  C CD2 . LEU A 1 51  ? -15.964 -3.051  -5.851  1.00 55.48  ? 65  LEU A CD2 1 
ATOM   425  N N   . ARG A 1 52  ? -15.469 -2.308  -10.376 1.00 74.82  ? 66  ARG A N   1 
ATOM   426  C CA  . ARG A 1 52  ? -15.177 -1.626  -11.652 1.00 81.68  ? 66  ARG A CA  1 
ATOM   427  C C   . ARG A 1 52  ? -13.688 -1.835  -12.007 1.00 77.05  ? 66  ARG A C   1 
ATOM   428  O O   . ARG A 1 52  ? -13.374 -2.592  -12.937 1.00 70.94  ? 66  ARG A O   1 
ATOM   429  C CB  . ARG A 1 52  ? -15.543 -0.115  -11.546 1.00 89.48  ? 66  ARG A CB  1 
ATOM   430  C CG  . ARG A 1 52  ? -15.875 0.664   -12.825 1.00 93.21  ? 66  ARG A CG  1 
ATOM   431  C CD  . ARG A 1 52  ? -15.129 0.240   -14.082 1.00 95.40  ? 66  ARG A CD  1 
ATOM   432  N NE  . ARG A 1 52  ? -15.158 1.284   -15.109 1.00 96.51  ? 66  ARG A NE  1 
ATOM   433  C CZ  . ARG A 1 52  ? -14.556 1.205   -16.299 1.00 95.65  ? 66  ARG A CZ  1 
ATOM   434  N NH1 . ARG A 1 52  ? -14.650 2.226   -17.149 1.00 95.67  ? 66  ARG A NH1 1 
ATOM   435  N NH2 . ARG A 1 52  ? -13.868 0.117   -16.655 1.00 93.06  ? 66  ARG A NH2 1 
ATOM   436  N N   . ARG A 1 53  ? -12.792 -1.192  -11.249 1.00 71.08  ? 67  ARG A N   1 
ATOM   437  C CA  . ARG A 1 53  ? -11.356 -1.244  -11.521 1.00 71.10  ? 67  ARG A CA  1 
ATOM   438  C C   . ARG A 1 53  ? -10.771 -2.504  -10.825 1.00 67.85  ? 67  ARG A C   1 
ATOM   439  O O   . ARG A 1 53  ? -11.106 -2.801  -9.672  1.00 65.95  ? 67  ARG A O   1 
ATOM   440  C CB  . ARG A 1 53  ? -10.596 0.030   -11.042 1.00 77.09  ? 67  ARG A CB  1 
ATOM   441  C CG  . ARG A 1 53  ? -11.296 1.405   -11.047 1.00 81.45  ? 67  ARG A CG  1 
ATOM   442  C CD  . ARG A 1 53  ? -12.051 1.813   -12.317 1.00 88.23  ? 67  ARG A CD  1 
ATOM   443  N NE  . ARG A 1 53  ? -11.199 2.084   -13.493 1.00 93.65  ? 67  ARG A NE  1 
ATOM   444  C CZ  . ARG A 1 53  ? -11.454 2.971   -14.472 1.00 87.62  ? 67  ARG A CZ  1 
ATOM   445  N NH1 . ARG A 1 53  ? -10.594 3.094   -15.481 1.00 88.05  ? 67  ARG A NH1 1 
ATOM   446  N NH2 . ARG A 1 53  ? -12.540 3.749   -14.465 1.00 84.50  ? 67  ARG A NH2 1 
ATOM   447  N N   . ALA A 1 54  ? -9.922  -3.234  -11.551 1.00 60.66  ? 68  ALA A N   1 
ATOM   448  C CA  . ALA A 1 54  ? -9.036  -4.274  -11.000 1.00 56.30  ? 68  ALA A CA  1 
ATOM   449  C C   . ALA A 1 54  ? -9.742  -5.366  -10.155 1.00 55.98  ? 68  ALA A C   1 
ATOM   450  O O   . ALA A 1 54  ? -9.345  -5.609  -9.015  1.00 49.29  ? 68  ALA A O   1 
ATOM   451  C CB  . ALA A 1 54  ? -7.911  -3.604  -10.201 1.00 55.12  ? 68  ALA A CB  1 
ATOM   452  N N   . PRO A 1 55  ? -10.787 -6.017  -10.716 1.00 52.70  ? 69  PRO A N   1 
ATOM   453  C CA  . PRO A 1 55  ? -11.542 -7.081  -10.018 1.00 47.07  ? 69  PRO A CA  1 
ATOM   454  C C   . PRO A 1 55  ? -10.708 -8.305  -9.756  1.00 44.76  ? 69  PRO A C   1 
ATOM   455  O O   . PRO A 1 55  ? -10.028 -8.757  -10.656 1.00 44.04  ? 69  PRO A O   1 
ATOM   456  C CB  . PRO A 1 55  ? -12.667 -7.440  -11.009 1.00 49.93  ? 69  PRO A CB  1 
ATOM   457  C CG  . PRO A 1 55  ? -12.151 -6.998  -12.337 1.00 51.46  ? 69  PRO A CG  1 
ATOM   458  C CD  . PRO A 1 55  ? -11.373 -5.732  -12.043 1.00 52.92  ? 69  PRO A CD  1 
ATOM   459  N N   . GLY A 1 56  ? -10.736 -8.820  -8.522  1.00 40.74  ? 70  GLY A N   1 
ATOM   460  C CA  . GLY A 1 56  ? -9.941  -9.992  -8.135  1.00 36.78  ? 70  GLY A CA  1 
ATOM   461  C C   . GLY A 1 56  ? -8.421  -9.813  -7.992  1.00 33.50  ? 70  GLY A C   1 
ATOM   462  O O   . GLY A 1 56  ? -7.723  -10.779 -7.691  1.00 31.84  ? 70  GLY A O   1 
ATOM   463  N N   . GLU A 1 57  ? -7.896  -8.599  -8.208  1.00 35.39  ? 71  GLU A N   1 
ATOM   464  C CA  . GLU A 1 57  ? -6.448  -8.370  -8.177  1.00 31.66  ? 71  GLU A CA  1 
ATOM   465  C C   . GLU A 1 57  ? -6.003  -8.066  -6.746  1.00 27.79  ? 71  GLU A C   1 
ATOM   466  O O   . GLU A 1 57  ? -6.788  -7.547  -5.941  1.00 26.17  ? 71  GLU A O   1 
ATOM   467  C CB  . GLU A 1 57  ? -6.034  -7.181  -9.071  1.00 35.27  ? 71  GLU A CB  1 
ATOM   468  C CG  . GLU A 1 57  ? -6.268  -7.355  -10.573 1.00 38.11  ? 71  GLU A CG  1 
ATOM   469  C CD  . GLU A 1 57  ? -5.655  -6.249  -11.450 1.00 40.07  ? 71  GLU A CD  1 
ATOM   470  O OE1 . GLU A 1 57  ? -4.772  -5.437  -11.021 1.00 33.80  ? 71  GLU A OE1 1 
ATOM   471  O OE2 . GLU A 1 57  ? -6.099  -6.168  -12.618 1.00 42.14  ? 71  GLU A OE2 1 
ATOM   472  N N   . VAL A 1 58  ? -4.723  -8.330  -6.487  1.00 24.74  ? 72  VAL A N   1 
ATOM   473  C CA  . VAL A 1 58  ? -4.054  -7.844  -5.272  1.00 23.18  ? 72  VAL A CA  1 
ATOM   474  C C   . VAL A 1 58  ? -3.743  -6.334  -5.418  1.00 25.19  ? 72  VAL A C   1 
ATOM   475  O O   . VAL A 1 58  ? -3.075  -5.934  -6.374  1.00 24.41  ? 72  VAL A O   1 
ATOM   476  C CB  . VAL A 1 58  ? -2.775  -8.650  -4.975  1.00 23.88  ? 72  VAL A CB  1 
ATOM   477  C CG1 . VAL A 1 58  ? -1.993  -8.044  -3.844  1.00 23.58  ? 72  VAL A CG1 1 
ATOM   478  C CG2 . VAL A 1 58  ? -3.065  -10.115 -4.637  1.00 25.06  ? 72  VAL A CG2 1 
ATOM   479  N N   . CYS A 1 59  ? -4.163  -5.507  -4.455  1.00 22.09  ? 73  CYS A N   1 
ATOM   480  C CA  . CYS A 1 59  ? -3.902  -4.068  -4.470  1.00 24.14  ? 73  CYS A CA  1 
ATOM   481  C C   . CYS A 1 59  ? -3.744  -3.558  -3.040  1.00 22.29  ? 73  CYS A C   1 
ATOM   482  O O   . CYS A 1 59  ? -4.158  -4.208  -2.078  1.00 24.13  ? 73  CYS A O   1 
ATOM   483  C CB  . CYS A 1 59  ? -5.030  -3.290  -5.159  1.00 31.25  ? 73  CYS A CB  1 
ATOM   484  S SG  . CYS A 1 59  ? -5.404  -3.734  -6.887  1.00 44.71  ? 73  CYS A SG  1 
ATOM   485  N N   . PHE A 1 60  ? -3.191  -2.368  -2.909  1.00 19.34  ? 74  PHE A N   1 
ATOM   486  C CA  . PHE A 1 60  ? -3.247  -1.631  -1.644  1.00 19.14  ? 74  PHE A CA  1 
ATOM   487  C C   . PHE A 1 60  ? -4.632  -1.000  -1.439  1.00 20.38  ? 74  PHE A C   1 
ATOM   488  O O   . PHE A 1 60  ? -5.340  -0.733  -2.416  1.00 20.61  ? 74  PHE A O   1 
ATOM   489  C CB  . PHE A 1 60  ? -2.161  -0.561  -1.597  1.00 19.12  ? 74  PHE A CB  1 
ATOM   490  C CG  . PHE A 1 60  ? -0.762  -1.114  -1.544  1.00 18.47  ? 74  PHE A CG  1 
ATOM   491  C CD1 . PHE A 1 60  ? -0.327  -1.812  -0.405  1.00 19.27  ? 74  PHE A CD1 1 
ATOM   492  C CD2 . PHE A 1 60  ? 0.132   -0.958  -2.601  1.00 19.27  ? 74  PHE A CD2 1 
ATOM   493  C CE1 . PHE A 1 60  ? 0.949   -2.341  -0.319  1.00 19.32  ? 74  PHE A CE1 1 
ATOM   494  C CE2 . PHE A 1 60  ? 1.444   -1.486  -2.513  1.00 18.20  ? 74  PHE A CE2 1 
ATOM   495  C CZ  . PHE A 1 60  ? 1.851   -2.165  -1.363  1.00 20.18  ? 74  PHE A CZ  1 
ATOM   496  N N   . PRO A 1 61  ? -5.070  -0.791  -0.178  1.00 19.38  ? 75  PRO A N   1 
ATOM   497  C CA  . PRO A 1 61  ? -6.311  -0.025  0.028   1.00 21.20  ? 75  PRO A CA  1 
ATOM   498  C C   . PRO A 1 61  ? -6.256  1.385   -0.641  1.00 21.53  ? 75  PRO A C   1 
ATOM   499  O O   . PRO A 1 61  ? -5.206  2.045   -0.627  1.00 19.43  ? 75  PRO A O   1 
ATOM   500  C CB  . PRO A 1 61  ? -6.403  0.114   1.554   1.00 21.63  ? 75  PRO A CB  1 
ATOM   501  C CG  . PRO A 1 61  ? -5.440  -0.852  2.128   1.00 21.19  ? 75  PRO A CG  1 
ATOM   502  C CD  . PRO A 1 61  ? -4.412  -1.199  1.087   1.00 20.46  ? 75  PRO A CD  1 
ATOM   503  N N   . GLY A 1 62  ? -7.369  1.808   -1.233  1.00 22.60  ? 76  GLY A N   1 
ATOM   504  C CA  . GLY A 1 62  ? -7.387  3.104   -1.935  1.00 21.68  ? 76  GLY A CA  1 
ATOM   505  C C   . GLY A 1 62  ? -8.584  3.246   -2.845  1.00 22.63  ? 76  GLY A C   1 
ATOM   506  O O   . GLY A 1 62  ? -9.451  2.342   -2.943  1.00 21.43  ? 76  GLY A O   1 
ATOM   507  N N   . GLY A 1 63  ? -8.630  4.405   -3.509  1.00 20.63  ? 77  GLY A N   1 
ATOM   508  C CA  . GLY A 1 63  ? -9.722  4.732   -4.402  1.00 21.82  ? 77  GLY A CA  1 
ATOM   509  C C   . GLY A 1 63  ? -9.725  6.154   -4.882  1.00 19.63  ? 77  GLY A C   1 
ATOM   510  O O   . GLY A 1 63  ? -8.787  6.898   -4.635  1.00 20.45  ? 77  GLY A O   1 
ATOM   511  N N   . LYS A 1 64  ? -10.839 6.544   -5.513  1.00 20.39  ? 78  LYS A N   1 
ATOM   512  C CA  . LYS A 1 64  ? -10.962 7.882   -6.174  1.00 21.36  ? 78  LYS A CA  1 
ATOM   513  C C   . LYS A 1 64  ? -11.273 8.979   -5.177  1.00 20.92  ? 78  LYS A C   1 
ATOM   514  O O   . LYS A 1 64  ? -12.082 8.804   -4.241  1.00 20.34  ? 78  LYS A O   1 
ATOM   515  C CB  . LYS A 1 64  ? -12.061 7.822   -7.244  1.00 25.76  ? 78  LYS A CB  1 
ATOM   516  C CG  . LYS A 1 64  ? -12.043 9.000   -8.210  1.00 29.59  ? 78  LYS A CG  1 
ATOM   517  C CD  . LYS A 1 64  ? -12.971 8.695   -9.386  1.00 36.42  ? 78  LYS A CD  1 
ATOM   518  C CE  . LYS A 1 64  ? -13.359 9.933   -10.183 1.00 40.78  ? 78  LYS A CE  1 
ATOM   519  N NZ  . LYS A 1 64  ? -12.180 10.730  -10.549 1.00 46.55  ? 78  LYS A NZ  1 
ATOM   520  N N   . ARG A 1 65  ? -10.630 10.120  -5.317  1.00 19.89  ? 79  ARG A N   1 
ATOM   521  C CA  . ARG A 1 65  ? -10.890 11.263  -4.498  1.00 20.47  ? 79  ARG A CA  1 
ATOM   522  C C   . ARG A 1 65  ? -12.357 11.717  -4.736  1.00 22.00  ? 79  ARG A C   1 
ATOM   523  O O   . ARG A 1 65  ? -12.898 11.555  -5.839  1.00 23.04  ? 79  ARG A O   1 
ATOM   524  C CB  . ARG A 1 65  ? -9.937  12.392  -4.838  1.00 23.19  ? 79  ARG A CB  1 
ATOM   525  C CG  . ARG A 1 65  ? -10.163 13.656  -4.027  1.00 23.79  ? 79  ARG A CG  1 
ATOM   526  C CD  . ARG A 1 65  ? -8.913  14.500  -3.887  1.00 26.18  ? 79  ARG A CD  1 
ATOM   527  N NE  . ARG A 1 65  ? -9.162  15.799  -3.244  1.00 26.84  ? 79  ARG A NE  1 
ATOM   528  C CZ  . ARG A 1 65  ? -8.227  16.716  -2.998  1.00 27.49  ? 79  ARG A CZ  1 
ATOM   529  N NH1 . ARG A 1 65  ? -6.958  16.513  -3.335  1.00 27.18  ? 79  ARG A NH1 1 
ATOM   530  N NH2 . ARG A 1 65  ? -8.555  17.876  -2.443  1.00 30.55  ? 79  ARG A NH2 1 
ATOM   531  N N   . ASP A 1 66  ? -12.982 12.156  -3.657  1.00 23.18  ? 80  ASP A N   1 
ATOM   532  C CA  . ASP A 1 66  ? -14.358 12.742  -3.708  1.00 22.45  ? 80  ASP A CA  1 
ATOM   533  C C   . ASP A 1 66  ? -14.387 14.114  -3.119  1.00 22.63  ? 80  ASP A C   1 
ATOM   534  O O   . ASP A 1 66  ? -13.427 14.573  -2.478  1.00 23.50  ? 80  ASP A O   1 
ATOM   535  C CB  . ASP A 1 66  ? -15.408 11.746  -3.169  1.00 23.47  ? 80  ASP A CB  1 
ATOM   536  C CG  . ASP A 1 66  ? -15.615 11.787  -1.679  1.00 22.11  ? 80  ASP A CG  1 
ATOM   537  O OD1 . ASP A 1 66  ? -15.118 12.657  -0.941  1.00 23.08  ? 80  ASP A OD1 1 
ATOM   538  O OD2 . ASP A 1 66  ? -16.353 10.871  -1.231  1.00 26.70  ? 80  ASP A OD2 1 
ATOM   539  N N   . PRO A 1 67  ? -15.525 14.863  -3.303  1.00 23.13  ? 81  PRO A N   1 
ATOM   540  C CA  . PRO A 1 67  ? -15.489 16.239  -2.815  1.00 24.35  ? 81  PRO A CA  1 
ATOM   541  C C   . PRO A 1 67  ? -15.380 16.453  -1.351  1.00 22.33  ? 81  PRO A C   1 
ATOM   542  O O   . PRO A 1 67  ? -14.986 17.542  -0.946  1.00 24.99  ? 81  PRO A O   1 
ATOM   543  C CB  . PRO A 1 67  ? -16.822 16.856  -3.348  1.00 26.59  ? 81  PRO A CB  1 
ATOM   544  C CG  . PRO A 1 67  ? -17.189 15.999  -4.478  1.00 26.00  ? 81  PRO A CG  1 
ATOM   545  C CD  . PRO A 1 67  ? -16.700 14.593  -4.141  1.00 24.86  ? 81  PRO A CD  1 
ATOM   546  N N   . THR A 1 68  ? -15.692 15.435  -0.533  1.00 24.63  ? 82  THR A N   1 
ATOM   547  C CA  . THR A 1 68  ? -15.537 15.562  0.930   1.00 25.36  ? 82  THR A CA  1 
ATOM   548  C C   . THR A 1 68  ? -14.074 15.603  1.416   1.00 26.56  ? 82  THR A C   1 
ATOM   549  O O   . THR A 1 68  ? -13.795 16.132  2.486   1.00 27.57  ? 82  THR A O   1 
ATOM   550  C CB  . THR A 1 68  ? -16.236 14.420  1.737   1.00 27.71  ? 82  THR A CB  1 
ATOM   551  O OG1 . THR A 1 68  ? -15.525 13.171  1.623   1.00 27.70  ? 82  THR A OG1 1 
ATOM   552  C CG2 . THR A 1 68  ? -17.656 14.188  1.279   1.00 28.58  ? 82  THR A CG2 1 
ATOM   553  N N   . ASP A 1 69  ? -13.149 15.026  0.636   1.00 25.57  ? 83  ASP A N   1 
ATOM   554  C CA  . ASP A 1 69  ? -11.769 14.872  1.108   1.00 23.77  ? 83  ASP A CA  1 
ATOM   555  C C   . ASP A 1 69  ? -11.057 16.229  1.208   1.00 24.23  ? 83  ASP A C   1 
ATOM   556  O O   . ASP A 1 69  ? -10.999 16.999  0.222   1.00 24.82  ? 83  ASP A O   1 
ATOM   557  C CB  . ASP A 1 69  ? -10.981 13.950  0.129   1.00 23.14  ? 83  ASP A CB  1 
ATOM   558  C CG  . ASP A 1 69  ? -11.521 12.556  0.043   1.00 21.95  ? 83  ASP A CG  1 
ATOM   559  O OD1 . ASP A 1 69  ? -11.953 11.999  1.091   1.00 21.82  ? 83  ASP A OD1 1 
ATOM   560  O OD2 . ASP A 1 69  ? -11.455 11.920  -1.034  1.00 22.48  ? 83  ASP A OD2 1 
ATOM   561  N N   . MET A 1 70  ? -10.474 16.512  2.364   1.00 22.86  ? 84  MET A N   1 
ATOM   562  C CA  . MET A 1 70  ? -9.679  17.753  2.567   1.00 27.20  ? 84  MET A CA  1 
ATOM   563  C C   . MET A 1 70  ? -8.421  17.798  1.685   1.00 26.10  ? 84  MET A C   1 
ATOM   564  O O   . MET A 1 70  ? -7.999  18.872  1.232   1.00 26.43  ? 84  MET A O   1 
ATOM   565  C CB  . MET A 1 70  ? -9.270  17.908  4.035   1.00 29.26  ? 84  MET A CB  1 
ATOM   566  C CG  . MET A 1 70  ? -10.423 18.216  4.984   1.00 37.57  ? 84  MET A CG  1 
ATOM   567  S SD  . MET A 1 70  ? -11.181 19.846  4.688   1.00 42.89  ? 84  MET A SD  1 
ATOM   568  C CE  . MET A 1 70  ? -9.888  20.993  5.167   1.00 44.33  ? 84  MET A CE  1 
ATOM   569  N N   . ASP A 1 71  ? -7.844  16.618  1.448   1.00 24.25  ? 85  ASP A N   1 
ATOM   570  C CA  . ASP A 1 71  ? -6.602  16.488  0.660   1.00 24.18  ? 85  ASP A CA  1 
ATOM   571  C C   . ASP A 1 71  ? -6.443  15.014  0.196   1.00 22.13  ? 85  ASP A C   1 
ATOM   572  O O   . ASP A 1 71  ? -7.306  14.158  0.473   1.00 20.68  ? 85  ASP A O   1 
ATOM   573  C CB  . ASP A 1 71  ? -5.396  17.002  1.473   1.00 25.89  ? 85  ASP A CB  1 
ATOM   574  C CG  . ASP A 1 71  ? -5.205  16.292  2.803   1.00 26.85  ? 85  ASP A CG  1 
ATOM   575  O OD1 . ASP A 1 71  ? -5.736  15.179  3.027   1.00 25.86  ? 85  ASP A OD1 1 
ATOM   576  O OD2 . ASP A 1 71  ? -4.481  16.836  3.653   1.00 31.63  ? 85  ASP A OD2 1 
ATOM   577  N N   . ASP A 1 72  ? -5.341  14.710  -0.498  1.00 20.37  ? 86  ASP A N   1 
ATOM   578  C CA  . ASP A 1 72  ? -5.118  13.387  -1.048  1.00 20.19  ? 86  ASP A CA  1 
ATOM   579  C C   . ASP A 1 72  ? -4.920  12.316  0.033   1.00 17.95  ? 86  ASP A C   1 
ATOM   580  O O   . ASP A 1 72  ? -5.334  11.183  -0.178  1.00 18.96  ? 86  ASP A O   1 
ATOM   581  C CB  . ASP A 1 72  ? -3.960  13.409  -2.077  1.00 21.04  ? 86  ASP A CB  1 
ATOM   582  C CG  . ASP A 1 72  ? -4.318  14.145  -3.363  1.00 24.64  ? 86  ASP A CG  1 
ATOM   583  O OD1 . ASP A 1 72  ? -5.494  14.074  -3.825  1.00 22.93  ? 86  ASP A OD1 1 
ATOM   584  O OD2 . ASP A 1 72  ? -3.374  14.748  -3.960  1.00 23.74  ? 86  ASP A OD2 1 
ATOM   585  N N   . ALA A 1 73  ? -4.334  12.685  1.157   1.00 19.50  ? 87  ALA A N   1 
ATOM   586  C CA  . ALA A 1 73  ? -4.142  11.731  2.291   1.00 19.60  ? 87  ALA A CA  1 
ATOM   587  C C   . ALA A 1 73  ? -5.513  11.307  2.834   1.00 19.72  ? 87  ALA A C   1 
ATOM   588  O O   . ALA A 1 73  ? -5.746  10.119  3.133   1.00 19.47  ? 87  ALA A O   1 
ATOM   589  C CB  . ALA A 1 73  ? -3.307  12.332  3.388   1.00 19.84  ? 87  ALA A CB  1 
ATOM   590  N N   . ALA A 1 74  ? -6.416  12.279  2.943   1.00 20.22  ? 88  ALA A N   1 
ATOM   591  C CA  . ALA A 1 74  ? -7.802  11.952  3.355   1.00 21.22  ? 88  ALA A CA  1 
ATOM   592  C C   . ALA A 1 74  ? -8.478  10.936  2.474   1.00 19.99  ? 88  ALA A C   1 
ATOM   593  O O   . ALA A 1 74  ? -9.174  10.056  2.983   1.00 20.21  ? 88  ALA A O   1 
ATOM   594  C CB  . ALA A 1 74  ? -8.666  13.216  3.465   1.00 22.59  ? 88  ALA A CB  1 
ATOM   595  N N   . THR A 1 75  ? -8.315  11.025  1.139   1.00 18.44  ? 89  THR A N   1 
ATOM   596  C CA  . THR A 1 75  ? -8.832  9.986   0.266   1.00 18.05  ? 89  THR A CA  1 
ATOM   597  C C   . THR A 1 75  ? -8.368  8.560   0.664   1.00 18.23  ? 89  THR A C   1 
ATOM   598  O O   . THR A 1 75  ? -9.174  7.597   0.785   1.00 18.50  ? 89  THR A O   1 
ATOM   599  C CB  . THR A 1 75  ? -8.413  10.258  -1.212  1.00 20.12  ? 89  THR A CB  1 
ATOM   600  O OG1 . THR A 1 75  ? -8.799  11.604  -1.582  1.00 19.55  ? 89  THR A OG1 1 
ATOM   601  C CG2 . THR A 1 75  ? -8.969  9.210   -2.155  1.00 19.81  ? 89  THR A CG2 1 
ATOM   602  N N   . ALA A 1 76  ? -7.052  8.428   0.851   1.00 17.99  ? 90  ALA A N   1 
ATOM   603  C CA  . ALA A 1 76  ? -6.444  7.125   1.214   1.00 17.47  ? 90  ALA A CA  1 
ATOM   604  C C   . ALA A 1 76  ? -7.061  6.570   2.534   1.00 17.73  ? 90  ALA A C   1 
ATOM   605  O O   . ALA A 1 76  ? -7.415  5.394   2.591   1.00 19.82  ? 90  ALA A O   1 
ATOM   606  C CB  . ALA A 1 76  ? -4.928  7.275   1.368   1.00 18.13  ? 90  ALA A CB  1 
ATOM   607  N N   . LEU A 1 77  ? -7.179  7.428   3.526   1.00 19.75  ? 91  LEU A N   1 
ATOM   608  C CA  . LEU A 1 77  ? -7.696  7.046   4.846   1.00 20.92  ? 91  LEU A CA  1 
ATOM   609  C C   . LEU A 1 77  ? -9.182  6.693   4.810   1.00 21.53  ? 91  LEU A C   1 
ATOM   610  O O   . LEU A 1 77  ? -9.580  5.689   5.385   1.00 20.66  ? 91  LEU A O   1 
ATOM   611  C CB  . LEU A 1 77  ? -7.428  8.118   5.892   1.00 22.25  ? 91  LEU A CB  1 
ATOM   612  C CG  . LEU A 1 77  ? -5.964  8.399   6.281   1.00 25.74  ? 91  LEU A CG  1 
ATOM   613  C CD1 . LEU A 1 77  ? -5.920  9.269   7.537   1.00 28.94  ? 91  LEU A CD1 1 
ATOM   614  C CD2 . LEU A 1 77  ? -5.184  7.109   6.487   1.00 28.29  ? 91  LEU A CD2 1 
ATOM   615  N N   . ARG A 1 78  ? -9.985  7.469   4.068   1.00 22.23  ? 92  ARG A N   1 
ATOM   616  C CA  . ARG A 1 78  ? -11.429 7.165   3.920   1.00 20.71  ? 92  ARG A CA  1 
ATOM   617  C C   . ARG A 1 78  ? -11.648 5.817   3.274   1.00 21.70  ? 92  ARG A C   1 
ATOM   618  O O   . ARG A 1 78  ? -12.473 4.965   3.721   1.00 20.83  ? 92  ARG A O   1 
ATOM   619  C CB  . ARG A 1 78  ? -12.125 8.275   3.098   1.00 22.28  ? 92  ARG A CB  1 
ATOM   620  C CG  . ARG A 1 78  ? -13.580 7.973   2.735   1.00 23.48  ? 92  ARG A CG  1 
ATOM   621  C CD  . ARG A 1 78  ? -14.275 9.156   2.069   1.00 23.71  ? 92  ARG A CD  1 
ATOM   622  N NE  . ARG A 1 78  ? -13.569 9.580   0.838   1.00 21.16  ? 92  ARG A NE  1 
ATOM   623  C CZ  . ARG A 1 78  ? -13.581 8.948   -0.324  1.00 21.44  ? 92  ARG A CZ  1 
ATOM   624  N NH1 . ARG A 1 78  ? -14.222 7.812   -0.521  1.00 22.37  ? 92  ARG A NH1 1 
ATOM   625  N NH2 . ARG A 1 78  ? -12.834 9.440   -1.341  1.00 22.68  ? 92  ARG A NH2 1 
ATOM   626  N N   . GLU A 1 79  ? -10.908 5.566   2.187   1.00 21.08  ? 93  GLU A N   1 
ATOM   627  C CA  . GLU A 1 79  ? -11.035 4.298   1.501   1.00 21.02  ? 93  GLU A CA  1 
ATOM   628  C C   . GLU A 1 79  ? -10.548 3.099   2.353   1.00 20.29  ? 93  GLU A C   1 
ATOM   629  O O   . GLU A 1 79  ? -11.184 2.023   2.323   1.00 22.72  ? 93  GLU A O   1 
ATOM   630  C CB  . GLU A 1 79  ? -10.302 4.338   0.129   1.00 23.56  ? 93  GLU A CB  1 
ATOM   631  C CG  . GLU A 1 79  ? -11.044 5.185   -0.904  1.00 24.75  ? 93  GLU A CG  1 
ATOM   632  C CD  . GLU A 1 79  ? -12.257 4.497   -1.565  1.00 29.61  ? 93  GLU A CD  1 
ATOM   633  O OE1 . GLU A 1 79  ? -12.520 3.307   -1.380  1.00 39.77  ? 93  GLU A OE1 1 
ATOM   634  O OE2 . GLU A 1 79  ? -12.969 5.189   -2.286  1.00 36.33  ? 93  GLU A OE2 1 
ATOM   635  N N   . ALA A 1 80  ? -9.429  3.268   3.086   1.00 21.30  ? 94  ALA A N   1 
ATOM   636  C CA  . ALA A 1 80  ? -8.937  2.186   3.951   1.00 21.00  ? 94  ALA A CA  1 
ATOM   637  C C   . ALA A 1 80  ? -9.974  1.839   5.048   1.00 23.25  ? 94  ALA A C   1 
ATOM   638  O O   . ALA A 1 80  ? -10.152 0.656   5.376   1.00 23.32  ? 94  ALA A O   1 
ATOM   639  C CB  . ALA A 1 80  ? -7.603  2.515   4.564   1.00 21.73  ? 94  ALA A CB  1 
ATOM   640  N N   . GLN A 1 81  ? -10.650 2.853   5.562   1.00 22.23  ? 95  GLN A N   1 
ATOM   641  C CA  . GLN A 1 81  ? -11.728 2.622   6.578   1.00 24.30  ? 95  GLN A CA  1 
ATOM   642  C C   . GLN A 1 81  ? -12.880 1.811   5.971   1.00 25.73  ? 95  GLN A C   1 
ATOM   643  O O   . GLN A 1 81  ? -13.299 0.762   6.505   1.00 24.46  ? 95  GLN A O   1 
ATOM   644  C CB  . GLN A 1 81  ? -12.225 3.925   7.187   1.00 25.09  ? 95  GLN A CB  1 
ATOM   645  C CG  . GLN A 1 81  ? -13.204 3.680   8.371   1.00 27.66  ? 95  GLN A CG  1 
ATOM   646  C CD  . GLN A 1 81  ? -13.404 4.867   9.317   1.00 31.01  ? 95  GLN A CD  1 
ATOM   647  O OE1 . GLN A 1 81  ? -12.798 5.942   9.196   1.00 35.79  ? 95  GLN A OE1 1 
ATOM   648  N NE2 . GLN A 1 81  ? -14.282 4.664   10.279  1.00 38.86  ? 95  GLN A NE2 1 
ATOM   649  N N   . GLU A 1 82  ? -13.317 2.216   4.779   1.00 25.19  ? 96  GLU A N   1 
ATOM   650  C CA  . GLU A 1 82  ? -14.414 1.499   4.090   1.00 25.71  ? 96  GLU A CA  1 
ATOM   651  C C   . GLU A 1 82  ? -14.053 0.064   3.736   1.00 25.79  ? 96  GLU A C   1 
ATOM   652  O O   . GLU A 1 82  ? -14.901 -0.845  3.865   1.00 25.88  ? 96  GLU A O   1 
ATOM   653  C CB  . GLU A 1 82  ? -14.852 2.279   2.825   1.00 31.26  ? 96  GLU A CB  1 
ATOM   654  C CG  . GLU A 1 82  ? -16.103 1.728   2.158   1.00 37.47  ? 96  GLU A CG  1 
ATOM   655  C CD  . GLU A 1 82  ? -17.347 1.833   3.052   1.00 44.83  ? 96  GLU A CD  1 
ATOM   656  O OE1 . GLU A 1 82  ? -17.385 2.689   3.971   1.00 52.09  ? 96  GLU A OE1 1 
ATOM   657  O OE2 . GLU A 1 82  ? -18.289 1.044   2.846   1.00 49.29  ? 96  GLU A OE2 1 
ATOM   658  N N   . GLU A 1 83  ? -12.816 -0.197  3.299   1.00 21.99  ? 97  GLU A N   1 
ATOM   659  C CA  . GLU A 1 83  ? -12.416 -1.539  2.872   1.00 22.98  ? 97  GLU A CA  1 
ATOM   660  C C   . GLU A 1 83  ? -12.086 -2.514  4.000   1.00 24.39  ? 97  GLU A C   1 
ATOM   661  O O   . GLU A 1 83  ? -12.420 -3.684  3.899   1.00 24.19  ? 97  GLU A O   1 
ATOM   662  C CB  . GLU A 1 83  ? -11.226 -1.481  1.924   1.00 24.77  ? 97  GLU A CB  1 
ATOM   663  C CG  . GLU A 1 83  ? -11.568 -0.745  0.631   1.00 26.33  ? 97  GLU A CG  1 
ATOM   664  C CD  . GLU A 1 83  ? -10.357 -0.484  -0.229  1.00 36.25  ? 97  GLU A CD  1 
ATOM   665  O OE1 . GLU A 1 83  ? -9.376  -1.249  -0.108  1.00 41.77  ? 97  GLU A OE1 1 
ATOM   666  O OE2 . GLU A 1 83  ? -10.446 0.428   -1.065  1.00 39.57  ? 97  GLU A OE2 1 
ATOM   667  N N   . VAL A 1 84  ? -11.341 -2.059  5.015   1.00 24.08  ? 98  VAL A N   1 
ATOM   668  C CA  . VAL A 1 84  ? -10.815 -2.994  6.049   1.00 25.11  ? 98  VAL A CA  1 
ATOM   669  C C   . VAL A 1 84  ? -11.059 -2.578  7.507   1.00 24.92  ? 98  VAL A C   1 
ATOM   670  O O   . VAL A 1 84  ? -10.603 -3.280  8.451   1.00 28.48  ? 98  VAL A O   1 
ATOM   671  C CB  . VAL A 1 84  ? -9.318  -3.279  5.822   1.00 23.67  ? 98  VAL A CB  1 
ATOM   672  C CG1 . VAL A 1 84  ? -9.084  -3.787  4.404   1.00 24.08  ? 98  VAL A CG1 1 
ATOM   673  C CG2 . VAL A 1 84  ? -8.474  -2.037  6.127   1.00 24.64  ? 98  VAL A CG2 1 
ATOM   674  N N   . GLY A 1 85  ? -11.786 -1.486  7.700   1.00 22.89  ? 99  GLY A N   1 
ATOM   675  C CA  . GLY A 1 85  ? -12.145 -0.978  9.039   1.00 25.21  ? 99  GLY A CA  1 
ATOM   676  C C   . GLY A 1 85  ? -11.126 -0.184  9.801   1.00 27.15  ? 99  GLY A C   1 
ATOM   677  O O   . GLY A 1 85  ? -11.332 0.142   10.988  1.00 26.07  ? 99  GLY A O   1 
ATOM   678  N N   . LEU A 1 86  ? -10.035 0.200   9.124   1.00 23.78  ? 100 LEU A N   1 
ATOM   679  C CA  . LEU A 1 86  ? -9.009  1.028   9.755   1.00 23.16  ? 100 LEU A CA  1 
ATOM   680  C C   . LEU A 1 86  ? -9.503  2.422   10.116  1.00 24.18  ? 100 LEU A C   1 
ATOM   681  O O   . LEU A 1 86  ? -9.888  3.225   9.233   1.00 25.09  ? 100 LEU A O   1 
ATOM   682  C CB  . LEU A 1 86  ? -7.804  1.103   8.773   1.00 24.20  ? 100 LEU A CB  1 
ATOM   683  C CG  . LEU A 1 86  ? -6.560  1.833   9.269   1.00 24.86  ? 100 LEU A CG  1 
ATOM   684  C CD1 . LEU A 1 86  ? -5.783  1.063   10.348  1.00 24.13  ? 100 LEU A CD1 1 
ATOM   685  C CD2 . LEU A 1 86  ? -5.645  2.165   8.082   1.00 25.62  ? 100 LEU A CD2 1 
ATOM   686  N N   . ARG A 1 87  ? -9.478  2.754   11.410  1.00 24.85  ? 101 ARG A N   1 
ATOM   687  C CA  . ARG A 1 87  ? -9.947  4.021   11.918  1.00 28.64  ? 101 ARG A CA  1 
ATOM   688  C C   . ARG A 1 87  ? -8.813  5.053   12.035  1.00 30.29  ? 101 ARG A C   1 
ATOM   689  O O   . ARG A 1 87  ? -7.641  4.681   12.110  1.00 26.89  ? 101 ARG A O   1 
ATOM   690  C CB  . ARG A 1 87  ? -10.664 3.820   13.266  1.00 34.10  ? 101 ARG A CB  1 
ATOM   691  C CG  . ARG A 1 87  ? -11.977 3.046   13.115  1.00 37.36  ? 101 ARG A CG  1 
ATOM   692  C CD  . ARG A 1 87  ? -12.440 2.417   14.408  1.00 44.94  ? 101 ARG A CD  1 
ATOM   693  N NE  . ARG A 1 87  ? -12.842 3.427   15.401  1.00 50.84  ? 101 ARG A NE  1 
ATOM   694  C CZ  . ARG A 1 87  ? -13.037 3.195   16.711  1.00 55.38  ? 101 ARG A CZ  1 
ATOM   695  N NH1 . ARG A 1 87  ? -12.859 1.975   17.242  1.00 54.49  ? 101 ARG A NH1 1 
ATOM   696  N NH2 . ARG A 1 87  ? -13.405 4.203   17.507  1.00 52.70  ? 101 ARG A NH2 1 
HETATM 697  N N   . HYP A 1 88  ? -9.145  6.347   12.043  1.00 36.70  ? 102 HYP A N   1 
HETATM 698  C CA  . HYP A 1 88  ? -8.092  7.399   12.015  1.00 37.05  ? 102 HYP A CA  1 
HETATM 699  C C   . HYP A 1 88  ? -7.056  7.401   13.085  1.00 32.00  ? 102 HYP A C   1 
HETATM 700  O O   . HYP A 1 88  ? -5.856  7.616   12.778  1.00 32.54  ? 102 HYP A O   1 
HETATM 701  C CB  . HYP A 1 88  ? -8.863  8.722   12.008  1.00 43.03  ? 102 HYP A CB  1 
HETATM 702  C CG  . HYP A 1 88  ? -10.102 8.319   11.217  1.00 48.06  ? 102 HYP A CG  1 
HETATM 703  C CD  . HYP A 1 88  ? -10.465 6.950   11.774  1.00 43.58  ? 102 HYP A CD  1 
HETATM 704  O OD1 . HYP A 1 88  ? -9.746  8.145   9.821   1.00 56.15  ? 102 HYP A OD1 1 
ATOM   705  N N   . HIS A 1 89  ? -7.482  7.114   14.312  1.00 28.21  ? 103 HIS A N   1 
ATOM   706  C CA  . HIS A 1 89  ? -6.567  6.991   15.442  1.00 29.06  ? 103 HIS A CA  1 
ATOM   707  C C   . HIS A 1 89  ? -5.613  5.791   15.322  1.00 24.96  ? 103 HIS A C   1 
ATOM   708  O O   . HIS A 1 89  ? -4.688  5.702   16.123  1.00 25.46  ? 103 HIS A O   1 
ATOM   709  C CB  . HIS A 1 89  ? -7.311  6.934   16.817  1.00 28.02  ? 103 HIS A CB  1 
ATOM   710  C CG  . HIS A 1 89  ? -8.148  5.705   17.024  1.00 27.21  ? 103 HIS A CG  1 
ATOM   711  N ND1 . HIS A 1 89  ? -7.733  4.635   17.786  1.00 29.17  ? 103 HIS A ND1 1 
ATOM   712  C CD2 . HIS A 1 89  ? -9.399  5.394   16.598  1.00 26.75  ? 103 HIS A CD2 1 
ATOM   713  C CE1 . HIS A 1 89  ? -8.671  3.700   17.772  1.00 24.68  ? 103 HIS A CE1 1 
ATOM   714  N NE2 . HIS A 1 89  ? -9.693  4.141   17.062  1.00 28.39  ? 103 HIS A NE2 1 
ATOM   715  N N   . GLN A 1 90  ? -5.857  4.884   14.378  1.00 22.69  ? 104 GLN A N   1 
ATOM   716  C CA  . GLN A 1 90  ? -5.071  3.635   14.213  1.00 23.01  ? 104 GLN A CA  1 
ATOM   717  C C   . GLN A 1 90  ? -3.982  3.716   13.144  1.00 22.66  ? 104 GLN A C   1 
ATOM   718  O O   . GLN A 1 90  ? -3.274  2.728   12.925  1.00 22.62  ? 104 GLN A O   1 
ATOM   719  C CB  . GLN A 1 90  ? -5.995  2.445   13.885  1.00 23.26  ? 104 GLN A CB  1 
ATOM   720  C CG  . GLN A 1 90  ? -7.061  2.199   14.963  1.00 25.00  ? 104 GLN A CG  1 
ATOM   721  C CD  . GLN A 1 90  ? -7.900  0.974   14.708  1.00 28.30  ? 104 GLN A CD  1 
ATOM   722  O OE1 . GLN A 1 90  ? -7.968  0.052   15.544  1.00 31.14  ? 104 GLN A OE1 1 
ATOM   723  N NE2 . GLN A 1 90  ? -8.565  0.947   13.583  1.00 22.52  ? 104 GLN A NE2 1 
ATOM   724  N N   . VAL A 1 91  ? -3.825  4.891   12.530  1.00 22.46  ? 105 VAL A N   1 
ATOM   725  C CA  . VAL A 1 91  ? -2.832  5.103   11.464  1.00 23.12  ? 105 VAL A CA  1 
ATOM   726  C C   . VAL A 1 91  ? -2.133  6.459   11.564  1.00 23.46  ? 105 VAL A C   1 
ATOM   727  O O   . VAL A 1 91  ? -2.766  7.483   11.824  1.00 23.29  ? 105 VAL A O   1 
ATOM   728  C CB  . VAL A 1 91  ? -3.477  4.899   10.080  1.00 24.95  ? 105 VAL A CB  1 
ATOM   729  C CG1 . VAL A 1 91  ? -4.738  5.727   9.933   1.00 26.95  ? 105 VAL A CG1 1 
ATOM   730  C CG2 . VAL A 1 91  ? -2.470  5.214   8.952   1.00 24.90  ? 105 VAL A CG2 1 
ATOM   731  N N   . GLU A 1 92  ? -0.812  6.457   11.415  1.00 21.75  ? 106 GLU A N   1 
ATOM   732  C CA  . GLU A 1 92  ? -0.039  7.693   11.308  1.00 24.24  ? 106 GLU A CA  1 
ATOM   733  C C   . GLU A 1 92  ? 0.510   7.746   9.869   1.00 22.75  ? 106 GLU A C   1 
ATOM   734  O O   . GLU A 1 92  ? 1.346   6.885   9.497   1.00 21.82  ? 106 GLU A O   1 
ATOM   735  C CB  . GLU A 1 92  ? 1.118   7.706   12.326  1.00 27.14  ? 106 GLU A CB  1 
ATOM   736  C CG  . GLU A 1 92  ? 1.927   9.012   12.340  1.00 30.92  ? 106 GLU A CG  1 
ATOM   737  C CD  . GLU A 1 92  ? 3.190   8.963   13.202  1.00 32.60  ? 106 GLU A CD  1 
ATOM   738  O OE1 . GLU A 1 92  ? 3.461   7.943   13.874  1.00 38.60  ? 106 GLU A OE1 1 
ATOM   739  O OE2 . GLU A 1 92  ? 3.934   9.966   13.173  1.00 39.67  ? 106 GLU A OE2 1 
ATOM   740  N N   . VAL A 1 93  ? 0.062   8.743   9.099   1.00 22.58  ? 107 VAL A N   1 
ATOM   741  C CA  . VAL A 1 93  ? 0.589   8.981   7.737   1.00 22.82  ? 107 VAL A CA  1 
ATOM   742  C C   . VAL A 1 93  ? 1.941   9.673   7.859   1.00 24.72  ? 107 VAL A C   1 
ATOM   743  O O   . VAL A 1 93  ? 2.051   10.728  8.476   1.00 24.85  ? 107 VAL A O   1 
ATOM   744  C CB  . VAL A 1 93  ? -0.392  9.814   6.897   1.00 25.01  ? 107 VAL A CB  1 
ATOM   745  C CG1 . VAL A 1 93  ? 0.194   10.116  5.519   1.00 24.21  ? 107 VAL A CG1 1 
ATOM   746  C CG2 . VAL A 1 93  ? -1.716  9.079   6.785   1.00 25.15  ? 107 VAL A CG2 1 
ATOM   747  N N   . VAL A 1 94  ? 2.972   9.043   7.298   1.00 25.19  ? 108 VAL A N   1 
ATOM   748  C CA  . VAL A 1 94  ? 4.376   9.445   7.497   1.00 26.84  ? 108 VAL A CA  1 
ATOM   749  C C   . VAL A 1 94  ? 4.883   10.225  6.291   1.00 28.49  ? 108 VAL A C   1 
ATOM   750  O O   . VAL A 1 94  ? 5.694   11.148  6.445   1.00 31.63  ? 108 VAL A O   1 
ATOM   751  C CB  . VAL A 1 94  ? 5.275   8.195   7.720   1.00 30.89  ? 108 VAL A CB  1 
ATOM   752  C CG1 . VAL A 1 94  ? 6.739   8.592   7.818   1.00 38.15  ? 108 VAL A CG1 1 
ATOM   753  C CG2 . VAL A 1 94  ? 4.892   7.502   9.000   1.00 35.25  ? 108 VAL A CG2 1 
HETATM 754  N N   . CSO A 1 95  ? 4.451   9.836   5.097   1.00 23.73  ? 109 CSO A N   1 
HETATM 755  C CA  . CSO A 1 95  ? 4.880   10.532  3.886   1.00 25.60  ? 109 CSO A CA  1 
HETATM 756  C CB  . CSO A 1 95  ? 6.326   10.213  3.656   1.00 27.25  ? 109 CSO A CB  1 
HETATM 757  S SG  . CSO A 1 95  ? 6.487   8.535   3.212   1.00 31.22  ? 109 CSO A SG  1 
HETATM 758  C C   . CSO A 1 95  ? 4.095   10.203  2.664   1.00 23.65  ? 109 CSO A C   1 
HETATM 759  O O   . CSO A 1 95  ? 3.319   9.246   2.613   1.00 21.71  ? 109 CSO A O   1 
HETATM 760  O OD  . CSO A 1 95  ? 7.373   9.044   1.849   1.00 31.03  ? 109 CSO A OD  1 
ATOM   761  N N   . CYS A 1 96  ? 4.326   11.029  1.652   1.00 23.96  ? 110 CYS A N   1 
ATOM   762  C CA  . CYS A 1 96  ? 3.774   10.910  0.340   1.00 24.82  ? 110 CYS A CA  1 
ATOM   763  C C   . CYS A 1 96  ? 4.925   10.591  -0.642  1.00 24.96  ? 110 CYS A C   1 
ATOM   764  O O   . CYS A 1 96  ? 5.858   11.388  -0.741  1.00 26.71  ? 110 CYS A O   1 
ATOM   765  C CB  . CYS A 1 96  ? 3.176   12.288  0.025   1.00 32.74  ? 110 CYS A CB  1 
ATOM   766  S SG  . CYS A 1 96  ? 2.473   12.432  -1.577  1.00 35.57  ? 110 CYS A SG  1 
ATOM   767  N N   . LEU A 1 97  ? 4.895   9.423   -1.266  1.00 24.06  ? 111 LEU A N   1 
ATOM   768  C CA  . LEU A 1 97  ? 5.905   8.984   -2.226  1.00 25.93  ? 111 LEU A CA  1 
ATOM   769  C C   . LEU A 1 97  ? 5.566   9.512   -3.623  1.00 27.25  ? 111 LEU A C   1 
ATOM   770  O O   . LEU A 1 97  ? 4.490   10.085  -3.877  1.00 24.45  ? 111 LEU A O   1 
ATOM   771  C CB  . LEU A 1 97  ? 6.031   7.448   -2.275  1.00 27.27  ? 111 LEU A CB  1 
ATOM   772  C CG  . LEU A 1 97  ? 6.578   6.832   -0.977  1.00 28.84  ? 111 LEU A CG  1 
ATOM   773  C CD1 . LEU A 1 97  ? 6.536   5.327   -1.068  1.00 32.28  ? 111 LEU A CD1 1 
ATOM   774  C CD2 . LEU A 1 97  ? 7.973   7.285   -0.646  1.00 30.33  ? 111 LEU A CD2 1 
ATOM   775  N N   . VAL A 1 98  ? 6.503   9.297   -4.544  1.00 30.18  ? 112 VAL A N   1 
ATOM   776  C CA  . VAL A 1 98  ? 6.303   9.702   -5.936  1.00 30.36  ? 112 VAL A CA  1 
ATOM   777  C C   . VAL A 1 98  ? 5.008   9.167   -6.539  1.00 25.60  ? 112 VAL A C   1 
ATOM   778  O O   . VAL A 1 98  ? 4.719   7.992   -6.469  1.00 27.42  ? 112 VAL A O   1 
ATOM   779  C CB  . VAL A 1 98  ? 7.495   9.288   -6.853  1.00 35.35  ? 112 VAL A CB  1 
ATOM   780  C CG1 . VAL A 1 98  ? 8.677   10.192  -6.589  1.00 38.77  ? 112 VAL A CG1 1 
ATOM   781  C CG2 . VAL A 1 98  ? 7.864   7.819   -6.699  1.00 33.65  ? 112 VAL A CG2 1 
ATOM   782  N N   . PRO A 1 99  ? 4.245   10.036  -7.222  1.00 24.79  ? 113 PRO A N   1 
ATOM   783  C CA  . PRO A 1 99  ? 2.979   9.577   -7.792  1.00 24.77  ? 113 PRO A CA  1 
ATOM   784  C C   . PRO A 1 99  ? 3.141   8.766   -9.054  1.00 22.99  ? 113 PRO A C   1 
ATOM   785  O O   . PRO A 1 99  ? 4.238   8.879   -9.697  1.00 24.85  ? 113 PRO A O   1 
ATOM   786  C CB  . PRO A 1 99  ? 2.231   10.895  -8.078  1.00 26.52  ? 113 PRO A CB  1 
ATOM   787  C CG  . PRO A 1 99  ? 3.321   11.871  -8.360  1.00 28.92  ? 113 PRO A CG  1 
ATOM   788  C CD  . PRO A 1 99  ? 4.475   11.472  -7.455  1.00 27.58  ? 113 PRO A CD  1 
ATOM   789  N N   A CYS A 1 100 ? 2.113   8.006   -9.411  0.35 17.73  ? 114 CYS A N   1 
ATOM   790  N N   B CYS A 1 100 ? 2.123   7.970   -9.389  0.15 19.62  ? 114 CYS A N   1 
ATOM   791  C CA  A CYS A 1 100 ? 2.104   7.088   -10.533 0.35 18.19  ? 114 CYS A CA  1 
ATOM   792  C CA  B CYS A 1 100 ? 2.083   7.100   -10.564 0.15 19.04  ? 114 CYS A CA  1 
ATOM   793  C C   A CYS A 1 100 ? 1.153   7.684   -11.622 0.35 18.03  ? 114 CYS A C   1 
ATOM   794  C C   B CYS A 1 100 ? 1.169   7.746   -11.605 0.15 19.42  ? 114 CYS A C   1 
ATOM   795  O O   A CYS A 1 100 ? -0.031  7.929   -11.381 0.35 13.97  ? 114 CYS A O   1 
ATOM   796  O O   B CYS A 1 100 ? 0.021   8.078   -11.313 0.15 17.22  ? 114 CYS A O   1 
ATOM   797  C CB  A CYS A 1 100 ? 1.652   5.664   -10.047 0.35 16.93  ? 114 CYS A CB  1 
ATOM   798  C CB  B CYS A 1 100 ? 1.525   5.709   -10.180 0.15 17.44  ? 114 CYS A CB  1 
ATOM   799  S SG  A CYS A 1 100 ? 2.613   4.975   -8.607  0.35 21.33  ? 114 CYS A SG  1 
ATOM   800  S SG  B CYS A 1 100 ? 1.363   4.490   -11.515 0.15 17.44  ? 114 CYS A SG  1 
ATOM   801  N N   . LEU A 1 101 ? 1.685   7.935   -12.815 1.00 21.72  ? 115 LEU A N   1 
ATOM   802  C CA  . LEU A 1 101 ? 0.875   8.459   -13.947 1.00 24.00  ? 115 LEU A CA  1 
ATOM   803  C C   . LEU A 1 101 ? 0.325   7.303   -14.769 1.00 24.50  ? 115 LEU A C   1 
ATOM   804  O O   . LEU A 1 101 ? 1.107   6.461   -15.213 1.00 26.20  ? 115 LEU A O   1 
ATOM   805  C CB  . LEU A 1 101 ? 1.755   9.322   -14.885 1.00 24.85  ? 115 LEU A CB  1 
ATOM   806  C CG  . LEU A 1 101 ? 2.441   10.550  -14.280 1.00 28.56  ? 115 LEU A CG  1 
ATOM   807  C CD1 . LEU A 1 101 ? 3.428   11.218  -15.237 1.00 29.27  ? 115 LEU A CD1 1 
ATOM   808  C CD2 . LEU A 1 101 ? 1.370   11.534  -13.804 1.00 32.47  ? 115 LEU A CD2 1 
ATOM   809  N N   . ILE A 1 102 ? -0.988  7.257   -15.015 1.00 25.60  ? 116 ILE A N   1 
ATOM   810  C CA  . ILE A 1 102 ? -1.533  6.258   -15.928 1.00 28.49  ? 116 ILE A CA  1 
ATOM   811  C C   . ILE A 1 102 ? -2.578  6.798   -16.887 1.00 27.74  ? 116 ILE A C   1 
ATOM   812  O O   . ILE A 1 102 ? -3.257  7.785   -16.607 1.00 28.49  ? 116 ILE A O   1 
ATOM   813  C CB  . ILE A 1 102 ? -2.090  5.003   -15.191 1.00 34.61  ? 116 ILE A CB  1 
ATOM   814  C CG1 . ILE A 1 102 ? -3.206  5.369   -14.243 1.00 34.24  ? 116 ILE A CG1 1 
ATOM   815  C CG2 . ILE A 1 102 ? -0.993  4.273   -14.418 1.00 38.61  ? 116 ILE A CG2 1 
ATOM   816  C CD1 . ILE A 1 102 ? -4.014  4.140   -13.852 1.00 41.02  ? 116 ILE A CD1 1 
ATOM   817  N N   . ASP A 1 103 ? -2.649  6.172   -18.052 1.00 29.79  ? 117 ASP A N   1 
ATOM   818  C CA  . ASP A 1 103 ? -3.730  6.373   -19.015 1.00 33.49  ? 117 ASP A CA  1 
ATOM   819  C C   . ASP A 1 103 ? -3.830  7.793   -19.620 1.00 31.03  ? 117 ASP A C   1 
ATOM   820  O O   . ASP A 1 103 ? -4.877  8.167   -20.119 1.00 31.72  ? 117 ASP A O   1 
ATOM   821  C CB  . ASP A 1 103 ? -5.064  6.005   -18.322 1.00 40.39  ? 117 ASP A CB  1 
ATOM   822  C CG  . ASP A 1 103 ? -6.036  5.286   -19.230 1.00 53.15  ? 117 ASP A CG  1 
ATOM   823  O OD1 . ASP A 1 103 ? -5.641  4.804   -20.322 1.00 64.18  ? 117 ASP A OD1 1 
ATOM   824  O OD2 . ASP A 1 103 ? -7.220  5.183   -18.827 1.00 65.49  ? 117 ASP A OD2 1 
ATOM   825  N N   . THR A 1 104 ? -2.749  8.569   -19.503 1.00 27.94  ? 118 THR A N   1 
ATOM   826  C CA  . THR A 1 104 ? -2.643  9.971   -19.922 1.00 26.67  ? 118 THR A CA  1 
ATOM   827  C C   . THR A 1 104 ? -3.416  11.024  -19.113 1.00 27.18  ? 118 THR A C   1 
ATOM   828  O O   . THR A 1 104 ? -3.079  12.196  -19.202 1.00 27.86  ? 118 THR A O   1 
ATOM   829  C CB  . THR A 1 104 ? -2.956  10.185  -21.440 1.00 29.47  ? 118 THR A CB  1 
ATOM   830  O OG1 . THR A 1 104 ? -4.373  10.187  -21.671 1.00 30.60  ? 118 THR A OG1 1 
ATOM   831  C CG2 . THR A 1 104 ? -2.277  9.133   -22.305 1.00 29.34  ? 118 THR A CG2 1 
ATOM   832  N N   . ASP A 1 105 ? -4.409  10.625  -18.301 1.00 24.45  ? 119 ASP A N   1 
ATOM   833  C CA  . ASP A 1 105 ? -5.269  11.573  -17.620 1.00 25.50  ? 119 ASP A CA  1 
ATOM   834  C C   . ASP A 1 105 ? -5.464  11.289  -16.108 1.00 23.56  ? 119 ASP A C   1 
ATOM   835  O O   . ASP A 1 105 ? -6.253  11.980  -15.469 1.00 23.61  ? 119 ASP A O   1 
ATOM   836  C CB  . ASP A 1 105 ? -6.665  11.601  -18.293 1.00 28.05  ? 119 ASP A CB  1 
ATOM   837  C CG  . ASP A 1 105 ? -7.398  10.259  -18.222 1.00 32.27  ? 119 ASP A CG  1 
ATOM   838  O OD1 . ASP A 1 105 ? -6.977  9.288   -17.525 1.00 30.51  ? 119 ASP A OD1 1 
ATOM   839  O OD2 . ASP A 1 105 ? -8.426  10.139  -18.929 1.00 37.86  ? 119 ASP A OD2 1 
ATOM   840  N N   . THR A 1 106 ? -4.670  10.389  -15.540 1.00 22.67  ? 120 THR A N   1 
ATOM   841  C CA  . THR A 1 106 ? -4.910  9.915   -14.160 1.00 22.32  ? 120 THR A CA  1 
ATOM   842  C C   . THR A 1 106 ? -3.595  9.940   -13.375 1.00 22.50  ? 120 THR A C   1 
ATOM   843  O O   . THR A 1 106 ? -2.506  9.626   -13.936 1.00 23.49  ? 120 THR A O   1 
ATOM   844  C CB  . THR A 1 106 ? -5.517  8.504   -14.204 1.00 25.03  ? 120 THR A CB  1 
ATOM   845  O OG1 . THR A 1 106 ? -6.771  8.560   -14.895 1.00 26.77  ? 120 THR A OG1 1 
ATOM   846  C CG2 . THR A 1 106 ? -5.763  7.969   -12.769 1.00 24.91  ? 120 THR A CG2 1 
ATOM   847  N N   . LEU A 1 107 ? -3.686  10.366  -12.110 1.00 21.09  ? 121 LEU A N   1 
ATOM   848  C CA  . LEU A 1 107 ? -2.537  10.442  -11.211 1.00 20.59  ? 121 LEU A CA  1 
ATOM   849  C C   . LEU A 1 107 ? -2.904  9.744   -9.883  1.00 21.30  ? 121 LEU A C   1 
ATOM   850  O O   . LEU A 1 107 ? -3.882  10.123  -9.256  1.00 19.45  ? 121 LEU A O   1 
ATOM   851  C CB  . LEU A 1 107 ? -2.140  11.894  -10.962 1.00 23.07  ? 121 LEU A CB  1 
ATOM   852  C CG  . LEU A 1 107 ? -0.802  12.135  -10.225 1.00 25.12  ? 121 LEU A CG  1 
ATOM   853  C CD1 . LEU A 1 107 ? -0.166  13.468  -10.566 1.00 29.72  ? 121 LEU A CD1 1 
ATOM   854  C CD2 . LEU A 1 107 ? -1.001  12.123  -8.736  1.00 26.88  ? 121 LEU A CD2 1 
ATOM   855  N N   . ILE A 1 108 ? -2.107  8.757   -9.486  1.00 19.98  ? 122 ILE A N   1 
ATOM   856  C CA  . ILE A 1 108 ? -2.322  7.962   -8.258  1.00 20.11  ? 122 ILE A CA  1 
ATOM   857  C C   . ILE A 1 108 ? -1.226  8.352   -7.238  1.00 20.73  ? 122 ILE A C   1 
ATOM   858  O O   . ILE A 1 108 ? -0.004  8.204   -7.517  1.00 20.43  ? 122 ILE A O   1 
ATOM   859  C CB  . ILE A 1 108 ? -2.305  6.452   -8.574  1.00 22.33  ? 122 ILE A CB  1 
ATOM   860  C CG1 . ILE A 1 108 ? -3.390  6.079   -9.620  1.00 25.83  ? 122 ILE A CG1 1 
ATOM   861  C CG2 . ILE A 1 108 ? -2.439  5.618   -7.281  1.00 24.13  ? 122 ILE A CG2 1 
ATOM   862  C CD1 . ILE A 1 108 ? -3.062  4.813   -10.366 1.00 31.74  ? 122 ILE A CD1 1 
ATOM   863  N N   . THR A 1 109 ? -1.635  8.856   -6.076  1.00 17.80  ? 123 THR A N   1 
ATOM   864  C CA  . THR A 1 109 ? -0.737  9.359   -5.064  1.00 19.00  ? 123 THR A CA  1 
ATOM   865  C C   . THR A 1 109 ? -0.651  8.306   -3.917  1.00 19.88  ? 123 THR A C   1 
ATOM   866  O O   . THR A 1 109 ? -1.671  8.008   -3.295  1.00 18.14  ? 123 THR A O   1 
ATOM   867  C CB  . THR A 1 109 ? -1.171  10.730  -4.504  1.00 21.86  ? 123 THR A CB  1 
ATOM   868  O OG1 . THR A 1 109 ? -1.271  11.687  -5.584  1.00 24.01  ? 123 THR A OG1 1 
ATOM   869  C CG2 . THR A 1 109 ? -0.187  11.270  -3.463  1.00 23.46  ? 123 THR A CG2 1 
ATOM   870  N N   . PRO A 1 110 ? 0.543   7.752   -3.674  1.00 19.42  ? 124 PRO A N   1 
ATOM   871  C CA  . PRO A 1 110 ? 0.733   6.751   -2.577  1.00 19.86  ? 124 PRO A CA  1 
ATOM   872  C C   . PRO A 1 110 ? 1.207   7.412   -1.273  1.00 20.35  ? 124 PRO A C   1 
ATOM   873  O O   . PRO A 1 110 ? 2.121   8.286   -1.261  1.00 20.88  ? 124 PRO A O   1 
ATOM   874  C CB  . PRO A 1 110 ? 1.751   5.782   -3.158  1.00 20.04  ? 124 PRO A CB  1 
ATOM   875  C CG  . PRO A 1 110 ? 2.466   6.532   -4.251  1.00 21.99  ? 124 PRO A CG  1 
ATOM   876  C CD  . PRO A 1 110 ? 1.723   7.792   -4.561  1.00 20.66  ? 124 PRO A CD  1 
ATOM   877  N N   . PHE A 1 111 ? 0.548   7.048   -0.160  1.00 17.71  ? 125 PHE A N   1 
ATOM   878  C CA  . PHE A 1 111 ? 0.933   7.471   1.181   1.00 18.47  ? 125 PHE A CA  1 
ATOM   879  C C   . PHE A 1 111 ? 1.375   6.272   2.004   1.00 18.38  ? 125 PHE A C   1 
ATOM   880  O O   . PHE A 1 111 ? 0.747   5.232   1.905   1.00 19.60  ? 125 PHE A O   1 
ATOM   881  C CB  . PHE A 1 111 ? -0.251  8.144   1.889   1.00 19.40  ? 125 PHE A CB  1 
ATOM   882  C CG  . PHE A 1 111 ? -0.644  9.442   1.256   1.00 19.41  ? 125 PHE A CG  1 
ATOM   883  C CD1 . PHE A 1 111 ? -1.518  9.436   0.183   1.00 19.35  ? 125 PHE A CD1 1 
ATOM   884  C CD2 . PHE A 1 111 ? -0.085  10.632  1.663   1.00 20.97  ? 125 PHE A CD2 1 
ATOM   885  C CE1 . PHE A 1 111 ? -1.857  10.625  -0.459  1.00 20.62  ? 125 PHE A CE1 1 
ATOM   886  C CE2 . PHE A 1 111 ? -0.421  11.834  1.027   1.00 21.84  ? 125 PHE A CE2 1 
ATOM   887  C CZ  . PHE A 1 111 ? -1.289  11.816  -0.055  1.00 20.33  ? 125 PHE A CZ  1 
ATOM   888  N N   . VAL A 1 112 ? 2.449   6.407   2.778   1.00 18.50  ? 126 VAL A N   1 
ATOM   889  C CA  . VAL A 1 112 ? 2.891   5.342   3.696   1.00 19.63  ? 126 VAL A CA  1 
ATOM   890  C C   . VAL A 1 112 ? 2.340   5.637   5.087   1.00 19.90  ? 126 VAL A C   1 
ATOM   891  O O   . VAL A 1 112 ? 2.517   6.735   5.603   1.00 20.80  ? 126 VAL A O   1 
ATOM   892  C CB  . VAL A 1 112 ? 4.424   5.165   3.751   1.00 19.38  ? 126 VAL A CB  1 
ATOM   893  C CG1 . VAL A 1 112 ? 4.798   3.942   4.633   1.00 21.30  ? 126 VAL A CG1 1 
ATOM   894  C CG2 . VAL A 1 112 ? 4.971   4.930   2.349   1.00 20.06  ? 126 VAL A CG2 1 
ATOM   895  N N   . GLY A 1 113 ? 1.690   4.635   5.689   1.00 19.20  ? 127 GLY A N   1 
ATOM   896  C CA  . GLY A 1 113 ? 1.095   4.758   7.034   1.00 20.38  ? 127 GLY A CA  1 
ATOM   897  C C   . GLY A 1 113 ? 1.607   3.719   8.007   1.00 21.46  ? 127 GLY A C   1 
ATOM   898  O O   . GLY A 1 113 ? 1.736   2.565   7.634   1.00 21.26  ? 127 GLY A O   1 
ATOM   899  N N   . LEU A 1 114 ? 1.926   4.122   9.248   1.00 20.53  ? 128 LEU A N   1 
ATOM   900  C CA  . LEU A 1 114 ? 2.271   3.181   10.315  1.00 22.23  ? 128 LEU A CA  1 
ATOM   901  C C   . LEU A 1 114 ? 0.989   2.801   11.064  1.00 21.06  ? 128 LEU A C   1 
ATOM   902  O O   . LEU A 1 114 ? 0.236   3.703   11.459  1.00 22.09  ? 128 LEU A O   1 
ATOM   903  C CB  . LEU A 1 114 ? 3.213   3.821   11.323  1.00 27.02  ? 128 LEU A CB  1 
ATOM   904  C CG  . LEU A 1 114 ? 4.437   4.519   10.765  1.00 35.04  ? 128 LEU A CG  1 
ATOM   905  C CD1 . LEU A 1 114 ? 5.196   5.112   11.940  1.00 38.93  ? 128 LEU A CD1 1 
ATOM   906  C CD2 . LEU A 1 114 ? 5.301   3.553   9.965   1.00 36.34  ? 128 LEU A CD2 1 
ATOM   907  N N   . ILE A 1 115 ? 0.742   1.503   11.182  1.00 21.20  ? 129 ILE A N   1 
ATOM   908  C CA  . ILE A 1 115 ? -0.516  0.936   11.700  1.00 20.79  ? 129 ILE A CA  1 
ATOM   909  C C   . ILE A 1 115 ? -0.349  0.537   13.166  1.00 21.94  ? 129 ILE A C   1 
ATOM   910  O O   . ILE A 1 115 ? 0.627   -0.131  13.522  1.00 22.46  ? 129 ILE A O   1 
ATOM   911  C CB  . ILE A 1 115 ? -0.934  -0.265  10.848  1.00 20.57  ? 129 ILE A CB  1 
ATOM   912  C CG1 . ILE A 1 115 ? -1.084  0.168   9.357   1.00 22.32  ? 129 ILE A CG1 1 
ATOM   913  C CG2 . ILE A 1 115 ? -2.235  -0.901  11.316  1.00 22.10  ? 129 ILE A CG2 1 
ATOM   914  C CD1 . ILE A 1 115 ? -2.118  1.262   9.126   1.00 22.27  ? 129 ILE A CD1 1 
ATOM   915  N N   . ASP A 1 116 ? -1.317  0.923   13.989  1.00 22.17  ? 130 ASP A N   1 
ATOM   916  C CA  . ASP A 1 116 ? -1.364  0.523   15.411  1.00 23.34  ? 130 ASP A CA  1 
ATOM   917  C C   . ASP A 1 116 ? -1.328  -0.977  15.653  1.00 22.91  ? 130 ASP A C   1 
ATOM   918  O O   . ASP A 1 116 ? -2.003  -1.753  14.992  1.00 22.84  ? 130 ASP A O   1 
ATOM   919  C CB  . ASP A 1 116 ? -2.618  1.080   16.081  1.00 25.61  ? 130 ASP A CB  1 
ATOM   920  C CG  . ASP A 1 116 ? -2.556  0.949   17.608  1.00 27.69  ? 130 ASP A CG  1 
ATOM   921  O OD1 . ASP A 1 116 ? -1.797  1.705   18.225  1.00 31.18  ? 130 ASP A OD1 1 
ATOM   922  O OD2 . ASP A 1 116 ? -3.201  0.046   18.143  1.00 25.61  ? 130 ASP A OD2 1 
ATOM   923  N N   . HIS A 1 117 ? -0.577  -1.399  16.671  1.00 24.62  ? 131 HIS A N   1 
ATOM   924  C CA  . HIS A 1 117 ? -0.515  -2.862  17.014  1.00 25.73  ? 131 HIS A CA  1 
ATOM   925  C C   . HIS A 1 117 ? -1.836  -3.526  17.435  1.00 23.58  ? 131 HIS A C   1 
ATOM   926  O O   . HIS A 1 117 ? -1.947  -4.740  17.352  1.00 26.80  ? 131 HIS A O   1 
ATOM   927  C CB  . HIS A 1 117 ? 0.636   -3.151  18.016  1.00 26.82  ? 131 HIS A CB  1 
ATOM   928  C CG  . HIS A 1 117 ? 0.335   -2.767  19.440  1.00 29.39  ? 131 HIS A CG  1 
ATOM   929  N ND1 . HIS A 1 117 ? -0.009  -1.484  19.822  1.00 30.29  ? 131 HIS A ND1 1 
ATOM   930  C CD2 . HIS A 1 117 ? 0.330   -3.509  20.579  1.00 29.79  ? 131 HIS A CD2 1 
ATOM   931  C CE1 . HIS A 1 117 ? -0.232  -1.460  21.127  1.00 26.43  ? 131 HIS A CE1 1 
ATOM   932  N NE2 . HIS A 1 117 ? -0.026  -2.667  21.611  1.00 32.09  ? 131 HIS A NE2 1 
ATOM   933  N N   . ASN A 1 118 ? -2.856  -2.795  17.880  1.00 24.78  ? 132 ASN A N   1 
ATOM   934  C CA  . ASN A 1 118 ? -4.151  -3.428  18.226  1.00 27.38  ? 132 ASN A CA  1 
ATOM   935  C C   . ASN A 1 118 ? -5.173  -3.419  17.061  1.00 28.02  ? 132 ASN A C   1 
ATOM   936  O O   . ASN A 1 118 ? -6.317  -3.840  17.230  1.00 28.89  ? 132 ASN A O   1 
ATOM   937  C CB  . ASN A 1 118 ? -4.767  -2.777  19.478  1.00 28.28  ? 132 ASN A CB  1 
ATOM   938  C CG  . ASN A 1 118 ? -3.958  -3.080  20.742  1.00 31.57  ? 132 ASN A CG  1 
ATOM   939  O OD1 . ASN A 1 118 ? -3.594  -2.174  21.508  1.00 32.87  ? 132 ASN A OD1 1 
ATOM   940  N ND2 . ASN A 1 118 ? -3.628  -4.342  20.925  1.00 30.71  ? 132 ASN A ND2 1 
ATOM   941  N N   . PHE A 1 119 ? -4.781  -2.922  15.876  1.00 27.15  ? 133 PHE A N   1 
ATOM   942  C CA  . PHE A 1 119 ? -5.692  -2.982  14.720  1.00 25.87  ? 133 PHE A CA  1 
ATOM   943  C C   . PHE A 1 119 ? -5.889  -4.433  14.281  1.00 25.65  ? 133 PHE A C   1 
ATOM   944  O O   . PHE A 1 119 ? -4.917  -5.170  14.158  1.00 25.86  ? 133 PHE A O   1 
ATOM   945  C CB  . PHE A 1 119 ? -5.116  -2.165  13.533  1.00 25.41  ? 133 PHE A CB  1 
ATOM   946  C CG  . PHE A 1 119 ? -5.817  -2.433  12.225  1.00 25.25  ? 133 PHE A CG  1 
ATOM   947  C CD1 . PHE A 1 119 ? -7.080  -1.943  11.997  1.00 26.72  ? 133 PHE A CD1 1 
ATOM   948  C CD2 . PHE A 1 119 ? -5.194  -3.166  11.244  1.00 25.71  ? 133 PHE A CD2 1 
ATOM   949  C CE1 . PHE A 1 119 ? -7.724  -2.197  10.774  1.00 26.51  ? 133 PHE A CE1 1 
ATOM   950  C CE2 . PHE A 1 119 ? -5.830  -3.401  10.016  1.00 25.29  ? 133 PHE A CE2 1 
ATOM   951  C CZ  . PHE A 1 119 ? -7.079  -2.930  9.808   1.00 24.26  ? 133 PHE A CZ  1 
ATOM   952  N N   . GLN A 1 120 ? -7.134  -4.833  14.045  1.00 28.91  ? 134 GLN A N   1 
ATOM   953  C CA  . GLN A 1 120 ? -7.411  -6.156  13.421  1.00 31.47  ? 134 GLN A CA  1 
ATOM   954  C C   . GLN A 1 120 ? -8.352  -5.941  12.232  1.00 27.92  ? 134 GLN A C   1 
ATOM   955  O O   . GLN A 1 120 ? -9.411  -5.380  12.389  1.00 26.67  ? 134 GLN A O   1 
ATOM   956  C CB  . GLN A 1 120 ? -8.020  -7.113  14.430  1.00 37.90  ? 134 GLN A CB  1 
ATOM   957  C CG  . GLN A 1 120 ? -7.022  -7.444  15.537  1.00 45.51  ? 134 GLN A CG  1 
ATOM   958  C CD  . GLN A 1 120 ? -7.240  -8.809  16.151  1.00 53.13  ? 134 GLN A CD  1 
ATOM   959  O OE1 . GLN A 1 120 ? -6.719  -9.816  15.660  1.00 63.70  ? 134 GLN A OE1 1 
ATOM   960  N NE2 . GLN A 1 120 ? -8.005  -8.848  17.248  1.00 67.70  ? 134 GLN A NE2 1 
ATOM   961  N N   . ALA A 1 121 ? -7.924  -6.359  11.053  1.00 30.05  ? 135 ALA A N   1 
ATOM   962  C CA  . ALA A 1 121 ? -8.702  -6.082  9.844   1.00 32.24  ? 135 ALA A CA  1 
ATOM   963  C C   . ALA A 1 121 ? -10.058 -6.724  9.920   1.00 32.90  ? 135 ALA A C   1 
ATOM   964  O O   . ALA A 1 121 ? -10.189 -7.869  10.390  1.00 32.25  ? 135 ALA A O   1 
ATOM   965  C CB  . ALA A 1 121 ? -7.981  -6.592  8.621   1.00 32.24  ? 135 ALA A CB  1 
ATOM   966  N N   . GLN A 1 122 ? -11.052 -5.982  9.451   1.00 29.63  ? 136 GLN A N   1 
ATOM   967  C CA  . GLN A 1 122 ? -12.407 -6.481  9.259   1.00 30.54  ? 136 GLN A CA  1 
ATOM   968  C C   . GLN A 1 122 ? -12.754 -6.327  7.770   1.00 28.51  ? 136 GLN A C   1 
ATOM   969  O O   . GLN A 1 122 ? -13.309 -5.291  7.402   1.00 27.15  ? 136 GLN A O   1 
ATOM   970  C CB  . GLN A 1 122 ? -13.374 -5.667  10.125  1.00 34.05  ? 136 GLN A CB  1 
ATOM   971  C CG  . GLN A 1 122 ? -13.102 -5.781  11.624  1.00 42.27  ? 136 GLN A CG  1 
ATOM   972  C CD  . GLN A 1 122 ? -14.004 -4.863  12.432  1.00 48.53  ? 136 GLN A CD  1 
ATOM   973  O OE1 . GLN A 1 122 ? -13.583 -3.810  12.911  1.00 53.84  ? 136 GLN A OE1 1 
ATOM   974  N NE2 . GLN A 1 122 ? -15.285 -5.239  12.538  1.00 56.98  ? 136 GLN A NE2 1 
ATOM   975  N N   . PRO A 1 123 ? -12.428 -7.342  6.930   1.00 26.21  ? 137 PRO A N   1 
ATOM   976  C CA  . PRO A 1 123 ? -12.706 -7.205  5.502   1.00 28.01  ? 137 PRO A CA  1 
ATOM   977  C C   . PRO A 1 123 ? -14.181 -6.938  5.206   1.00 32.73  ? 137 PRO A C   1 
ATOM   978  O O   . PRO A 1 123 ? -15.069 -7.673  5.701   1.00 32.08  ? 137 PRO A O   1 
ATOM   979  C CB  . PRO A 1 123 ? -12.288 -8.553  4.929   1.00 28.44  ? 137 PRO A CB  1 
ATOM   980  C CG  . PRO A 1 123 ? -11.288 -9.083  5.872   1.00 29.01  ? 137 PRO A CG  1 
ATOM   981  C CD  . PRO A 1 123 ? -11.726 -8.604  7.211   1.00 29.82  ? 137 PRO A CD  1 
ATOM   982  N N   . ASN A 1 124 ? -14.432 -5.876  4.440   1.00 29.22  ? 138 ASN A N   1 
ATOM   983  C CA  . ASN A 1 124 ? -15.769 -5.564  3.930   1.00 28.75  ? 138 ASN A CA  1 
ATOM   984  C C   . ASN A 1 124 ? -16.028 -6.345  2.599   1.00 28.63  ? 138 ASN A C   1 
ATOM   985  O O   . ASN A 1 124 ? -15.459 -6.009  1.540   1.00 25.02  ? 138 ASN A O   1 
ATOM   986  C CB  . ASN A 1 124 ? -15.896 -4.036  3.776   1.00 27.79  ? 138 ASN A CB  1 
ATOM   987  C CG  . ASN A 1 124 ? -17.202 -3.600  3.134   1.00 29.31  ? 138 ASN A CG  1 
ATOM   988  O OD1 . ASN A 1 124 ? -18.004 -4.432  2.672   1.00 33.38  ? 138 ASN A OD1 1 
ATOM   989  N ND2 . ASN A 1 124 ? -17.409 -2.281  3.060   1.00 31.88  ? 138 ASN A ND2 1 
ATOM   990  N N   . PRO A 1 125 ? -16.894 -7.399  2.633   1.00 27.21  ? 139 PRO A N   1 
ATOM   991  C CA  . PRO A 1 125 ? -17.015 -8.275  1.474   1.00 27.73  ? 139 PRO A CA  1 
ATOM   992  C C   . PRO A 1 125 ? -17.564 -7.606  0.187   1.00 28.29  ? 139 PRO A C   1 
ATOM   993  O O   . PRO A 1 125 ? -17.341 -8.146  -0.895  1.00 30.09  ? 139 PRO A O   1 
ATOM   994  C CB  . PRO A 1 125 ? -17.941 -9.429  1.968   1.00 29.02  ? 139 PRO A CB  1 
ATOM   995  C CG  . PRO A 1 125 ? -18.707 -8.851  3.080   1.00 28.35  ? 139 PRO A CG  1 
ATOM   996  C CD  . PRO A 1 125 ? -17.829 -7.779  3.719   1.00 28.11  ? 139 PRO A CD  1 
ATOM   997  N N   . ALA A 1 126 ? -18.206 -6.449  0.303   1.00 28.51  ? 140 ALA A N   1 
ATOM   998  C CA  . ALA A 1 126 ? -18.653 -5.692  -0.889  1.00 32.41  ? 140 ALA A CA  1 
ATOM   999  C C   . ALA A 1 126 ? -17.447 -5.115  -1.650  1.00 33.54  ? 140 ALA A C   1 
ATOM   1000 O O   . ALA A 1 126 ? -17.554 -4.790  -2.840  1.00 32.39  ? 140 ALA A O   1 
ATOM   1001 C CB  . ALA A 1 126 ? -19.600 -4.565  -0.500  1.00 32.38  ? 140 ALA A CB  1 
ATOM   1002 N N   . GLU A 1 127 ? -16.313 -4.953  -0.967  1.00 31.52  ? 141 GLU A N   1 
ATOM   1003 C CA  . GLU A 1 127 ? -15.108 -4.385  -1.632  1.00 32.18  ? 141 GLU A CA  1 
ATOM   1004 C C   . GLU A 1 127 ? -13.891 -5.280  -1.711  1.00 29.59  ? 141 GLU A C   1 
ATOM   1005 O O   . GLU A 1 127 ? -13.115 -5.192  -2.655  1.00 27.54  ? 141 GLU A O   1 
ATOM   1006 C CB  . GLU A 1 127 ? -14.750 -3.064  -0.979  1.00 39.23  ? 141 GLU A CB  1 
ATOM   1007 C CG  . GLU A 1 127 ? -15.317 -1.876  -1.776  1.00 49.76  ? 141 GLU A CG  1 
ATOM   1008 C CD  . GLU A 1 127 ? -16.046 -0.922  -0.913  1.00 51.92  ? 141 GLU A CD  1 
ATOM   1009 O OE1 . GLU A 1 127 ? -17.135 -0.468  -1.314  1.00 56.82  ? 141 GLU A OE1 1 
ATOM   1010 O OE2 . GLU A 1 127 ? -15.538 -0.665  0.188   1.00 63.41  ? 141 GLU A OE2 1 
ATOM   1011 N N   . VAL A 1 128 ? -13.745 -6.178  -0.751  1.00 25.47  ? 142 VAL A N   1 
ATOM   1012 C CA  . VAL A 1 128 ? -12.517 -6.905  -0.594  1.00 28.10  ? 142 VAL A CA  1 
ATOM   1013 C C   . VAL A 1 128 ? -12.853 -8.386  -0.299  1.00 27.11  ? 142 VAL A C   1 
ATOM   1014 O O   . VAL A 1 128 ? -13.662 -8.656  0.572   1.00 27.54  ? 142 VAL A O   1 
ATOM   1015 C CB  . VAL A 1 128 ? -11.752 -6.159  0.535   1.00 33.76  ? 142 VAL A CB  1 
ATOM   1016 C CG1 . VAL A 1 128 ? -11.044 -7.057  1.483   1.00 37.38  ? 142 VAL A CG1 1 
ATOM   1017 C CG2 . VAL A 1 128 ? -10.865 -5.071  -0.077  1.00 32.04  ? 142 VAL A CG2 1 
ATOM   1018 N N   . LYS A 1 129 ? -12.205 -9.289  -1.019  1.00 27.82  ? 143 LYS A N   1 
ATOM   1019 C CA  . LYS A 1 129 ? -12.376 -10.742 -0.840  1.00 31.27  ? 143 LYS A CA  1 
ATOM   1020 C C   . LYS A 1 129 ? -11.430 -11.300 0.229   1.00 30.05  ? 143 LYS A C   1 
ATOM   1021 O O   . LYS A 1 129 ? -11.699 -12.360 0.812   1.00 28.64  ? 143 LYS A O   1 
ATOM   1022 C CB  . LYS A 1 129 ? -12.140 -11.470 -2.157  1.00 38.52  ? 143 LYS A CB  1 
ATOM   1023 C CG  . LYS A 1 129 ? -12.283 -12.975 -2.038  1.00 47.47  ? 143 LYS A CG  1 
ATOM   1024 C CD  . LYS A 1 129 ? -12.555 -13.640 -3.375  1.00 54.15  ? 143 LYS A CD  1 
ATOM   1025 C CE  . LYS A 1 129 ? -11.416 -13.419 -4.347  1.00 56.29  ? 143 LYS A CE  1 
ATOM   1026 N NZ  . LYS A 1 129 ? -11.404 -14.539 -5.327  1.00 61.21  ? 143 LYS A NZ  1 
ATOM   1027 N N   . ASP A 1 130 ? -10.295 -10.635 0.456   1.00 25.78  ? 144 ASP A N   1 
ATOM   1028 C CA  . ASP A 1 130 ? -9.288  -11.120 1.404   1.00 24.85  ? 144 ASP A CA  1 
ATOM   1029 C C   . ASP A 1 130 ? -8.388  -9.934  1.786   1.00 25.47  ? 144 ASP A C   1 
ATOM   1030 O O   . ASP A 1 130 ? -8.364  -8.905  1.085   1.00 24.96  ? 144 ASP A O   1 
ATOM   1031 C CB  . ASP A 1 130 ? -8.472  -12.247 0.738   1.00 25.83  ? 144 ASP A CB  1 
ATOM   1032 C CG  . ASP A 1 130 ? -7.719  -13.146 1.719   1.00 26.17  ? 144 ASP A CG  1 
ATOM   1033 O OD1 . ASP A 1 130 ? -7.711  -12.912 2.949   1.00 25.39  ? 144 ASP A OD1 1 
ATOM   1034 O OD2 . ASP A 1 130 ? -7.110  -14.122 1.210   1.00 30.05  ? 144 ASP A OD2 1 
ATOM   1035 N N   . VAL A 1 131 ? -7.697  -10.094 2.903   1.00 24.17  ? 145 VAL A N   1 
ATOM   1036 C CA  . VAL A 1 131 ? -6.677  -9.148  3.436   1.00 24.46  ? 145 VAL A CA  1 
ATOM   1037 C C   . VAL A 1 131 ? -5.518  -10.040 3.930   1.00 25.15  ? 145 VAL A C   1 
ATOM   1038 O O   . VAL A 1 131 ? -5.748  -11.090 4.533   1.00 26.12  ? 145 VAL A O   1 
ATOM   1039 C CB  . VAL A 1 131 ? -7.231  -8.239  4.565   1.00 25.41  ? 145 VAL A CB  1 
ATOM   1040 C CG1 . VAL A 1 131 ? -6.154  -7.357  5.175   1.00 29.11  ? 145 VAL A CG1 1 
ATOM   1041 C CG2 . VAL A 1 131 ? -8.388  -7.382  4.074   1.00 27.04  ? 145 VAL A CG2 1 
ATOM   1042 N N   . PHE A 1 132 ? -4.265  -9.687  3.632   1.00 22.10  ? 146 PHE A N   1 
ATOM   1043 C CA  . PHE A 1 132 ? -3.128  -10.512 4.029   1.00 21.32  ? 146 PHE A CA  1 
ATOM   1044 C C   . PHE A 1 132 ? -1.873  -9.663  4.195   1.00 23.68  ? 146 PHE A C   1 
ATOM   1045 O O   . PHE A 1 132 ? -1.781  -8.571  3.609   1.00 22.59  ? 146 PHE A O   1 
ATOM   1046 C CB  . PHE A 1 132 ? -2.840  -11.666 3.066   1.00 24.29  ? 146 PHE A CB  1 
ATOM   1047 C CG  . PHE A 1 132 ? -2.402  -11.237 1.672   1.00 22.92  ? 146 PHE A CG  1 
ATOM   1048 C CD1 . PHE A 1 132 ? -3.351  -10.808 0.743   1.00 24.96  ? 146 PHE A CD1 1 
ATOM   1049 C CD2 . PHE A 1 132 ? -1.056  -11.295 1.296   1.00 23.96  ? 146 PHE A CD2 1 
ATOM   1050 C CE1 . PHE A 1 132 ? -2.953  -10.420 -0.556  1.00 24.41  ? 146 PHE A CE1 1 
ATOM   1051 C CE2 . PHE A 1 132 ? -0.664  -10.915 0.009   1.00 24.71  ? 146 PHE A CE2 1 
ATOM   1052 C CZ  . PHE A 1 132 ? -1.611  -10.470 -0.904  1.00 24.53  ? 146 PHE A CZ  1 
ATOM   1053 N N   . LEU A 1 133 ? -0.955  -10.141 5.027   1.00 21.67  ? 147 LEU A N   1 
ATOM   1054 C CA  . LEU A 1 133 ? 0.317   -9.488  5.263   1.00 21.85  ? 147 LEU A CA  1 
ATOM   1055 C C   . LEU A 1 133 ? 1.445   -10.168 4.514   1.00 23.54  ? 147 LEU A C   1 
ATOM   1056 O O   . LEU A 1 133 ? 1.433   -11.395 4.367   1.00 23.23  ? 147 LEU A O   1 
ATOM   1057 C CB  . LEU A 1 133 ? 0.681   -9.512  6.751   1.00 24.27  ? 147 LEU A CB  1 
ATOM   1058 C CG  . LEU A 1 133 ? -0.262  -8.817  7.711   1.00 25.60  ? 147 LEU A CG  1 
ATOM   1059 C CD1 . LEU A 1 133 ? 0.266   -8.991  9.125   1.00 28.98  ? 147 LEU A CD1 1 
ATOM   1060 C CD2 . LEU A 1 133 ? -0.449  -7.342  7.421   1.00 26.70  ? 147 LEU A CD2 1 
ATOM   1061 N N   . VAL A 1 134 ? 2.442   -9.385  4.074   1.00 20.40  ? 148 VAL A N   1 
ATOM   1062 C CA  . VAL A 1 134 ? 3.705   -9.919  3.533   1.00 21.17  ? 148 VAL A CA  1 
ATOM   1063 C C   . VAL A 1 134 ? 4.883   -9.258  4.233   1.00 20.54  ? 148 VAL A C   1 
ATOM   1064 O O   . VAL A 1 134 ? 4.943   -8.018  4.343   1.00 19.60  ? 148 VAL A O   1 
ATOM   1065 C CB  . VAL A 1 134 ? 3.865   -9.707  1.978   1.00 20.24  ? 148 VAL A CB  1 
ATOM   1066 C CG1 . VAL A 1 134 ? 5.156   -10.346 1.460   1.00 21.38  ? 148 VAL A CG1 1 
ATOM   1067 C CG2 . VAL A 1 134 ? 2.689   -10.223 1.179   1.00 21.82  ? 148 VAL A CG2 1 
ATOM   1068 N N   . PRO A 1 135 ? 5.896   -10.054 4.691   1.00 19.91  ? 149 PRO A N   1 
ATOM   1069 C CA  . PRO A 1 135 ? 7.024   -9.372  5.295   1.00 20.54  ? 149 PRO A CA  1 
ATOM   1070 C C   . PRO A 1 135 ? 7.719   -8.433  4.282   1.00 18.74  ? 149 PRO A C   1 
ATOM   1071 O O   . PRO A 1 135 ? 7.902   -8.839  3.137   1.00 20.57  ? 149 PRO A O   1 
ATOM   1072 C CB  . PRO A 1 135 ? 7.975   -10.532 5.678   1.00 23.29  ? 149 PRO A CB  1 
ATOM   1073 C CG  . PRO A 1 135 ? 7.071   -11.752 5.771   1.00 23.67  ? 149 PRO A CG  1 
ATOM   1074 C CD  . PRO A 1 135 ? 6.016   -11.527 4.739   1.00 22.71  ? 149 PRO A CD  1 
ATOM   1075 N N   . LEU A 1 136 ? 8.099   -7.234  4.728   1.00 19.06  ? 150 LEU A N   1 
ATOM   1076 C CA  . LEU A 1 136 ? 8.731   -6.266  3.840   1.00 20.43  ? 150 LEU A CA  1 
ATOM   1077 C C   . LEU A 1 136 ? 10.006  -6.841  3.197   1.00 22.72  ? 150 LEU A C   1 
ATOM   1078 O O   . LEU A 1 136 ? 10.257  -6.632  2.006   1.00 22.35  ? 150 LEU A O   1 
ATOM   1079 C CB  . LEU A 1 136 ? 8.977   -4.963  4.581   1.00 20.90  ? 150 LEU A CB  1 
ATOM   1080 C CG  . LEU A 1 136 ? 9.416   -3.733  3.799   1.00 21.49  ? 150 LEU A CG  1 
ATOM   1081 C CD1 . LEU A 1 136 ? 8.330   -3.326  2.839   1.00 21.38  ? 150 LEU A CD1 1 
ATOM   1082 C CD2 . LEU A 1 136 ? 9.737   -2.631  4.804   1.00 22.70  ? 150 LEU A CD2 1 
ATOM   1083 N N   . ALA A 1 137 ? 10.786  -7.615  3.956   1.00 22.11  ? 151 ALA A N   1 
ATOM   1084 C CA  . ALA A 1 137 ? 12.018  -8.208  3.405   1.00 23.06  ? 151 ALA A CA  1 
ATOM   1085 C C   . ALA A 1 137 ? 11.826  -9.160  2.221   1.00 23.54  ? 151 ALA A C   1 
ATOM   1086 O O   . ALA A 1 137 ? 12.750  -9.352  1.422   1.00 24.02  ? 151 ALA A O   1 
ATOM   1087 C CB  . ALA A 1 137 ? 12.810  -8.908  4.510   1.00 24.49  ? 151 ALA A CB  1 
ATOM   1088 N N   . TYR A 1 138 ? 10.634  -9.735  2.069   1.00 21.63  ? 152 TYR A N   1 
ATOM   1089 C CA  . TYR A 1 138 ? 10.306  -10.589 0.929   1.00 22.96  ? 152 TYR A CA  1 
ATOM   1090 C C   . TYR A 1 138 ? 10.637  -9.892  -0.403  1.00 23.13  ? 152 TYR A C   1 
ATOM   1091 O O   . TYR A 1 138 ? 11.089  -10.544 -1.378  1.00 22.90  ? 152 TYR A O   1 
ATOM   1092 C CB  . TYR A 1 138 ? 8.817   -11.009 0.946   1.00 22.07  ? 152 TYR A CB  1 
ATOM   1093 C CG  . TYR A 1 138 ? 8.367   -11.649 -0.339  1.00 22.77  ? 152 TYR A CG  1 
ATOM   1094 C CD1 . TYR A 1 138 ? 8.586   -13.002 -0.601  1.00 23.32  ? 152 TYR A CD1 1 
ATOM   1095 C CD2 . TYR A 1 138 ? 7.764   -10.879 -1.325  1.00 23.57  ? 152 TYR A CD2 1 
ATOM   1096 C CE1 . TYR A 1 138 ? 8.212   -13.550 -1.822  1.00 23.29  ? 152 TYR A CE1 1 
ATOM   1097 C CE2 . TYR A 1 138 ? 7.385   -11.424 -2.548  1.00 25.19  ? 152 TYR A CE2 1 
ATOM   1098 C CZ  . TYR A 1 138 ? 7.607   -12.759 -2.798  1.00 23.68  ? 152 TYR A CZ  1 
ATOM   1099 O OH  . TYR A 1 138 ? 7.215   -13.293 -4.057  1.00 26.71  ? 152 TYR A OH  1 
ATOM   1100 N N   . PHE A 1 139 ? 10.375  -8.580  -0.441  1.00 22.45  ? 153 PHE A N   1 
ATOM   1101 C CA  . PHE A 1 139 ? 10.469  -7.811  -1.691  1.00 23.12  ? 153 PHE A CA  1 
ATOM   1102 C C   . PHE A 1 139 ? 11.916  -7.555  -2.153  1.00 26.01  ? 153 PHE A C   1 
ATOM   1103 O O   . PHE A 1 139 ? 12.116  -7.130  -3.307  1.00 26.03  ? 153 PHE A O   1 
ATOM   1104 C CB  . PHE A 1 139 ? 9.593   -6.537  -1.631  1.00 21.40  ? 153 PHE A CB  1 
ATOM   1105 C CG  . PHE A 1 139 ? 8.134   -6.869  -1.488  1.00 20.71  ? 153 PHE A CG  1 
ATOM   1106 C CD1 . PHE A 1 139 ? 7.408   -7.331  -2.581  1.00 21.25  ? 153 PHE A CD1 1 
ATOM   1107 C CD2 . PHE A 1 139 ? 7.512   -6.851  -0.237  1.00 20.16  ? 153 PHE A CD2 1 
ATOM   1108 C CE1 . PHE A 1 139 ? 6.074   -7.706  -2.470  1.00 21.56  ? 153 PHE A CE1 1 
ATOM   1109 C CE2 . PHE A 1 139 ? 6.179   -7.218  -0.116  1.00 20.23  ? 153 PHE A CE2 1 
ATOM   1110 C CZ  . PHE A 1 139 ? 5.452   -7.650  -1.218  1.00 19.81  ? 153 PHE A CZ  1 
ATOM   1111 N N   . LEU A 1 140 ? 12.886  -7.892  -1.295  1.00 24.40  ? 154 LEU A N   1 
ATOM   1112 C CA  . LEU A 1 140 ? 14.302  -7.909  -1.663  1.00 26.51  ? 154 LEU A CA  1 
ATOM   1113 C C   . LEU A 1 140 ? 14.716  -9.209  -2.380  1.00 28.41  ? 154 LEU A C   1 
ATOM   1114 O O   . LEU A 1 140 ? 15.680  -9.200  -3.138  1.00 29.09  ? 154 LEU A O   1 
ATOM   1115 C CB  . LEU A 1 140 ? 15.185  -7.688  -0.439  1.00 25.96  ? 154 LEU A CB  1 
ATOM   1116 C CG  . LEU A 1 140 ? 14.900  -6.423  0.375   1.00 27.21  ? 154 LEU A CG  1 
ATOM   1117 C CD1 . LEU A 1 140 ? 15.804  -6.426  1.594   1.00 30.72  ? 154 LEU A CD1 1 
ATOM   1118 C CD2 . LEU A 1 140 ? 15.039  -5.146  -0.440  1.00 29.54  ? 154 LEU A CD2 1 
ATOM   1119 N N   . HIS A 1 141 ? 14.029  -10.319 -2.119  1.00 26.82  ? 155 HIS A N   1 
ATOM   1120 C CA  . HIS A 1 141 ? 14.317  -11.625 -2.740  1.00 29.29  ? 155 HIS A CA  1 
ATOM   1121 C C   . HIS A 1 141 ? 13.016  -12.350 -3.060  1.00 31.17  ? 155 HIS A C   1 
ATOM   1122 O O   . HIS A 1 141 ? 12.719  -13.397 -2.472  1.00 31.33  ? 155 HIS A O   1 
ATOM   1123 C CB  . HIS A 1 141 ? 15.177  -12.467 -1.794  1.00 31.08  ? 155 HIS A CB  1 
ATOM   1124 C CG  . HIS A 1 141 ? 16.525  -11.873 -1.531  1.00 32.36  ? 155 HIS A CG  1 
ATOM   1125 N ND1 . HIS A 1 141 ? 17.534  -11.889 -2.475  1.00 35.11  ? 155 HIS A ND1 1 
ATOM   1126 C CD2 . HIS A 1 141 ? 17.026  -11.220 -0.455  1.00 32.62  ? 155 HIS A CD2 1 
ATOM   1127 C CE1 . HIS A 1 141 ? 18.606  -11.289 -1.981  1.00 34.03  ? 155 HIS A CE1 1 
ATOM   1128 N NE2 . HIS A 1 141 ? 18.326  -10.869 -0.759  1.00 34.78  ? 155 HIS A NE2 1 
ATOM   1129 N N   . PRO A 1 142 ? 12.208  -11.768 -3.958  1.00 30.31  ? 156 PRO A N   1 
ATOM   1130 C CA  . PRO A 1 142 ? 10.895  -12.327 -4.272  1.00 32.17  ? 156 PRO A CA  1 
ATOM   1131 C C   . PRO A 1 142 ? 11.009  -13.568 -5.156  1.00 33.86  ? 156 PRO A C   1 
ATOM   1132 O O   . PRO A 1 142 ? 12.067  -13.799 -5.736  1.00 33.32  ? 156 PRO A O   1 
ATOM   1133 C CB  . PRO A 1 142 ? 10.203  -11.180 -5.040  1.00 33.41  ? 156 PRO A CB  1 
ATOM   1134 C CG  . PRO A 1 142 ? 11.349  -10.492 -5.723  1.00 33.36  ? 156 PRO A CG  1 
ATOM   1135 C CD  . PRO A 1 142 ? 12.504  -10.560 -4.759  1.00 32.04  ? 156 PRO A CD  1 
ATOM   1136 N N   . GLN A 1 143 ? 9.938   -14.346 -5.229  1.00 33.43  ? 157 GLN A N   1 
ATOM   1137 C CA  . GLN A 1 143 ? 9.841   -15.478 -6.153  1.00 38.27  ? 157 GLN A CA  1 
ATOM   1138 C C   . GLN A 1 143 ? 9.152   -14.977 -7.427  1.00 38.57  ? 157 GLN A C   1 
ATOM   1139 O O   . GLN A 1 143 ? 7.947   -14.715 -7.413  1.00 34.94  ? 157 GLN A O   1 
ATOM   1140 C CB  . GLN A 1 143 ? 9.080   -16.646 -5.512  1.00 41.41  ? 157 GLN A CB  1 
ATOM   1141 C CG  . GLN A 1 143 ? 8.941   -17.859 -6.426  1.00 50.44  ? 157 GLN A CG  1 
ATOM   1142 C CD  . GLN A 1 143 ? 8.316   -19.064 -5.741  1.00 59.35  ? 157 GLN A CD  1 
ATOM   1143 O OE1 . GLN A 1 143 ? 8.889   -19.619 -4.796  1.00 65.23  ? 157 GLN A OE1 1 
ATOM   1144 N NE2 . GLN A 1 143 ? 7.139   -19.488 -6.221  1.00 61.75  ? 157 GLN A NE2 1 
ATOM   1145 N N   . VAL A 1 144 ? 9.933   -14.858 -8.512  1.00 40.01  ? 158 VAL A N   1 
ATOM   1146 C CA  . VAL A 1 144 ? 9.520   -14.168 -9.733  1.00 43.66  ? 158 VAL A CA  1 
ATOM   1147 C C   . VAL A 1 144 ? 9.057   -15.177 -10.789 1.00 47.26  ? 158 VAL A C   1 
ATOM   1148 O O   . VAL A 1 144 ? 9.735   -16.179 -11.022 1.00 45.62  ? 158 VAL A O   1 
ATOM   1149 C CB  . VAL A 1 144 ? 10.674  -13.311 -10.321 1.00 46.07  ? 158 VAL A CB  1 
ATOM   1150 C CG1 . VAL A 1 144 ? 10.230  -12.595 -11.595 1.00 47.23  ? 158 VAL A CG1 1 
ATOM   1151 C CG2 . VAL A 1 144 ? 11.191  -12.317 -9.295  1.00 45.25  ? 158 VAL A CG2 1 
ATOM   1152 N N   . HIS A 1 145 ? 7.913   -14.891 -11.412 1.00 47.33  ? 159 HIS A N   1 
ATOM   1153 C CA  . HIS A 1 145 ? 7.357   -15.678 -12.523 1.00 55.95  ? 159 HIS A CA  1 
ATOM   1154 C C   . HIS A 1 145 ? 7.082   -14.744 -13.686 1.00 58.99  ? 159 HIS A C   1 
ATOM   1155 O O   . HIS A 1 145 ? 6.462   -13.696 -13.511 1.00 57.23  ? 159 HIS A O   1 
ATOM   1156 C CB  . HIS A 1 145 ? 6.070   -16.383 -12.092 1.00 60.62  ? 159 HIS A CB  1 
ATOM   1157 C CG  . HIS A 1 145 ? 6.323   -17.606 -11.271 1.00 74.02  ? 159 HIS A CG  1 
ATOM   1158 N ND1 . HIS A 1 145 ? 6.819   -17.546 -9.984  1.00 80.84  ? 159 HIS A ND1 1 
ATOM   1159 C CD2 . HIS A 1 145 ? 6.205   -18.922 -11.570 1.00 81.78  ? 159 HIS A CD2 1 
ATOM   1160 C CE1 . HIS A 1 145 ? 6.973   -18.775 -9.519  1.00 81.90  ? 159 HIS A CE1 1 
ATOM   1161 N NE2 . HIS A 1 145 ? 6.608   -19.626 -10.461 1.00 84.32  ? 159 HIS A NE2 1 
ATOM   1162 N N   . ASP A 1 146 ? 7.546   -15.116 -14.871 1.00 60.73  ? 160 ASP A N   1 
ATOM   1163 C CA  . ASP A 1 146 ? 7.340   -14.299 -16.064 1.00 65.92  ? 160 ASP A CA  1 
ATOM   1164 C C   . ASP A 1 146 ? 6.063   -14.754 -16.779 1.00 65.93  ? 160 ASP A C   1 
ATOM   1165 O O   . ASP A 1 146 ? 5.926   -15.933 -17.094 1.00 62.47  ? 160 ASP A O   1 
ATOM   1166 C CB  . ASP A 1 146 ? 8.589   -14.376 -16.942 1.00 70.90  ? 160 ASP A CB  1 
ATOM   1167 C CG  . ASP A 1 146 ? 9.828   -13.803 -16.242 1.00 74.96  ? 160 ASP A CG  1 
ATOM   1168 O OD1 . ASP A 1 146 ? 9.690   -13.176 -15.166 1.00 79.22  ? 160 ASP A OD1 1 
ATOM   1169 O OD2 . ASP A 1 146 ? 10.948  -13.977 -16.761 1.00 81.38  ? 160 ASP A OD2 1 
ATOM   1170 N N   . GLN A 1 147 ? 5.121   -13.821 -16.985 1.00 66.04  ? 161 GLN A N   1 
ATOM   1171 C CA  . GLN A 1 147 ? 3.792   -14.120 -17.561 1.00 66.76  ? 161 GLN A CA  1 
ATOM   1172 C C   . GLN A 1 147 ? 3.662   -13.578 -18.979 1.00 66.11  ? 161 GLN A C   1 
ATOM   1173 O O   . GLN A 1 147 ? 4.656   -13.438 -19.688 1.00 66.02  ? 161 GLN A O   1 
ATOM   1174 C CB  . GLN A 1 147 ? 2.681   -13.523 -16.692 1.00 64.58  ? 161 GLN A CB  1 
ATOM   1175 N N   . ILE A 1 158 ? 6.395   -10.053 -22.359 1.00 100.29 ? 172 ILE A N   1 
ATOM   1176 C CA  . ILE A 1 158 ? 6.562   -10.813 -21.118 1.00 103.79 ? 172 ILE A CA  1 
ATOM   1177 C C   . ILE A 1 158 ? 6.831   -9.854  -19.932 1.00 92.83  ? 172 ILE A C   1 
ATOM   1178 O O   . ILE A 1 158 ? 7.639   -8.938  -20.057 1.00 89.37  ? 172 ILE A O   1 
ATOM   1179 C CB  . ILE A 1 158 ? 7.660   -11.918 -21.295 1.00 107.96 ? 172 ILE A CB  1 
ATOM   1180 C CG1 . ILE A 1 158 ? 7.055   -13.144 -22.043 1.00 108.27 ? 172 ILE A CG1 1 
ATOM   1181 C CG2 . ILE A 1 158 ? 8.320   -12.274 -19.957 1.00 109.49 ? 172 ILE A CG2 1 
ATOM   1182 C CD1 . ILE A 1 158 ? 7.817   -14.461 -21.957 1.00 103.48 ? 172 ILE A CD1 1 
ATOM   1183 N N   . ASN A 1 159 ? 6.151   -10.080 -18.799 1.00 85.02  ? 173 ASN A N   1 
ATOM   1184 C CA  . ASN A 1 159 ? 6.226   -9.195  -17.613 1.00 76.67  ? 173 ASN A CA  1 
ATOM   1185 C C   . ASN A 1 159 ? 6.287   -9.948  -16.256 1.00 67.59  ? 173 ASN A C   1 
ATOM   1186 O O   . ASN A 1 159 ? 5.726   -11.036 -16.095 1.00 63.43  ? 173 ASN A O   1 
ATOM   1187 C CB  . ASN A 1 159 ? 5.068   -8.176  -17.635 1.00 76.95  ? 173 ASN A CB  1 
ATOM   1188 C CG  . ASN A 1 159 ? 3.802   -8.691  -16.959 1.00 76.75  ? 173 ASN A CG  1 
ATOM   1189 O OD1 . ASN A 1 159 ? 3.275   -8.059  -16.038 1.00 73.36  ? 173 ASN A OD1 1 
ATOM   1190 N ND2 . ASN A 1 159 ? 3.313   -9.842  -17.408 1.00 76.32  ? 173 ASN A ND2 1 
ATOM   1191 N N   . HIS A 1 160 ? 6.940   -9.320  -15.279 1.00 63.42  ? 174 HIS A N   1 
ATOM   1192 C CA  . HIS A 1 160 ? 7.324   -9.967  -14.014 1.00 57.61  ? 174 HIS A CA  1 
ATOM   1193 C C   . HIS A 1 160 ? 6.244   -9.916  -12.912 1.00 51.75  ? 174 HIS A C   1 
ATOM   1194 O O   . HIS A 1 160 ? 5.786   -8.836  -12.521 1.00 55.27  ? 174 HIS A O   1 
ATOM   1195 C CB  . HIS A 1 160 ? 8.626   -9.348  -13.486 1.00 60.73  ? 174 HIS A CB  1 
ATOM   1196 C CG  . HIS A 1 160 ? 9.762   -9.405  -14.462 1.00 66.72  ? 174 HIS A CG  1 
ATOM   1197 N ND1 . HIS A 1 160 ? 9.913   -10.427 -15.375 1.00 71.56  ? 174 HIS A ND1 1 
ATOM   1198 C CD2 . HIS A 1 160 ? 10.813  -8.572  -14.657 1.00 69.64  ? 174 HIS A CD2 1 
ATOM   1199 C CE1 . HIS A 1 160 ? 10.998  -10.218 -16.098 1.00 70.62  ? 174 HIS A CE1 1 
ATOM   1200 N NE2 . HIS A 1 160 ? 11.565  -9.101  -15.679 1.00 72.72  ? 174 HIS A NE2 1 
ATOM   1201 N N   . ILE A 1 161 ? 5.891   -11.098 -12.405 1.00 44.58  ? 175 ILE A N   1 
ATOM   1202 C CA  . ILE A 1 161 ? 4.876   -11.311 -11.358 1.00 42.93  ? 175 ILE A CA  1 
ATOM   1203 C C   . ILE A 1 161 ? 5.596   -11.904 -10.135 1.00 40.27  ? 175 ILE A C   1 
ATOM   1204 O O   . ILE A 1 161 ? 6.501   -12.724 -10.297 1.00 40.49  ? 175 ILE A O   1 
ATOM   1205 C CB  . ILE A 1 161 ? 3.784   -12.283 -11.880 1.00 45.46  ? 175 ILE A CB  1 
ATOM   1206 C CG1 . ILE A 1 161 ? 2.907   -11.569 -12.922 1.00 49.98  ? 175 ILE A CG1 1 
ATOM   1207 C CG2 . ILE A 1 161 ? 2.919   -12.866 -10.765 1.00 46.81  ? 175 ILE A CG2 1 
ATOM   1208 C CD1 . ILE A 1 161 ? 1.896   -12.481 -13.609 1.00 51.24  ? 175 ILE A CD1 1 
ATOM   1209 N N   . PHE A 1 162 ? 5.195   -11.501 -8.925  1.00 30.21  ? 176 PHE A N   1 
ATOM   1210 C CA  . PHE A 1 162 ? 5.702   -12.101 -7.690  1.00 27.95  ? 176 PHE A CA  1 
ATOM   1211 C C   . PHE A 1 162 ? 4.679   -13.106 -7.164  1.00 27.14  ? 176 PHE A C   1 
ATOM   1212 O O   . PHE A 1 162 ? 3.495   -12.839 -7.225  1.00 28.13  ? 176 PHE A O   1 
ATOM   1213 C CB  . PHE A 1 162 ? 5.921   -11.053 -6.604  1.00 27.02  ? 176 PHE A CB  1 
ATOM   1214 C CG  . PHE A 1 162 ? 6.949   -10.005 -6.930  1.00 27.91  ? 176 PHE A CG  1 
ATOM   1215 C CD1 . PHE A 1 162 ? 7.972   -10.224 -7.870  1.00 29.71  ? 176 PHE A CD1 1 
ATOM   1216 C CD2 . PHE A 1 162 ? 6.914   -8.777  -6.264  1.00 28.29  ? 176 PHE A CD2 1 
ATOM   1217 C CE1 . PHE A 1 162 ? 8.922   -9.237  -8.118  1.00 28.29  ? 176 PHE A CE1 1 
ATOM   1218 C CE2 . PHE A 1 162 ? 7.851   -7.809  -6.531  1.00 28.00  ? 176 PHE A CE2 1 
ATOM   1219 C CZ  . PHE A 1 162 ? 8.860   -8.044  -7.432  1.00 29.09  ? 176 PHE A CZ  1 
ATOM   1220 N N   . GLU A 1 163 ? 5.144   -14.253 -6.670  1.00 28.17  ? 177 GLU A N   1 
ATOM   1221 C CA  . GLU A 1 163 ? 4.290   -15.235 -5.949  1.00 29.91  ? 177 GLU A CA  1 
ATOM   1222 C C   . GLU A 1 163 ? 4.694   -15.352 -4.494  1.00 26.81  ? 177 GLU A C   1 
ATOM   1223 O O   . GLU A 1 163 ? 5.854   -15.637 -4.189  1.00 28.42  ? 177 GLU A O   1 
ATOM   1224 C CB  . GLU A 1 163 ? 4.370   -16.623 -6.570  1.00 35.42  ? 177 GLU A CB  1 
ATOM   1225 C CG  . GLU A 1 163 ? 3.839   -16.673 -7.993  1.00 43.71  ? 177 GLU A CG  1 
ATOM   1226 C CD  . GLU A 1 163 ? 3.479   -18.083 -8.457  1.00 52.87  ? 177 GLU A CD  1 
ATOM   1227 O OE1 . GLU A 1 163 ? 3.882   -19.068 -7.791  1.00 54.47  ? 177 GLU A OE1 1 
ATOM   1228 O OE2 . GLU A 1 163 ? 2.781   -18.189 -9.500  1.00 59.13  ? 177 GLU A OE2 1 
ATOM   1229 N N   . TYR A 1 164 ? 3.757   -15.074 -3.596  1.00 26.39  ? 178 TYR A N   1 
ATOM   1230 C CA  . TYR A 1 164 ? 4.017   -15.146 -2.162  1.00 25.77  ? 178 TYR A CA  1 
ATOM   1231 C C   . TYR A 1 164 ? 3.113   -16.227 -1.573  1.00 25.79  ? 178 TYR A C   1 
ATOM   1232 O O   . TYR A 1 164 ? 1.886   -16.173 -1.737  1.00 27.87  ? 178 TYR A O   1 
ATOM   1233 C CB  . TYR A 1 164 ? 3.728   -13.809 -1.442  1.00 25.41  ? 178 TYR A CB  1 
ATOM   1234 C CG  . TYR A 1 164 ? 3.883   -13.954 0.058   1.00 26.57  ? 178 TYR A CG  1 
ATOM   1235 C CD1 . TYR A 1 164 ? 5.145   -14.099 0.606   1.00 28.25  ? 178 TYR A CD1 1 
ATOM   1236 C CD2 . TYR A 1 164 ? 2.782   -14.018 0.923   1.00 26.49  ? 178 TYR A CD2 1 
ATOM   1237 C CE1 . TYR A 1 164 ? 5.329   -14.278 1.963   1.00 29.72  ? 178 TYR A CE1 1 
ATOM   1238 C CE2 . TYR A 1 164 ? 2.955   -14.170 2.299   1.00 26.29  ? 178 TYR A CE2 1 
ATOM   1239 C CZ  . TYR A 1 164 ? 4.216   -14.339 2.806   1.00 28.39  ? 178 TYR A CZ  1 
ATOM   1240 O OH  . TYR A 1 164 ? 4.452   -14.544 4.152   1.00 33.49  ? 178 TYR A OH  1 
ATOM   1241 N N   . THR A 1 165 ? 3.717   -17.177 -0.864  1.00 27.31  ? 179 THR A N   1 
ATOM   1242 C CA  . THR A 1 165 ? 2.981   -18.213 -0.138  1.00 27.31  ? 179 THR A CA  1 
ATOM   1243 C C   . THR A 1 165 ? 2.978   -17.936 1.370   1.00 27.09  ? 179 THR A C   1 
ATOM   1244 O O   . THR A 1 165 ? 4.039   -17.813 1.974   1.00 29.46  ? 179 THR A O   1 
ATOM   1245 C CB  . THR A 1 165 ? 3.613   -19.604 -0.404  1.00 29.50  ? 179 THR A CB  1 
ATOM   1246 O OG1 . THR A 1 165 ? 3.726   -19.812 -1.823  1.00 29.72  ? 179 THR A OG1 1 
ATOM   1247 C CG2 . THR A 1 165 ? 2.759   -20.738 0.228   1.00 29.48  ? 179 THR A CG2 1 
ATOM   1248 N N   . ASN A 1 166 ? 1.793   -17.841 1.983   1.00 25.49  ? 180 ASN A N   1 
ATOM   1249 C CA  . ASN A 1 166 ? 1.682   -17.605 3.413   1.00 25.91  ? 180 ASN A CA  1 
ATOM   1250 C C   . ASN A 1 166 ? 2.027   -18.913 4.188   1.00 28.67  ? 180 ASN A C   1 
ATOM   1251 O O   . ASN A 1 166 ? 1.345   -19.915 4.020   1.00 27.82  ? 180 ASN A O   1 
ATOM   1252 C CB  . ASN A 1 166 ? 0.262   -17.143 3.716   1.00 28.51  ? 180 ASN A CB  1 
ATOM   1253 C CG  . ASN A 1 166 ? 0.016   -16.830 5.184   1.00 27.47  ? 180 ASN A CG  1 
ATOM   1254 O OD1 . ASN A 1 166 ? 0.860   -17.010 6.056   1.00 30.28  ? 180 ASN A OD1 1 
ATOM   1255 N ND2 . ASN A 1 166 ? -1.180  -16.319 5.449   1.00 30.04  ? 180 ASN A ND2 1 
ATOM   1256 N N   . PRO A 1 167 ? 3.076   -18.900 5.031   1.00 29.06  ? 181 PRO A N   1 
ATOM   1257 C CA  . PRO A 1 167 ? 3.474   -20.139 5.747   1.00 30.20  ? 181 PRO A CA  1 
ATOM   1258 C C   . PRO A 1 167 ? 2.441   -20.628 6.801   1.00 31.15  ? 181 PRO A C   1 
ATOM   1259 O O   . PRO A 1 167 ? 2.478   -21.787 7.189   1.00 32.32  ? 181 PRO A O   1 
ATOM   1260 C CB  . PRO A 1 167 ? 4.809   -19.752 6.410   1.00 31.86  ? 181 PRO A CB  1 
ATOM   1261 C CG  . PRO A 1 167 ? 4.742   -18.268 6.534   1.00 33.68  ? 181 PRO A CG  1 
ATOM   1262 C CD  . PRO A 1 167 ? 3.984   -17.772 5.338   1.00 30.91  ? 181 PRO A CD  1 
ATOM   1263 N N   . GLU A 1 168 ? 1.534   -19.757 7.223   1.00 31.29  ? 182 GLU A N   1 
ATOM   1264 C CA  . GLU A 1 168 ? 0.430   -20.100 8.130   1.00 34.21  ? 182 GLU A CA  1 
ATOM   1265 C C   . GLU A 1 168 ? -0.518  -21.135 7.556   1.00 33.41  ? 182 GLU A C   1 
ATOM   1266 O O   . GLU A 1 168 ? -0.959  -22.032 8.314   1.00 30.41  ? 182 GLU A O   1 
ATOM   1267 C CB  . GLU A 1 168 ? -0.426  -18.871 8.453   1.00 37.84  ? 182 GLU A CB  1 
ATOM   1268 C CG  . GLU A 1 168 ? 0.255   -17.836 9.326   1.00 43.51  ? 182 GLU A CG  1 
ATOM   1269 C CD  . GLU A 1 168 ? 0.547   -18.337 10.718  1.00 48.38  ? 182 GLU A CD  1 
ATOM   1270 O OE1 . GLU A 1 168 ? -0.411  -18.765 11.461  1.00 46.95  ? 182 GLU A OE1 1 
ATOM   1271 O OE2 . GLU A 1 168 ? 1.751   -18.287 11.061  1.00 53.05  ? 182 GLU A OE2 1 
ATOM   1272 N N   . ASP A 1 169 ? -0.826  -20.990 6.255   1.00 30.24  ? 183 ASP A N   1 
ATOM   1273 C CA  . ASP A 1 169 ? -1.835  -21.790 5.581   1.00 29.62  ? 183 ASP A CA  1 
ATOM   1274 C C   . ASP A 1 169 ? -1.536  -22.348 4.189   1.00 28.80  ? 183 ASP A C   1 
ATOM   1275 O O   . ASP A 1 169 ? -2.350  -23.110 3.639   1.00 29.22  ? 183 ASP A O   1 
ATOM   1276 C CB  . ASP A 1 169 ? -3.173  -21.057 5.596   1.00 28.89  ? 183 ASP A CB  1 
ATOM   1277 C CG  . ASP A 1 169 ? -3.179  -19.793 4.731   1.00 34.84  ? 183 ASP A CG  1 
ATOM   1278 O OD1 . ASP A 1 169 ? -2.199  -19.541 3.983   1.00 31.47  ? 183 ASP A OD1 1 
ATOM   1279 O OD2 . ASP A 1 169 ? -4.204  -19.070 4.787   1.00 36.39  ? 183 ASP A OD2 1 
ATOM   1280 N N   . GLY A 1 170 ? -0.373  -22.034 3.613   1.00 30.17  ? 184 GLY A N   1 
ATOM   1281 C CA  . GLY A 1 170 ? -0.019  -22.500 2.262   1.00 27.78  ? 184 GLY A CA  1 
ATOM   1282 C C   . GLY A 1 170 ? -0.658  -21.809 1.072   1.00 29.27  ? 184 GLY A C   1 
ATOM   1283 O O   . GLY A 1 170 ? -0.448  -22.230 -0.088  1.00 29.09  ? 184 GLY A O   1 
ATOM   1284 N N   . VAL A 1 171 ? -1.444  -20.756 1.324   1.00 28.29  ? 185 VAL A N   1 
ATOM   1285 C CA  . VAL A 1 171 ? -2.136  -20.050 0.240   1.00 30.14  ? 185 VAL A CA  1 
ATOM   1286 C C   . VAL A 1 171 ? -1.141  -19.157 -0.505  1.00 31.00  ? 185 VAL A C   1 
ATOM   1287 O O   . VAL A 1 171 ? -0.338  -18.448 0.130   1.00 27.36  ? 185 VAL A O   1 
ATOM   1288 C CB  . VAL A 1 171 ? -3.321  -19.204 0.771   1.00 31.71  ? 185 VAL A CB  1 
ATOM   1289 C CG1 . VAL A 1 171 ? -3.985  -18.413 -0.351  1.00 31.70  ? 185 VAL A CG1 1 
ATOM   1290 C CG2 . VAL A 1 171 ? -4.348  -20.129 1.415   1.00 32.59  ? 185 VAL A CG2 1 
ATOM   1291 N N   . THR A 1 172 ? -1.226  -19.199 -1.830  1.00 30.04  ? 186 THR A N   1 
ATOM   1292 C CA  . THR A 1 172 ? -0.357  -18.410 -2.711  1.00 30.88  ? 186 THR A CA  1 
ATOM   1293 C C   . THR A 1 172 ? -1.128  -17.219 -3.286  1.00 30.05  ? 186 THR A C   1 
ATOM   1294 O O   . THR A 1 172 ? -2.281  -17.329 -3.674  1.00 29.54  ? 186 THR A O   1 
ATOM   1295 C CB  . THR A 1 172 ? 0.290   -19.279 -3.812  1.00 32.10  ? 186 THR A CB  1 
ATOM   1296 O OG1 . THR A 1 172 ? 1.053   -20.329 -3.187  1.00 31.66  ? 186 THR A OG1 1 
ATOM   1297 C CG2 . THR A 1 172 ? 1.231   -18.451 -4.701  1.00 32.66  ? 186 THR A CG2 1 
ATOM   1298 N N   . TYR A 1 173 ? -0.478  -16.060 -3.291  1.00 28.23  ? 187 TYR A N   1 
ATOM   1299 C CA  . TYR A 1 173 ? -1.021  -14.828 -3.859  1.00 27.79  ? 187 TYR A CA  1 
ATOM   1300 C C   . TYR A 1 173 ? -0.054  -14.327 -4.945  1.00 28.86  ? 187 TYR A C   1 
ATOM   1301 O O   . TYR A 1 173 ? 1.184   -14.454 -4.785  1.00 29.28  ? 187 TYR A O   1 
ATOM   1302 C CB  . TYR A 1 173 ? -1.074  -13.769 -2.760  1.00 26.85  ? 187 TYR A CB  1 
ATOM   1303 C CG  . TYR A 1 173 ? -1.982  -14.090 -1.590  1.00 28.09  ? 187 TYR A CG  1 
ATOM   1304 C CD1 . TYR A 1 173 ? -3.323  -13.753 -1.615  1.00 27.46  ? 187 TYR A CD1 1 
ATOM   1305 C CD2 . TYR A 1 173 ? -1.479  -14.726 -0.453  1.00 28.08  ? 187 TYR A CD2 1 
ATOM   1306 C CE1 . TYR A 1 173 ? -4.154  -14.042 -0.535  1.00 29.38  ? 187 TYR A CE1 1 
ATOM   1307 C CE2 . TYR A 1 173 ? -2.288  -15.015 0.636   1.00 29.42  ? 187 TYR A CE2 1 
ATOM   1308 C CZ  . TYR A 1 173 ? -3.633  -14.686 0.598   1.00 30.59  ? 187 TYR A CZ  1 
ATOM   1309 O OH  . TYR A 1 173 ? -4.444  -14.981 1.706   1.00 29.92  ? 187 TYR A OH  1 
ATOM   1310 N N   . GLN A 1 174 ? -0.611  -13.763 -6.026  1.00 27.36  ? 188 GLN A N   1 
ATOM   1311 C CA  . GLN A 1 174 ? 0.155   -13.142 -7.111  1.00 29.09  ? 188 GLN A CA  1 
ATOM   1312 C C   . GLN A 1 174 ? 0.111   -11.622 -6.941  1.00 27.43  ? 188 GLN A C   1 
ATOM   1313 O O   . GLN A 1 174 ? -0.957  -11.063 -6.781  1.00 26.16  ? 188 GLN A O   1 
ATOM   1314 C CB  . GLN A 1 174 ? -0.426  -13.546 -8.483  1.00 32.58  ? 188 GLN A CB  1 
ATOM   1315 C CG  . GLN A 1 174 ? -0.231  -15.021 -8.822  1.00 36.88  ? 188 GLN A CG  1 
ATOM   1316 C CD  . GLN A 1 174 ? -0.639  -15.356 -10.253 1.00 43.60  ? 188 GLN A CD  1 
ATOM   1317 O OE1 . GLN A 1 174 ? -1.483  -14.686 -10.857 1.00 50.35  ? 188 GLN A OE1 1 
ATOM   1318 N NE2 . GLN A 1 174 ? -0.032  -16.402 -10.803 1.00 48.40  ? 188 GLN A NE2 1 
ATOM   1319 N N   . ILE A 1 175 ? 1.278   -10.975 -6.954  1.00 23.75  ? 189 ILE A N   1 
ATOM   1320 C CA  . ILE A 1 175 ? 1.365   -9.521  -6.774  1.00 24.68  ? 189 ILE A CA  1 
ATOM   1321 C C   . ILE A 1 175 ? 2.077   -8.954  -8.017  1.00 25.05  ? 189 ILE A C   1 
ATOM   1322 O O   . ILE A 1 175 ? 3.151   -9.447  -8.377  1.00 25.07  ? 189 ILE A O   1 
ATOM   1323 C CB  . ILE A 1 175 ? 2.141   -9.146  -5.489  1.00 25.59  ? 189 ILE A CB  1 
ATOM   1324 C CG1 . ILE A 1 175 ? 1.621   -9.958  -4.287  1.00 26.49  ? 189 ILE A CG1 1 
ATOM   1325 C CG2 . ILE A 1 175 ? 2.043   -7.648  -5.198  1.00 25.58  ? 189 ILE A CG2 1 
ATOM   1326 C CD1 . ILE A 1 175 ? 2.429   -9.753  -3.018  1.00 26.52  ? 189 ILE A CD1 1 
ATOM   1327 N N   . LYS A 1 176 ? 1.461   -7.966  -8.674  1.00 24.95  ? 190 LYS A N   1 
ATOM   1328 C CA  . LYS A 1 176 ? 2.045   -7.454  -9.925  1.00 26.53  ? 190 LYS A CA  1 
ATOM   1329 C C   . LYS A 1 176 ? 1.788   -5.975  -10.162 1.00 25.53  ? 190 LYS A C   1 
ATOM   1330 O O   . LYS A 1 176 ? 1.148   -5.302  -9.337  1.00 22.51  ? 190 LYS A O   1 
ATOM   1331 C CB  . LYS A 1 176 ? 1.519   -8.297  -11.083 1.00 29.72  ? 190 LYS A CB  1 
ATOM   1332 C CG  . LYS A 1 176 ? 0.057   -8.151  -11.321 1.00 32.94  ? 190 LYS A CG  1 
ATOM   1333 C CD  . LYS A 1 176 ? -0.525  -9.268  -12.218 1.00 38.89  ? 190 LYS A CD  1 
ATOM   1334 C CE  . LYS A 1 176 ? -1.928  -8.840  -12.670 1.00 42.92  ? 190 LYS A CE  1 
ATOM   1335 N NZ  . LYS A 1 176 ? -2.631  -9.788  -13.586 1.00 47.68  ? 190 LYS A NZ  1 
ATOM   1336 N N   . GLY A 1 177 ? 2.324   -5.442  -11.278 1.00 24.60  ? 191 GLY A N   1 
ATOM   1337 C CA  . GLY A 1 177 ? 2.020   -4.064  -11.681 1.00 23.22  ? 191 GLY A CA  1 
ATOM   1338 C C   . GLY A 1 177 ? 2.455   -3.001  -10.654 1.00 21.46  ? 191 GLY A C   1 
ATOM   1339 O O   . GLY A 1 177 ? 3.482   -3.161  -9.990  1.00 21.32  ? 191 GLY A O   1 
ATOM   1340 N N   . MET A 1 178 ? 1.694   -1.906  -10.601 1.00 21.97  ? 192 MET A N   1 
ATOM   1341 C CA  . MET A 1 178 ? 1.983   -0.759  -9.723  1.00 21.71  ? 192 MET A CA  1 
ATOM   1342 C C   . MET A 1 178 ? 2.168   -1.237  -8.291  1.00 21.20  ? 192 MET A C   1 
ATOM   1343 O O   . MET A 1 178 ? 3.051   -0.743  -7.576  1.00 19.21  ? 192 MET A O   1 
ATOM   1344 C CB  . MET A 1 178 ? 0.836   0.255   -9.756  1.00 23.07  ? 192 MET A CB  1 
ATOM   1345 C CG  . MET A 1 178 ? 1.104   1.551   -9.005  1.00 23.39  ? 192 MET A CG  1 
ATOM   1346 S SD  . MET A 1 178 ? -0.404  2.558   -8.849  1.00 26.65  ? 192 MET A SD  1 
ATOM   1347 C CE  . MET A 1 178 ? -1.357  1.600   -7.662  1.00 29.87  ? 192 MET A CE  1 
ATOM   1348 N N   . THR A 1 179 ? 1.315   -2.181  -7.882  1.00 20.38  ? 193 THR A N   1 
ATOM   1349 C CA  . THR A 1 179 ? 1.352   -2.704  -6.480  1.00 19.54  ? 193 THR A CA  1 
ATOM   1350 C C   . THR A 1 179 ? 2.700   -3.342  -6.163  1.00 20.43  ? 193 THR A C   1 
ATOM   1351 O O   . THR A 1 179 ? 3.328   -3.022  -5.138  1.00 18.86  ? 193 THR A O   1 
ATOM   1352 C CB  . THR A 1 179 ? 0.197   -3.693  -6.257  1.00 20.66  ? 193 THR A CB  1 
ATOM   1353 O OG1 . THR A 1 179 ? -1.053  -3.009  -6.492  1.00 19.56  ? 193 THR A OG1 1 
ATOM   1354 C CG2 . THR A 1 179 ? 0.225   -4.250  -4.819  1.00 20.48  ? 193 THR A CG2 1 
ATOM   1355 N N   . ALA A 1 180 ? 3.166   -4.225  -7.042  1.00 19.76  ? 194 ALA A N   1 
ATOM   1356 C CA  . ALA A 1 180 ? 4.517   -4.828  -6.886  1.00 20.08  ? 194 ALA A CA  1 
ATOM   1357 C C   . ALA A 1 180 ? 5.630   -3.801  -6.923  1.00 20.23  ? 194 ALA A C   1 
ATOM   1358 O O   . ALA A 1 180 ? 6.584   -3.835  -6.105  1.00 19.78  ? 194 ALA A O   1 
ATOM   1359 C CB  . ALA A 1 180 ? 4.748   -5.925  -7.923  1.00 21.67  ? 194 ALA A CB  1 
ATOM   1360 N N   . ASN A 1 181 ? 5.520   -2.839  -7.850  1.00 20.03  ? 195 ASN A N   1 
ATOM   1361 C CA  . ASN A 1 181 ? 6.518   -1.786  -7.919  1.00 20.55  ? 195 ASN A CA  1 
ATOM   1362 C C   . ASN A 1 181 ? 6.657   -0.944  -6.665  1.00 17.83  ? 195 ASN A C   1 
ATOM   1363 O O   . ASN A 1 181 ? 7.781   -0.674  -6.221  1.00 17.88  ? 195 ASN A O   1 
ATOM   1364 C CB  . ASN A 1 181 ? 6.326   -0.919  -9.203  1.00 21.92  ? 195 ASN A CB  1 
ATOM   1365 C CG  . ASN A 1 181 ? 6.824   -1.666  -10.442 1.00 25.67  ? 195 ASN A CG  1 
ATOM   1366 O OD1 . ASN A 1 181 ? 7.900   -1.371  -10.943 1.00 38.93  ? 195 ASN A OD1 1 
ATOM   1367 N ND2 . ASN A 1 181 ? 6.135   -2.697  -10.847 1.00 29.30  ? 195 ASN A ND2 1 
ATOM   1368 N N   . LEU A 1 182 ? 5.529   -0.526  -6.079  1.00 18.11  ? 196 LEU A N   1 
ATOM   1369 C CA  . LEU A 1 182 ? 5.546   0.271   -4.858  1.00 18.77  ? 196 LEU A CA  1 
ATOM   1370 C C   . LEU A 1 182 ? 6.081   -0.518  -3.663  1.00 17.66  ? 196 LEU A C   1 
ATOM   1371 O O   . LEU A 1 182 ? 6.772   0.049   -2.791  1.00 17.97  ? 196 LEU A O   1 
ATOM   1372 C CB  . LEU A 1 182 ? 4.147   0.854   -4.540  1.00 18.70  ? 196 LEU A CB  1 
ATOM   1373 C CG  . LEU A 1 182 ? 3.639   1.937   -5.524  1.00 19.85  ? 196 LEU A CG  1 
ATOM   1374 C CD1 . LEU A 1 182 ? 2.173   2.272   -5.278  1.00 20.78  ? 196 LEU A CD1 1 
ATOM   1375 C CD2 . LEU A 1 182 ? 4.483   3.185   -5.398  1.00 21.12  ? 196 LEU A CD2 1 
ATOM   1376 N N   . ALA A 1 183 ? 5.722   -1.798  -3.592  1.00 18.77  ? 197 ALA A N   1 
ATOM   1377 C CA  . ALA A 1 183 ? 6.244   -2.654  -2.496  1.00 18.99  ? 197 ALA A CA  1 
ATOM   1378 C C   . ALA A 1 183 ? 7.772   -2.760  -2.491  1.00 18.47  ? 197 ALA A C   1 
ATOM   1379 O O   . ALA A 1 183 ? 8.408   -2.652  -1.432  1.00 19.26  ? 197 ALA A O   1 
ATOM   1380 C CB  . ALA A 1 183 ? 5.599   -4.053  -2.562  1.00 17.67  ? 197 ALA A CB  1 
ATOM   1381 N N   . VAL A 1 184 ? 8.372   -2.931  -3.677  1.00 18.99  ? 198 VAL A N   1 
ATOM   1382 C CA  . VAL A 1 184 ? 9.838   -2.950  -3.818  1.00 20.11  ? 198 VAL A CA  1 
ATOM   1383 C C   . VAL A 1 184 ? 10.443  -1.624  -3.387  1.00 18.16  ? 198 VAL A C   1 
ATOM   1384 O O   . VAL A 1 184 ? 11.416  -1.585  -2.656  1.00 18.16  ? 198 VAL A O   1 
ATOM   1385 C CB  . VAL A 1 184 ? 10.270  -3.347  -5.260  1.00 20.02  ? 198 VAL A CB  1 
ATOM   1386 C CG1 . VAL A 1 184 ? 11.778  -3.122  -5.459  1.00 21.82  ? 198 VAL A CG1 1 
ATOM   1387 C CG2 . VAL A 1 184 ? 9.874   -4.787  -5.539  1.00 22.39  ? 198 VAL A CG2 1 
ATOM   1388 N N   . LEU A 1 185 ? 9.844   -0.518  -3.822  1.00 17.66  ? 199 LEU A N   1 
ATOM   1389 C CA  . LEU A 1 185 ? 10.307  0.808   -3.448  1.00 17.97  ? 199 LEU A CA  1 
ATOM   1390 C C   . LEU A 1 185 ? 10.376  1.023   -1.922  1.00 18.50  ? 199 LEU A C   1 
ATOM   1391 O O   . LEU A 1 185 ? 11.391  1.473   -1.393  1.00 18.23  ? 199 LEU A O   1 
ATOM   1392 C CB  . LEU A 1 185 ? 9.441   1.906   -4.093  1.00 18.50  ? 199 LEU A CB  1 
ATOM   1393 C CG  . LEU A 1 185 ? 9.729   3.360   -3.714  1.00 21.01  ? 199 LEU A CG  1 
ATOM   1394 C CD1 . LEU A 1 185 ? 11.126  3.793   -4.132  1.00 20.89  ? 199 LEU A CD1 1 
ATOM   1395 C CD2 . LEU A 1 185 ? 8.687   4.298   -4.301  1.00 22.97  ? 199 LEU A CD2 1 
ATOM   1396 N N   . VAL A 1 186 ? 9.280   0.707   -1.212  1.00 17.59  ? 200 VAL A N   1 
ATOM   1397 C CA  . VAL A 1 186 ? 9.246   0.850   0.239   1.00 18.52  ? 200 VAL A CA  1 
ATOM   1398 C C   . VAL A 1 186 ? 10.308  -0.061  0.897   1.00 18.27  ? 200 VAL A C   1 
ATOM   1399 O O   . VAL A 1 186 ? 11.000  0.374   1.818   1.00 19.49  ? 200 VAL A O   1 
ATOM   1400 C CB  . VAL A 1 186 ? 7.824   0.516   0.793   1.00 20.38  ? 200 VAL A CB  1 
ATOM   1401 C CG1 . VAL A 1 186 ? 7.802   0.546   2.318   1.00 22.59  ? 200 VAL A CG1 1 
ATOM   1402 C CG2 . VAL A 1 186 ? 6.863   1.546   0.299   1.00 23.22  ? 200 VAL A CG2 1 
ATOM   1403 N N   . ALA A 1 187 ? 10.429  -1.308  0.419   1.00 17.42  ? 201 ALA A N   1 
ATOM   1404 C CA  . ALA A 1 187 ? 11.459  -2.212  0.958   1.00 18.90  ? 201 ALA A CA  1 
ATOM   1405 C C   . ALA A 1 187 ? 12.883  -1.635  0.787   1.00 19.44  ? 201 ALA A C   1 
ATOM   1406 O O   . ALA A 1 187 ? 13.702  -1.617  1.727   1.00 19.26  ? 201 ALA A O   1 
ATOM   1407 C CB  . ALA A 1 187 ? 11.326  -3.605  0.353   1.00 19.86  ? 201 ALA A CB  1 
ATOM   1408 N N   . PHE A 1 188 ? 13.189  -1.118  -0.404  1.00 19.50  ? 202 PHE A N   1 
ATOM   1409 C CA  . PHE A 1 188 ? 14.505  -0.472  -0.614  1.00 19.38  ? 202 PHE A CA  1 
ATOM   1410 C C   . PHE A 1 188 ? 14.744  0.719   0.353   1.00 19.36  ? 202 PHE A C   1 
ATOM   1411 O O   . PHE A 1 188 ? 15.791  0.828   1.007   1.00 19.53  ? 202 PHE A O   1 
ATOM   1412 C CB  . PHE A 1 188 ? 14.688  0.034   -2.077  1.00 20.04  ? 202 PHE A CB  1 
ATOM   1413 C CG  . PHE A 1 188 ? 14.925  -1.016  -3.139  1.00 21.91  ? 202 PHE A CG  1 
ATOM   1414 C CD1 . PHE A 1 188 ? 15.217  -2.354  -2.867  1.00 22.48  ? 202 PHE A CD1 1 
ATOM   1415 C CD2 . PHE A 1 188 ? 14.888  -0.614  -4.484  1.00 23.26  ? 202 PHE A CD2 1 
ATOM   1416 C CE1 . PHE A 1 188 ? 15.421  -3.266  -3.899  1.00 25.03  ? 202 PHE A CE1 1 
ATOM   1417 C CE2 . PHE A 1 188 ? 15.081  -1.522  -5.510  1.00 24.79  ? 202 PHE A CE2 1 
ATOM   1418 C CZ  . PHE A 1 188 ? 15.370  -2.854  -5.222  1.00 23.71  ? 202 PHE A CZ  1 
ATOM   1419 N N   . ILE A 1 189 ? 13.746  1.611   0.482   1.00 17.93  ? 203 ILE A N   1 
ATOM   1420 C CA  . ILE A 1 189 ? 13.869  2.790   1.314   1.00 19.08  ? 203 ILE A CA  1 
ATOM   1421 C C   . ILE A 1 189 ? 14.177  2.408   2.755   1.00 19.40  ? 203 ILE A C   1 
ATOM   1422 O O   . ILE A 1 189 ? 15.052  2.988   3.372   1.00 19.93  ? 203 ILE A O   1 
ATOM   1423 C CB  . ILE A 1 189 ? 12.586  3.671   1.242   1.00 18.53  ? 203 ILE A CB  1 
ATOM   1424 C CG1 . ILE A 1 189 ? 12.527  4.372   -0.130  1.00 20.44  ? 203 ILE A CG1 1 
ATOM   1425 C CG2 . ILE A 1 189 ? 12.546  4.697   2.349   1.00 18.68  ? 203 ILE A CG2 1 
ATOM   1426 C CD1 . ILE A 1 189 ? 11.168  5.030   -0.417  1.00 20.95  ? 203 ILE A CD1 1 
ATOM   1427 N N   . ILE A 1 190 ? 13.442  1.429   3.278   1.00 18.31  ? 204 ILE A N   1 
ATOM   1428 C CA  . ILE A 1 190 ? 13.519  1.117   4.727   1.00 19.01  ? 204 ILE A CA  1 
ATOM   1429 C C   . ILE A 1 190 ? 14.651  0.140   5.085   1.00 19.08  ? 204 ILE A C   1 
ATOM   1430 O O   . ILE A 1 190 ? 15.248  0.269   6.163   1.00 21.34  ? 204 ILE A O   1 
ATOM   1431 C CB  . ILE A 1 190 ? 12.135  0.599   5.220   1.00 20.24  ? 204 ILE A CB  1 
ATOM   1432 C CG1 . ILE A 1 190 ? 11.073  1.722   5.080   1.00 20.73  ? 204 ILE A CG1 1 
ATOM   1433 C CG2 . ILE A 1 190 ? 12.223  0.033   6.656   1.00 22.08  ? 204 ILE A CG2 1 
ATOM   1434 C CD1 . ILE A 1 190 ? 9.682   1.268   5.439   1.00 23.22  ? 204 ILE A CD1 1 
ATOM   1435 N N   . LEU A 1 191 ? 14.940  -0.810  4.204   1.00 18.53  ? 205 LEU A N   1 
ATOM   1436 C CA  . LEU A 1 191 ? 15.857  -1.924  4.528   1.00 20.45  ? 205 LEU A CA  1 
ATOM   1437 C C   . LEU A 1 191 ? 17.268  -1.847  3.925   1.00 24.23  ? 205 LEU A C   1 
ATOM   1438 O O   . LEU A 1 191 ? 18.155  -2.625  4.341   1.00 22.86  ? 205 LEU A O   1 
ATOM   1439 C CB  . LEU A 1 191 ? 15.211  -3.226  4.132   1.00 19.96  ? 205 LEU A CB  1 
ATOM   1440 C CG  . LEU A 1 191 ? 13.869  -3.536  4.826   1.00 21.47  ? 205 LEU A CG  1 
ATOM   1441 C CD1 . LEU A 1 191 ? 13.327  -4.843  4.278   1.00 22.31  ? 205 LEU A CD1 1 
ATOM   1442 C CD2 . LEU A 1 191 ? 14.033  -3.643  6.334   1.00 23.61  ? 205 LEU A CD2 1 
ATOM   1443 N N   . GLU A 1 192 ? 17.490  -0.968  2.956   1.00 22.92  ? 206 GLU A N   1 
ATOM   1444 C CA  . GLU A 1 192 ? 18.861  -0.860  2.408   1.00 27.74  ? 206 GLU A CA  1 
ATOM   1445 C C   . GLU A 1 192 ? 19.892  -0.424  3.447   1.00 26.68  ? 206 GLU A C   1 
ATOM   1446 O O   . GLU A 1 192 ? 19.624  0.373   4.356   1.00 26.32  ? 206 GLU A O   1 
ATOM   1447 C CB  . GLU A 1 192 ? 18.926  0.062   1.185   1.00 29.28  ? 206 GLU A CB  1 
ATOM   1448 C CG  . GLU A 1 192 ? 18.855  1.521   1.529   1.00 31.90  ? 206 GLU A CG  1 
ATOM   1449 C CD  . GLU A 1 192 ? 19.129  2.466   0.351   1.00 38.87  ? 206 GLU A CD  1 
ATOM   1450 O OE1 . GLU A 1 192 ? 19.703  2.032   -0.690  1.00 39.21  ? 206 GLU A OE1 1 
ATOM   1451 O OE2 . GLU A 1 192 ? 18.786  3.662   0.519   1.00 42.88  ? 206 GLU A OE2 1 
ATOM   1452 N N   . LYS A 1 193 ? 21.108  -0.950  3.284   1.00 30.67  ? 207 LYS A N   1 
ATOM   1453 C CA  . LYS A 1 193 ? 22.254  -0.535  4.086   1.00 35.47  ? 207 LYS A CA  1 
ATOM   1454 C C   . LYS A 1 193 ? 21.954  -0.516  5.573   1.00 35.95  ? 207 LYS A C   1 
ATOM   1455 O O   . LYS A 1 193 ? 21.957  0.542   6.178   1.00 37.92  ? 207 LYS A O   1 
ATOM   1456 C CB  . LYS A 1 193 ? 22.742  0.849   3.648   1.00 41.58  ? 207 LYS A CB  1 
ATOM   1457 C CG  . LYS A 1 193 ? 23.172  0.952   2.193   1.00 48.30  ? 207 LYS A CG  1 
ATOM   1458 C CD  . LYS A 1 193 ? 23.529  2.412   1.881   1.00 54.80  ? 207 LYS A CD  1 
ATOM   1459 C CE  . LYS A 1 193 ? 23.303  2.776   0.418   1.00 58.80  ? 207 LYS A CE  1 
ATOM   1460 N NZ  . LYS A 1 193 ? 23.083  4.244   0.258   1.00 63.34  ? 207 LYS A NZ  1 
ATOM   1461 N N   . LYS A 1 194 ? 21.655  -1.687  6.142   1.00 37.51  ? 208 LYS A N   1 
ATOM   1462 C CA  . LYS A 1 194 ? 21.355  -1.843  7.584   1.00 45.00  ? 208 LYS A CA  1 
ATOM   1463 C C   . LYS A 1 194 ? 22.306  -2.850  8.230   1.00 44.16  ? 208 LYS A C   1 
ATOM   1464 O O   . LYS A 1 194 ? 22.428  -3.968  7.716   1.00 37.49  ? 208 LYS A O   1 
ATOM   1465 C CB  . LYS A 1 194 ? 19.929  -2.367  7.789   1.00 50.00  ? 208 LYS A CB  1 
ATOM   1466 C CG  . LYS A 1 194 ? 18.832  -1.355  7.483   1.00 59.08  ? 208 LYS A CG  1 
ATOM   1467 C CD  . LYS A 1 194 ? 18.095  -0.878  8.726   1.00 62.48  ? 208 LYS A CD  1 
ATOM   1468 C CE  . LYS A 1 194 ? 17.163  -1.959  9.257   1.00 63.53  ? 208 LYS A CE  1 
ATOM   1469 N NZ  . LYS A 1 194 ? 16.165  -1.352  10.174  1.00 63.00  ? 208 LYS A NZ  1 
ATOM   1470 N N   . PRO A 1 195 ? 22.944  -2.482  9.371   1.00 49.57  ? 209 PRO A N   1 
ATOM   1471 C CA  . PRO A 1 195 ? 23.723  -3.499  10.118  1.00 54.04  ? 209 PRO A CA  1 
ATOM   1472 C C   . PRO A 1 195 ? 22.840  -4.653  10.642  1.00 55.99  ? 209 PRO A C   1 
ATOM   1473 O O   . PRO A 1 195 ? 21.644  -4.451  10.867  1.00 55.63  ? 209 PRO A O   1 
ATOM   1474 C CB  . PRO A 1 195 ? 24.332  -2.702  11.289  1.00 54.55  ? 209 PRO A CB  1 
ATOM   1475 C CG  . PRO A 1 195 ? 24.197  -1.255  10.933  1.00 54.83  ? 209 PRO A CG  1 
ATOM   1476 C CD  . PRO A 1 195 ? 23.030  -1.144  9.996   1.00 53.23  ? 209 PRO A CD  1 
ATOM   1477 N N   . THR A 1 196 ? 23.412  -5.847  10.797  1.00 57.32  ? 210 THR A N   1 
ATOM   1478 C CA  . THR A 1 196 ? 22.694  -6.985  11.400  1.00 62.95  ? 210 THR A CA  1 
ATOM   1479 C C   . THR A 1 196 ? 22.999  -7.079  12.900  1.00 67.56  ? 210 THR A C   1 
ATOM   1480 O O   . THR A 1 196 ? 22.097  -6.983  13.734  1.00 73.48  ? 210 THR A O   1 
ATOM   1481 C CB  . THR A 1 196 ? 23.045  -8.324  10.714  1.00 62.08  ? 210 THR A CB  1 
ATOM   1482 O OG1 . THR A 1 196 ? 24.464  -8.541  10.745  1.00 60.64  ? 210 THR A OG1 1 
ATOM   1483 C CG2 . THR A 1 196 ? 22.567  -8.325  9.276   1.00 61.88  ? 210 THR A CG2 1 
HETATM 1484 C C   . ACT B 2 .   ? -4.365  -13.451 -6.386  1.00 50.07  ? 301 ACT A C   1 
HETATM 1485 O O   . ACT B 2 .   ? -4.962  -13.231 -5.311  1.00 56.30  ? 301 ACT A O   1 
HETATM 1486 O OXT . ACT B 2 .   ? -3.410  -14.242 -6.433  1.00 44.23  ? 301 ACT A OXT 1 
HETATM 1487 C CH3 . ACT B 2 .   ? -4.810  -12.737 -7.630  1.00 51.51  ? 301 ACT A CH3 1 
HETATM 1488 C C   . ACT C 2 .   ? -2.063  8.981   14.598  1.00 67.05  ? 302 ACT A C   1 
HETATM 1489 O O   . ACT C 2 .   ? -3.230  9.091   14.154  1.00 68.11  ? 302 ACT A O   1 
HETATM 1490 O OXT . ACT C 2 .   ? -1.701  7.951   15.209  1.00 72.66  ? 302 ACT A OXT 1 
HETATM 1491 C CH3 . ACT C 2 .   ? -1.082  10.099  14.401  1.00 63.04  ? 302 ACT A CH3 1 
HETATM 1492 S S   . DMS D 3 .   ? -10.558 -2.493  14.380  1.00 69.76  ? 303 DMS A S   1 
HETATM 1493 O O   . DMS D 3 .   ? -9.185  -2.817  14.914  1.00 39.31  ? 303 DMS A O   1 
HETATM 1494 C C1  . DMS D 3 .   ? -10.925 -0.820  14.234  1.00 53.48  ? 303 DMS A C1  1 
HETATM 1495 C C2  . DMS D 3 .   ? -10.782 -2.872  12.709  1.00 60.55  ? 303 DMS A C2  1 
HETATM 1496 S S   . DMS E 3 .   ? 1.495   1.649   18.188  1.00 57.97  ? 304 DMS A S   1 
HETATM 1497 O O   . DMS E 3 .   ? 1.349   0.274   17.597  1.00 37.51  ? 304 DMS A O   1 
HETATM 1498 C C1  . DMS E 3 .   ? 1.631   1.607   19.899  1.00 51.60  ? 304 DMS A C1  1 
HETATM 1499 C C2  . DMS E 3 .   ? 3.012   2.318   17.749  1.00 58.63  ? 304 DMS A C2  1 
HETATM 1500 N N1  . H3G F 4 .   ? -6.588  1.565   -11.414 0.49 34.74  ? 305 H3G A N1  1 
HETATM 1501 C C4  . H3G F 4 .   ? -6.515  3.232   -6.417  0.49 28.62  ? 305 H3G A C4  1 
HETATM 1502 C C5  . H3G F 4 .   ? -6.420  1.752   -8.501  0.49 32.53  ? 305 H3G A C5  1 
HETATM 1503 C C6  . H3G F 4 .   ? -6.691  2.958   -9.400  0.49 32.75  ? 305 H3G A C6  1 
HETATM 1504 C C7  . H3G F 4 .   ? -6.092  2.791   -10.784 0.49 33.94  ? 305 H3G A C7  1 
HETATM 1505 C C8  . H3G F 4 .   ? -6.347  0.360   -10.612 0.49 34.30  ? 305 H3G A C8  1 
HETATM 1506 C C10 . H3G F 4 .   ? -7.209  1.481   -12.596 0.49 34.11  ? 305 H3G A C10 1 
HETATM 1507 C C13 . H3G F 4 .   ? -8.556  4.826   -13.745 0.49 32.39  ? 305 H3G A C13 1 
HETATM 1508 C C15 . H3G F 4 .   ? -7.159  3.945   -15.461 0.49 33.65  ? 305 H3G A C15 1 
HETATM 1509 C C1  . H3G F 4 .   ? -8.499  1.878   -7.041  0.49 30.67  ? 305 H3G A C1  1 
HETATM 1510 C C2  . H3G F 4 .   ? -6.965  1.907   -7.046  0.49 30.55  ? 305 H3G A C2  1 
HETATM 1511 C C3  . H3G F 4 .   ? -6.462  0.764   -6.149  0.49 31.70  ? 305 H3G A C3  1 
HETATM 1512 C C9  . H3G F 4 .   ? -6.933  0.506   -9.220  0.49 32.79  ? 305 H3G A C9  1 
HETATM 1513 O O1  . H3G F 4 .   ? -7.620  0.411   -13.028 0.49 34.66  ? 305 H3G A O1  1 
HETATM 1514 C C11 . H3G F 4 .   ? -7.455  2.715   -13.417 0.49 33.22  ? 305 H3G A C11 1 
HETATM 1515 C C12 . H3G F 4 .   ? -8.307  3.713   -12.961 0.49 32.12  ? 305 H3G A C12 1 
HETATM 1516 C C14 . H3G F 4 .   ? -7.978  4.943   -14.988 0.49 32.57  ? 305 H3G A C14 1 
HETATM 1517 C C16 . H3G F 4 .   ? -6.911  2.822   -14.689 0.49 34.00  ? 305 H3G A C16 1 
HETATM 1518 O O   . HOH G 5 .   ? -0.033  21.777  -5.290  1.00 47.09  ? 401 HOH A O   1 
HETATM 1519 O O   . HOH G 5 .   ? 0.870   20.401  -7.746  1.00 32.22  ? 402 HOH A O   1 
HETATM 1520 O O   . HOH G 5 .   ? -3.842  4.441   -21.974 1.00 55.59  ? 403 HOH A O   1 
HETATM 1521 O O   . HOH G 5 .   ? -4.630  21.038  -4.328  1.00 82.74  ? 404 HOH A O   1 
HETATM 1522 O O   . HOH G 5 .   ? -8.478  7.116   -17.887 1.00 49.16  ? 405 HOH A O   1 
HETATM 1523 O O   . HOH G 5 .   ? -12.828 0.831   -1.791  1.00 59.60  ? 406 HOH A O   1 
HETATM 1524 O O   . HOH G 5 .   ? 15.996  -0.659  12.611  1.00 47.53  ? 407 HOH A O   1 
HETATM 1525 O O   . HOH G 5 .   ? -12.138 13.098  -11.997 1.00 39.58  ? 408 HOH A O   1 
HETATM 1526 O O   . HOH G 5 .   ? 9.627   2.692   18.692  1.00 45.75  ? 409 HOH A O   1 
HETATM 1527 O O   . HOH G 5 .   ? -3.705  -16.539 3.681   1.00 40.57  ? 410 HOH A O   1 
HETATM 1528 O O   . HOH G 5 .   ? 11.922  8.883   13.467  1.00 40.44  ? 411 HOH A O   1 
HETATM 1529 O O   . HOH G 5 .   ? 10.374  -0.599  -10.417 1.00 30.71  ? 412 HOH A O   1 
HETATM 1530 O O   . HOH G 5 .   ? -14.117 7.231   -3.620  1.00 41.99  ? 413 HOH A O   1 
HETATM 1531 O O   . HOH G 5 .   ? -1.631  3.331   20.311  1.00 40.27  ? 414 HOH A O   1 
HETATM 1532 O O   . HOH G 5 .   ? 16.970  -12.951 -4.847  1.00 48.39  ? 415 HOH A O   1 
HETATM 1533 O O   . HOH G 5 .   ? 13.100  -0.243  10.612  1.00 34.52  ? 416 HOH A O   1 
HETATM 1534 O O   . HOH G 5 .   ? -3.607  0.669   20.711  1.00 26.57  ? 417 HOH A O   1 
HETATM 1535 O O   . HOH G 5 .   ? 0.101   12.789  -17.531 1.00 26.62  ? 418 HOH A O   1 
HETATM 1536 O O   . HOH G 5 .   ? -15.082 -3.361  7.972   1.00 44.08  ? 419 HOH A O   1 
HETATM 1537 O O   . HOH G 5 .   ? -9.389  8.106   -14.505 1.00 50.91  ? 420 HOH A O   1 
HETATM 1538 O O   . HOH G 5 .   ? -6.329  -1.872  -13.620 1.00 54.30  ? 421 HOH A O   1 
HETATM 1539 O O   . HOH G 5 .   ? -12.485 13.189  -7.936  1.00 44.78  ? 422 HOH A O   1 
HETATM 1540 O O   . HOH G 5 .   ? 21.298  0.076   -1.641  1.00 45.95  ? 423 HOH A O   1 
HETATM 1541 O O   . HOH G 5 .   ? -12.444 12.307  3.726   1.00 30.18  ? 424 HOH A O   1 
HETATM 1542 O O   . HOH G 5 .   ? 12.224  -14.115 0.082   1.00 39.37  ? 425 HOH A O   1 
HETATM 1543 O O   . HOH G 5 .   ? 4.142   -6.758  -13.037 1.00 35.43  ? 426 HOH A O   1 
HETATM 1544 O O   . HOH G 5 .   ? 0.111   -13.748 4.423   1.00 39.75  ? 427 HOH A O   1 
HETATM 1545 O O   . HOH G 5 .   ? -15.952 -10.302 -1.739  1.00 41.58  ? 428 HOH A O   1 
HETATM 1546 O O   . HOH G 5 .   ? 14.922  -10.835 2.039   1.00 39.39  ? 429 HOH A O   1 
HETATM 1547 O O   . HOH G 5 .   ? -8.332  17.454  -10.712 1.00 32.09  ? 430 HOH A O   1 
HETATM 1548 O O   . HOH G 5 .   ? -1.239  -3.010  -9.189  1.00 24.12  ? 431 HOH A O   1 
HETATM 1549 O O   . HOH G 5 .   ? -1.427  -7.120  -8.169  1.00 22.41  ? 432 HOH A O   1 
HETATM 1550 O O   . HOH G 5 .   ? -7.702  -15.087 -1.254  1.00 50.57  ? 433 HOH A O   1 
HETATM 1551 O O   . HOH G 5 .   ? -9.431  0.652   -15.227 1.00 66.15  ? 434 HOH A O   1 
HETATM 1552 O O   . HOH G 5 .   ? 14.517  11.930  8.182   1.00 40.61  ? 435 HOH A O   1 
HETATM 1553 O O   . HOH G 5 .   ? -6.411  -20.287 5.818   1.00 36.54  ? 436 HOH A O   1 
HETATM 1554 O O   . HOH G 5 .   ? 5.521   -18.626 -3.495  1.00 42.90  ? 437 HOH A O   1 
HETATM 1555 O O   . HOH G 5 .   ? 4.436   22.325  -7.138  1.00 36.39  ? 438 HOH A O   1 
HETATM 1556 O O   . HOH G 5 .   ? -17.751 10.085  0.982   1.00 32.67  ? 439 HOH A O   1 
HETATM 1557 O O   . HOH G 5 .   ? 13.579  -1.630  17.606  1.00 38.31  ? 440 HOH A O   1 
HETATM 1558 O O   . HOH G 5 .   ? 2.257   -2.272  14.033  1.00 31.31  ? 441 HOH A O   1 
HETATM 1559 O O   . HOH G 5 .   ? 20.341  -5.701  7.320   1.00 35.45  ? 442 HOH A O   1 
HETATM 1560 O O   . HOH G 5 .   ? 14.580  -12.777 -6.165  1.00 45.61  ? 443 HOH A O   1 
HETATM 1561 O O   . HOH G 5 .   ? -2.366  -4.555  13.337  1.00 39.49  ? 444 HOH A O   1 
HETATM 1562 O O   . HOH G 5 .   ? -5.937  14.670  5.723   1.00 38.68  ? 445 HOH A O   1 
HETATM 1563 O O   . HOH G 5 .   ? -2.086  -5.372  -10.430 1.00 29.07  ? 446 HOH A O   1 
HETATM 1564 O O   . HOH G 5 .   ? -14.990 12.201  4.144   1.00 33.56  ? 447 HOH A O   1 
HETATM 1565 O O   . HOH G 5 .   ? -8.315  5.064   7.914   1.00 30.78  ? 448 HOH A O   1 
HETATM 1566 O O   . HOH G 5 .   ? 3.477   14.367  2.782   1.00 49.88  ? 449 HOH A O   1 
HETATM 1567 O O   . HOH G 5 .   ? 2.431   15.796  -4.422  1.00 37.63  ? 450 HOH A O   1 
HETATM 1568 O O   . HOH G 5 .   ? 15.616  14.289  1.242   1.00 50.22  ? 451 HOH A O   1 
HETATM 1569 O O   . HOH G 5 .   ? -2.524  -17.283 -6.432  1.00 56.02  ? 452 HOH A O   1 
HETATM 1570 O O   . HOH G 5 .   ? 6.307   12.526  8.983   1.00 49.77  ? 453 HOH A O   1 
HETATM 1571 O O   . HOH G 5 .   ? -15.067 -10.090 7.067   1.00 32.50  ? 454 HOH A O   1 
HETATM 1572 O O   . HOH G 5 .   ? -5.402  -7.431  10.584  1.00 46.52  ? 455 HOH A O   1 
HETATM 1573 O O   . HOH G 5 .   ? 16.978  4.803   2.298   1.00 29.78  ? 456 HOH A O   1 
HETATM 1574 O O   . HOH G 5 .   ? -16.782 -0.641  -8.564  1.00 64.14  ? 457 HOH A O   1 
HETATM 1575 O O   . HOH G 5 .   ? -11.436 1.428   -4.680  1.00 37.83  ? 458 HOH A O   1 
HETATM 1576 O O   . HOH G 5 .   ? -14.437 -10.487 2.534   1.00 29.48  ? 459 HOH A O   1 
HETATM 1577 O O   . HOH G 5 .   ? -2.747  18.836  2.749   1.00 47.90  ? 460 HOH A O   1 
HETATM 1578 O O   . HOH G 5 .   ? -5.878  11.498  -4.853  1.00 22.80  ? 461 HOH A O   1 
HETATM 1579 O O   . HOH G 5 .   ? -11.469 8.199   -13.191 1.00 43.85  ? 462 HOH A O   1 
HETATM 1580 O O   . HOH G 5 .   ? -11.753 16.832  -2.495  1.00 25.83  ? 463 HOH A O   1 
HETATM 1581 O O   . HOH G 5 .   ? 7.038   -15.343 4.915   1.00 34.04  ? 464 HOH A O   1 
HETATM 1582 O O   . HOH G 5 .   ? 14.029  -6.736  -5.338  1.00 31.14  ? 465 HOH A O   1 
HETATM 1583 O O   . HOH G 5 .   ? 10.337  0.678   17.234  1.00 36.85  ? 466 HOH A O   1 
HETATM 1584 O O   . HOH G 5 .   ? -4.677  9.518   11.049  1.00 37.48  ? 467 HOH A O   1 
HETATM 1585 O O   . HOH G 5 .   ? -13.919 -0.070  12.128  1.00 42.38  ? 468 HOH A O   1 
HETATM 1586 O O   . HOH G 5 .   ? 14.907  1.288   8.787   1.00 34.27  ? 469 HOH A O   1 
HETATM 1587 O O   . HOH G 5 .   ? 17.849  -4.580  6.373   1.00 28.72  ? 470 HOH A O   1 
HETATM 1588 O O   . HOH G 5 .   ? -2.371  -0.840  -5.220  1.00 20.42  ? 471 HOH A O   1 
HETATM 1589 O O   . HOH G 5 .   ? 4.417   7.385   -13.420 1.00 33.24  ? 472 HOH A O   1 
HETATM 1590 O O   . HOH G 5 .   ? 0.331   14.052  -5.424  1.00 37.44  ? 473 HOH A O   1 
HETATM 1591 O O   . HOH G 5 .   ? -20.752 -4.936  3.303   1.00 49.84  ? 474 HOH A O   1 
HETATM 1592 O O   . HOH G 5 .   ? 2.279   5.644   15.131  1.00 37.92  ? 475 HOH A O   1 
HETATM 1593 O O   . HOH G 5 .   ? 12.691  -15.672 -8.499  1.00 40.62  ? 476 HOH A O   1 
HETATM 1594 O O   . HOH G 5 .   ? -15.468 10.325  -6.263  1.00 44.13  ? 477 HOH A O   1 
HETATM 1595 O O   . HOH G 5 .   ? 5.687   -4.294  -13.209 1.00 42.36  ? 478 HOH A O   1 
HETATM 1596 O O   . HOH G 5 .   ? -7.706  -2.244  -3.103  1.00 73.90  ? 479 HOH A O   1 
HETATM 1597 O O   . HOH G 5 .   ? 24.795  -5.272  6.681   1.00 27.96  ? 480 HOH A O   1 
HETATM 1598 O O   . HOH G 5 .   ? -13.637 8.304   10.648  1.00 55.55  ? 481 HOH A O   1 
HETATM 1599 O O   . HOH G 5 .   ? -1.846  10.548  10.324  1.00 34.89  ? 482 HOH A O   1 
HETATM 1600 O O   . HOH G 5 .   ? -2.878  -9.614  -8.396  1.00 29.78  ? 483 HOH A O   1 
HETATM 1601 O O   . HOH G 5 .   ? -12.872 4.534   -6.005  1.00 32.14  ? 484 HOH A O   1 
HETATM 1602 O O   . HOH G 5 .   ? 16.749  5.625   10.022  1.00 43.79  ? 485 HOH A O   1 
HETATM 1603 O O   . HOH G 5 .   ? -2.836  16.080  -8.963  1.00 23.75  ? 486 HOH A O   1 
HETATM 1604 O O   . HOH G 5 .   ? -3.896  11.892  -6.805  1.00 20.84  ? 487 HOH A O   1 
HETATM 1605 O O   . HOH G 5 .   ? -10.557 10.687  5.455   1.00 25.91  ? 488 HOH A O   1 
HETATM 1606 O O   . HOH G 5 .   ? -4.386  -2.790  -12.147 1.00 39.63  ? 489 HOH A O   1 
HETATM 1607 O O   . HOH G 5 .   ? 0.068   4.149   14.331  1.00 31.53  ? 490 HOH A O   1 
HETATM 1608 O O   . HOH G 5 .   ? -11.464 -2.820  -3.074  1.00 35.53  ? 491 HOH A O   1 
HETATM 1609 O O   . HOH G 5 .   ? -4.838  18.514  -3.631  1.00 49.53  ? 492 HOH A O   1 
HETATM 1610 O O   . HOH G 5 .   ? 10.482  -7.793  6.948   1.00 24.40  ? 493 HOH A O   1 
HETATM 1611 O O   . HOH G 5 .   ? -5.893  12.634  -22.275 1.00 43.08  ? 494 HOH A O   1 
HETATM 1612 O O   . HOH G 5 .   ? -6.282  0.312   17.968  1.00 33.63  ? 495 HOH A O   1 
HETATM 1613 O O   . HOH G 5 .   ? -6.784  -6.082  19.125  1.00 58.78  ? 496 HOH A O   1 
HETATM 1614 O O   . HOH G 5 .   ? -10.461 13.646  -9.589  1.00 30.21  ? 497 HOH A O   1 
HETATM 1615 O O   . HOH G 5 .   ? 6.691   -17.238 -0.661  1.00 34.35  ? 498 HOH A O   1 
HETATM 1616 O O   . HOH G 5 .   ? -7.262  18.505  -17.291 1.00 41.40  ? 499 HOH A O   1 
HETATM 1617 O O   . HOH G 5 .   ? -16.066 3.577   6.510   1.00 42.69  ? 500 HOH A O   1 
HETATM 1618 O O   . HOH G 5 .   ? -14.863 5.688   5.380   1.00 32.74  ? 501 HOH A O   1 
HETATM 1619 O O   . HOH G 5 .   ? -0.439  -1.805  -12.713 1.00 33.35  ? 502 HOH A O   1 
HETATM 1620 O O   . HOH G 5 .   ? -13.492 0.228   -8.690  1.00 55.43  ? 503 HOH A O   1 
HETATM 1621 O O   . HOH G 5 .   ? 11.106  -10.433 7.498   1.00 33.22  ? 504 HOH A O   1 
HETATM 1622 O O   . HOH G 5 .   ? -1.799  4.775   15.878  1.00 48.36  ? 505 HOH A O   1 
HETATM 1623 O O   . HOH G 5 .   ? -3.543  16.978  -1.464  1.00 30.56  ? 506 HOH A O   1 
HETATM 1624 O O   . HOH G 5 .   ? -3.190  -21.160 -3.104  1.00 40.19  ? 507 HOH A O   1 
HETATM 1625 O O   . HOH G 5 .   ? -2.253  -5.847  23.205  1.00 42.41  ? 508 HOH A O   1 
HETATM 1626 O O   . HOH G 5 .   ? -13.286 6.415   14.909  1.00 52.40  ? 509 HOH A O   1 
HETATM 1627 O O   . HOH G 5 .   ? 5.700   -13.184 8.866   1.00 46.46  ? 510 HOH A O   1 
HETATM 1628 O O   . HOH G 5 .   ? -2.410  15.069  1.467   1.00 26.11  ? 511 HOH A O   1 
HETATM 1629 O O   . HOH G 5 .   ? 11.809  -5.457  8.996   1.00 27.14  ? 512 HOH A O   1 
HETATM 1630 O O   . HOH G 5 .   ? -15.751 -1.064  6.974   1.00 36.76  ? 513 HOH A O   1 
HETATM 1631 O O   . HOH G 5 .   ? -6.778  15.335  -17.218 1.00 53.10  ? 514 HOH A O   1 
HETATM 1632 O O   . HOH G 5 .   ? -1.906  -12.611 6.647   1.00 22.44  ? 515 HOH A O   1 
HETATM 1633 O O   . HOH G 5 .   ? -6.245  19.690  -1.423  1.00 51.39  ? 516 HOH A O   1 
HETATM 1634 O O   . HOH G 5 .   ? -6.782  19.029  -9.131  1.00 45.63  ? 517 HOH A O   1 
HETATM 1635 O O   . HOH G 5 .   ? -2.885  -16.041 8.045   1.00 40.57  ? 518 HOH A O   1 
HETATM 1636 O O   . HOH G 5 .   ? -0.304  4.291   -18.886 1.00 41.27  ? 519 HOH A O   1 
HETATM 1637 O O   . HOH G 5 .   ? 3.447   6.651   -17.285 1.00 37.76  ? 520 HOH A O   1 
HETATM 1638 O O   . HOH G 5 .   ? 13.002  12.349  10.559  1.00 54.01  ? 521 HOH A O   1 
HETATM 1639 O O   . HOH G 5 .   ? -5.070  14.308  -20.442 1.00 34.16  ? 522 HOH A O   1 
HETATM 1640 O O   . HOH G 5 .   ? 24.650  -11.219 9.086   1.00 41.91  ? 523 HOH A O   1 
HETATM 1641 O O   . HOH G 5 .   ? 13.257  -2.920  10.241  1.00 46.15  ? 524 HOH A O   1 
HETATM 1642 O O   . HOH G 5 .   ? 16.819  -6.459  -4.619  1.00 53.17  ? 525 HOH A O   1 
HETATM 1643 O O   . HOH G 5 .   ? -15.581 -11.417 -4.390  1.00 43.38  ? 526 HOH A O   1 
HETATM 1644 O O   . HOH G 5 .   ? 17.936  9.300   1.104   1.00 47.69  ? 527 HOH A O   1 
HETATM 1645 O O   . HOH G 5 .   ? -3.533  -11.055 -10.601 1.00 54.19  ? 528 HOH A O   1 
HETATM 1646 O O   . HOH G 5 .   ? -13.719 15.297  -6.126  1.00 42.86  ? 529 HOH A O   1 
HETATM 1647 O O   . HOH G 5 .   ? 26.332  -5.780  9.034   1.00 49.74  ? 530 HOH A O   1 
HETATM 1648 O O   . HOH G 5 .   ? -10.815 7.398   15.057  1.00 50.13  ? 531 HOH A O   1 
HETATM 1649 O O   . HOH G 5 .   ? -0.675  -6.565  20.036  1.00 50.16  ? 532 HOH A O   1 
HETATM 1650 O O   . HOH G 5 .   ? -6.924  18.728  -6.620  1.00 60.51  ? 533 HOH A O   1 
HETATM 1651 O O   . HOH G 5 .   ? 27.573  -8.039  9.079   1.00 42.23  ? 534 HOH A O   1 
HETATM 1652 O O   . HOH G 5 .   ? -14.070 8.169   6.660   1.00 50.07  ? 535 HOH A O   1 
HETATM 1653 O O   . HOH G 5 .   ? 1.335   -25.083 4.515   1.00 51.09  ? 536 HOH A O   1 
HETATM 1654 O O   . HOH G 5 .   ? -12.928 -12.071 4.224   1.00 29.61  ? 537 HOH A O   1 
HETATM 1655 O O   . HOH G 5 .   ? 17.240  2.759   9.634   1.00 55.63  ? 538 HOH A O   1 
HETATM 1656 O O   . HOH G 5 .   ? -5.850  19.825  5.269   1.00 65.51  ? 539 HOH A O   1 
HETATM 1657 O O   . HOH G 5 .   ? 20.338  -12.528 -4.791  1.00 57.68  ? 540 HOH A O   1 
HETATM 1658 O O   . HOH G 5 .   ? -10.013 16.289  -9.108  1.00 45.20  ? 541 HOH A O   1 
HETATM 1659 O O   . HOH G 5 .   ? 4.156   -21.070 10.601  1.00 55.11  ? 542 HOH A O   1 
HETATM 1660 O O   . HOH G 5 .   ? 0.477   -6.044  -14.445 1.00 50.04  ? 543 HOH A O   1 
HETATM 1661 O O   . HOH G 5 .   ? -0.436  15.526  -0.745  1.00 40.93  ? 544 HOH A O   1 
HETATM 1662 O O   . HOH G 5 .   ? -17.762 7.314   0.585   1.00 44.10  ? 545 HOH A O   1 
HETATM 1663 O O   . HOH G 5 .   ? 10.879  -12.596 4.499   1.00 46.81  ? 546 HOH A O   1 
HETATM 1664 O O   . HOH G 5 .   ? 13.941  13.997  6.506   1.00 56.91  ? 547 HOH A O   1 
HETATM 1665 O O   . HOH G 5 .   ? 17.528  7.988   8.123   1.00 51.01  ? 548 HOH A O   1 
HETATM 1666 O O   . HOH G 5 .   ? -16.805 6.511   3.729   1.00 44.76  ? 549 HOH A O   1 
HETATM 1667 O O   . HOH G 5 .   ? -6.220  7.115   20.414  1.00 39.90  ? 550 HOH A O   1 
HETATM 1668 O O   . HOH G 5 .   ? -2.639  1.253   -11.162 1.00 41.35  ? 551 HOH A O   1 
HETATM 1669 O O   . HOH G 5 .   ? -1.260  -5.067  -12.944 1.00 35.95  ? 552 HOH A O   1 
HETATM 1670 O O   . HOH G 5 .   ? 1.849   13.112  4.113   1.00 43.46  ? 553 HOH A O   1 
HETATM 1671 O O   . HOH G 5 .   ? -4.508  -1.579  -8.226  1.00 51.53  ? 554 HOH A O   1 
HETATM 1672 O O   . HOH G 5 .   ? 7.180   -15.099 7.870   1.00 48.91  ? 555 HOH A O   1 
HETATM 1673 O O   . HOH G 5 .   ? -3.137  -1.110  -10.363 1.00 33.25  ? 556 HOH A O   1 
HETATM 1674 O O   . HOH G 5 .   ? 9.105   -13.735 3.512   1.00 36.39  ? 557 HOH A O   1 
HETATM 1675 O O   . HOH G 5 .   ? 1.420   -2.517  -15.071 1.00 53.86  ? 558 HOH A O   1 
HETATM 1676 O O   . HOH G 5 .   ? 2.528   2.135   -12.685 1.00 51.93  ? 559 HOH A O   1 
HETATM 1677 O O   . HOH G 5 .   ? -19.001 -0.429  -12.745 1.00 73.87  ? 560 HOH A O   1 
HETATM 1678 O O   . HOH G 5 .   ? -0.362  14.541  3.915   1.00 48.54  ? 561 HOH A O   1 
HETATM 1679 O O   . HOH G 5 .   ? 10.727  -15.254 1.468   1.00 49.88  ? 562 HOH A O   1 
HETATM 1680 O O   . HOH G 5 .   ? 16.506  -9.318  4.403   1.00 40.97  ? 563 HOH A O   1 
HETATM 1681 O O   . HOH G 5 .   ? 14.016  -7.332  7.697   1.00 40.30  ? 564 HOH A O   1 
HETATM 1682 O O   . HOH G 5 .   ? 13.785  -10.570 7.791   1.00 42.77  ? 565 HOH A O   1 
HETATM 1683 O O   . HOH G 5 .   ? 16.016  -7.029  5.764   1.00 30.57  ? 566 HOH A O   1 
HETATM 1684 O O   . HOH G 5 .   ? -3.363  12.327  7.285   1.00 46.81  ? 567 HOH A O   1 
HETATM 1685 O O   . HOH G 5 .   ? 15.565  -11.248 6.023   1.00 37.97  ? 568 HOH A O   1 
# 
loop_
_pdbx_poly_seq_scheme.asym_id 
_pdbx_poly_seq_scheme.entity_id 
_pdbx_poly_seq_scheme.seq_id 
_pdbx_poly_seq_scheme.mon_id 
_pdbx_poly_seq_scheme.ndb_seq_num 
_pdbx_poly_seq_scheme.pdb_seq_num 
_pdbx_poly_seq_scheme.auth_seq_num 
_pdbx_poly_seq_scheme.pdb_mon_id 
_pdbx_poly_seq_scheme.auth_mon_id 
_pdbx_poly_seq_scheme.pdb_strand_id 
_pdbx_poly_seq_scheme.pdb_ins_code 
_pdbx_poly_seq_scheme.hetero 
A 1 1   SER 1   15  15  SER SER A . n 
A 1 2   MET 2   16  16  MET MET A . n 
A 1 3   LEU 3   17  17  LEU LEU A . n 
A 1 4   ASP 4   18  18  ASP ASP A . n 
A 1 5   ASP 5   19  19  ASP ASP A . n 
A 1 6   ALA 6   20  20  ALA ALA A . n 
A 1 7   LYS 7   21  21  LYS LYS A . n 
A 1 8   ALA 8   22  22  ALA ALA A . n 
A 1 9   ARG 9   23  23  ARG ARG A . n 
A 1 10  LEU 10  24  24  LEU LEU A . n 
A 1 11  ARG 11  25  25  ARG ARG A . n 
A 1 12  LYS 12  26  26  LYS LYS A . n 
A 1 13  TYR 13  27  27  TYR TYR A . n 
A 1 14  ASP 14  28  28  ASP ASP A . n 
A 1 15  ILE 15  29  29  ILE ILE A . n 
A 1 16  GLY 16  30  30  GLY GLY A . n 
A 1 17  GLY 17  31  31  GLY GLY A . n 
A 1 18  LYS 18  32  32  LYS LYS A . n 
A 1 19  TYR 19  33  33  TYR TYR A . n 
A 1 20  SER 20  34  34  SER SER A . n 
A 1 21  HIS 21  35  35  HIS HIS A . n 
A 1 22  LEU 22  36  36  LEU LEU A . n 
A 1 23  PRO 23  37  37  PRO PRO A . n 
A 1 24  TYR 24  38  38  TYR TYR A . n 
A 1 25  ASN 25  39  39  ASN ASN A . n 
A 1 26  LYS 26  40  40  LYS LYS A . n 
A 1 27  TYR 27  41  41  TYR TYR A . n 
A 1 28  SER 28  42  42  SER SER A . n 
A 1 29  VAL 29  43  43  VAL VAL A . n 
A 1 30  LEU 30  44  44  LEU LEU A . n 
A 1 31  LEU 31  45  45  LEU LEU A . n 
A 1 32  PRO 32  46  46  PRO PRO A . n 
A 1 33  LEU 33  47  47  LEU LEU A . n 
A 1 34  VAL 34  48  48  VAL VAL A . n 
A 1 35  ALA 35  49  49  ALA ALA A . n 
A 1 36  LYS 36  50  50  LYS LYS A . n 
A 1 37  GLU 37  51  51  GLU GLU A . n 
A 1 38  GLY 38  52  52  GLY GLY A . n 
A 1 39  LYS 39  53  53  LYS LYS A . n 
A 1 40  LEU 40  54  54  LEU LEU A . n 
A 1 41  HIS 41  55  55  HIS HIS A . n 
A 1 42  LEU 42  56  56  LEU LEU A . n 
A 1 43  LEU 43  57  57  LEU LEU A . n 
A 1 44  PHE 44  58  58  PHE PHE A . n 
A 1 45  THR 45  59  59  THR THR A . n 
A 1 46  VAL 46  60  60  VAL VAL A . n 
A 1 47  ARG 47  61  61  ARG ARG A . n 
A 1 48  SER 48  62  62  SER SER A . n 
A 1 49  GLU 49  63  63  GLU GLU A . n 
A 1 50  LYS 50  64  64  LYS LYS A . n 
A 1 51  LEU 51  65  65  LEU LEU A . n 
A 1 52  ARG 52  66  66  ARG ARG A . n 
A 1 53  ARG 53  67  67  ARG ARG A . n 
A 1 54  ALA 54  68  68  ALA ALA A . n 
A 1 55  PRO 55  69  69  PRO PRO A . n 
A 1 56  GLY 56  70  70  GLY GLY A . n 
A 1 57  GLU 57  71  71  GLU GLU A . n 
A 1 58  VAL 58  72  72  VAL VAL A . n 
A 1 59  CYS 59  73  73  CYS CYS A . n 
A 1 60  PHE 60  74  74  PHE PHE A . n 
A 1 61  PRO 61  75  75  PRO PRO A . n 
A 1 62  GLY 62  76  76  GLY GLY A . n 
A 1 63  GLY 63  77  77  GLY GLY A . n 
A 1 64  LYS 64  78  78  LYS LYS A . n 
A 1 65  ARG 65  79  79  ARG ARG A . n 
A 1 66  ASP 66  80  80  ASP ASP A . n 
A 1 67  PRO 67  81  81  PRO PRO A . n 
A 1 68  THR 68  82  82  THR THR A . n 
A 1 69  ASP 69  83  83  ASP ASP A . n 
A 1 70  MET 70  84  84  MET MET A . n 
A 1 71  ASP 71  85  85  ASP ASP A . n 
A 1 72  ASP 72  86  86  ASP ASP A . n 
A 1 73  ALA 73  87  87  ALA ALA A . n 
A 1 74  ALA 74  88  88  ALA ALA A . n 
A 1 75  THR 75  89  89  THR THR A . n 
A 1 76  ALA 76  90  90  ALA ALA A . n 
A 1 77  LEU 77  91  91  LEU LEU A . n 
A 1 78  ARG 78  92  92  ARG ARG A . n 
A 1 79  GLU 79  93  93  GLU GLU A . n 
A 1 80  ALA 80  94  94  ALA ALA A . n 
A 1 81  GLN 81  95  95  GLN GLN A . n 
A 1 82  GLU 82  96  96  GLU GLU A . n 
A 1 83  GLU 83  97  97  GLU GLU A . n 
A 1 84  VAL 84  98  98  VAL VAL A . n 
A 1 85  GLY 85  99  99  GLY GLY A . n 
A 1 86  LEU 86  100 100 LEU LEU A . n 
A 1 87  ARG 87  101 101 ARG ARG A . n 
A 1 88  HYP 88  102 102 HYP HYP A . n 
A 1 89  HIS 89  103 103 HIS HIS A . n 
A 1 90  GLN 90  104 104 GLN GLN A . n 
A 1 91  VAL 91  105 105 VAL VAL A . n 
A 1 92  GLU 92  106 106 GLU GLU A . n 
A 1 93  VAL 93  107 107 VAL VAL A . n 
A 1 94  VAL 94  108 108 VAL VAL A . n 
A 1 95  CSO 95  109 109 CSO CSO A . n 
A 1 96  CYS 96  110 110 CYS CYS A . n 
A 1 97  LEU 97  111 111 LEU LEU A . n 
A 1 98  VAL 98  112 112 VAL VAL A . n 
A 1 99  PRO 99  113 113 PRO PRO A . n 
A 1 100 CYS 100 114 114 CYS CYS A . n 
A 1 101 LEU 101 115 115 LEU LEU A . n 
A 1 102 ILE 102 116 116 ILE ILE A . n 
A 1 103 ASP 103 117 117 ASP ASP A . n 
A 1 104 THR 104 118 118 THR THR A . n 
A 1 105 ASP 105 119 119 ASP ASP A . n 
A 1 106 THR 106 120 120 THR THR A . n 
A 1 107 LEU 107 121 121 LEU LEU A . n 
A 1 108 ILE 108 122 122 ILE ILE A . n 
A 1 109 THR 109 123 123 THR THR A . n 
A 1 110 PRO 110 124 124 PRO PRO A . n 
A 1 111 PHE 111 125 125 PHE PHE A . n 
A 1 112 VAL 112 126 126 VAL VAL A . n 
A 1 113 GLY 113 127 127 GLY GLY A . n 
A 1 114 LEU 114 128 128 LEU LEU A . n 
A 1 115 ILE 115 129 129 ILE ILE A . n 
A 1 116 ASP 116 130 130 ASP ASP A . n 
A 1 117 HIS 117 131 131 HIS HIS A . n 
A 1 118 ASN 118 132 132 ASN ASN A . n 
A 1 119 PHE 119 133 133 PHE PHE A . n 
A 1 120 GLN 120 134 134 GLN GLN A . n 
A 1 121 ALA 121 135 135 ALA ALA A . n 
A 1 122 GLN 122 136 136 GLN GLN A . n 
A 1 123 PRO 123 137 137 PRO PRO A . n 
A 1 124 ASN 124 138 138 ASN ASN A . n 
A 1 125 PRO 125 139 139 PRO PRO A . n 
A 1 126 ALA 126 140 140 ALA ALA A . n 
A 1 127 GLU 127 141 141 GLU GLU A . n 
A 1 128 VAL 128 142 142 VAL VAL A . n 
A 1 129 LYS 129 143 143 LYS LYS A . n 
A 1 130 ASP 130 144 144 ASP ASP A . n 
A 1 131 VAL 131 145 145 VAL VAL A . n 
A 1 132 PHE 132 146 146 PHE PHE A . n 
A 1 133 LEU 133 147 147 LEU LEU A . n 
A 1 134 VAL 134 148 148 VAL VAL A . n 
A 1 135 PRO 135 149 149 PRO PRO A . n 
A 1 136 LEU 136 150 150 LEU LEU A . n 
A 1 137 ALA 137 151 151 ALA ALA A . n 
A 1 138 TYR 138 152 152 TYR TYR A . n 
A 1 139 PHE 139 153 153 PHE PHE A . n 
A 1 140 LEU 140 154 154 LEU LEU A . n 
A 1 141 HIS 141 155 155 HIS HIS A . n 
A 1 142 PRO 142 156 156 PRO PRO A . n 
A 1 143 GLN 143 157 157 GLN GLN A . n 
A 1 144 VAL 144 158 158 VAL VAL A . n 
A 1 145 HIS 145 159 159 HIS HIS A . n 
A 1 146 ASP 146 160 160 ASP ASP A . n 
A 1 147 GLN 147 161 161 GLN GLN A . n 
A 1 148 HIS 148 162 ?   ?   ?   A . n 
A 1 149 TYR 149 163 ?   ?   ?   A . n 
A 1 150 VAL 150 164 ?   ?   ?   A . n 
A 1 151 THR 151 165 ?   ?   ?   A . n 
A 1 152 ARG 152 166 ?   ?   ?   A . n 
A 1 153 LEU 153 167 ?   ?   ?   A . n 
A 1 154 GLY 154 168 ?   ?   ?   A . n 
A 1 155 HIS 155 169 ?   ?   ?   A . n 
A 1 156 ARG 156 170 ?   ?   ?   A . n 
A 1 157 PHE 157 171 ?   ?   ?   A . n 
A 1 158 ILE 158 172 172 ILE ILE A . n 
A 1 159 ASN 159 173 173 ASN ASN A . n 
A 1 160 HIS 160 174 174 HIS HIS A . n 
A 1 161 ILE 161 175 175 ILE ILE A . n 
A 1 162 PHE 162 176 176 PHE PHE A . n 
A 1 163 GLU 163 177 177 GLU GLU A . n 
A 1 164 TYR 164 178 178 TYR TYR A . n 
A 1 165 THR 165 179 179 THR THR A . n 
A 1 166 ASN 166 180 180 ASN ASN A . n 
A 1 167 PRO 167 181 181 PRO PRO A . n 
A 1 168 GLU 168 182 182 GLU GLU A . n 
A 1 169 ASP 169 183 183 ASP ASP A . n 
A 1 170 GLY 170 184 184 GLY GLY A . n 
A 1 171 VAL 171 185 185 VAL VAL A . n 
A 1 172 THR 172 186 186 THR THR A . n 
A 1 173 TYR 173 187 187 TYR TYR A . n 
A 1 174 GLN 174 188 188 GLN GLN A . n 
A 1 175 ILE 175 189 189 ILE ILE A . n 
A 1 176 LYS 176 190 190 LYS LYS A . n 
A 1 177 GLY 177 191 191 GLY GLY A . n 
A 1 178 MET 178 192 192 MET MET A . n 
A 1 179 THR 179 193 193 THR THR A . n 
A 1 180 ALA 180 194 194 ALA ALA A . n 
A 1 181 ASN 181 195 195 ASN ASN A . n 
A 1 182 LEU 182 196 196 LEU LEU A . n 
A 1 183 ALA 183 197 197 ALA ALA A . n 
A 1 184 VAL 184 198 198 VAL VAL A . n 
A 1 185 LEU 185 199 199 LEU LEU A . n 
A 1 186 VAL 186 200 200 VAL VAL A . n 
A 1 187 ALA 187 201 201 ALA ALA A . n 
A 1 188 PHE 188 202 202 PHE PHE A . n 
A 1 189 ILE 189 203 203 ILE ILE A . n 
A 1 190 ILE 190 204 204 ILE ILE A . n 
A 1 191 LEU 191 205 205 LEU LEU A . n 
A 1 192 GLU 192 206 206 GLU GLU A . n 
A 1 193 LYS 193 207 207 LYS LYS A . n 
A 1 194 LYS 194 208 208 LYS LYS A . n 
A 1 195 PRO 195 209 209 PRO PRO A . n 
A 1 196 THR 196 210 210 THR THR A . n 
# 
loop_
_pdbx_nonpoly_scheme.asym_id 
_pdbx_nonpoly_scheme.entity_id 
_pdbx_nonpoly_scheme.mon_id 
_pdbx_nonpoly_scheme.ndb_seq_num 
_pdbx_nonpoly_scheme.pdb_seq_num 
_pdbx_nonpoly_scheme.auth_seq_num 
_pdbx_nonpoly_scheme.pdb_mon_id 
_pdbx_nonpoly_scheme.auth_mon_id 
_pdbx_nonpoly_scheme.pdb_strand_id 
_pdbx_nonpoly_scheme.pdb_ins_code 
B 2 ACT 1   301 1   ACT ACT A . 
C 2 ACT 1   302 2   ACT ACT A . 
D 3 DMS 1   303 1   DMS DMS A . 
E 3 DMS 1   304 2   DMS DMS A . 
F 4 H3G 1   305 1   H3G LIG A . 
G 5 HOH 1   401 202 HOH HOH A . 
G 5 HOH 2   402 9   HOH HOH A . 
G 5 HOH 3   403 162 HOH HOH A . 
G 5 HOH 4   404 203 HOH HOH A . 
G 5 HOH 5   405 209 HOH HOH A . 
G 5 HOH 6   406 196 HOH HOH A . 
G 5 HOH 7   407 166 HOH HOH A . 
G 5 HOH 8   408 140 HOH HOH A . 
G 5 HOH 9   409 199 HOH HOH A . 
G 5 HOH 10  410 134 HOH HOH A . 
G 5 HOH 11  411 113 HOH HOH A . 
G 5 HOH 12  412 64  HOH HOH A . 
G 5 HOH 13  413 79  HOH HOH A . 
G 5 HOH 14  414 143 HOH HOH A . 
G 5 HOH 15  415 167 HOH HOH A . 
G 5 HOH 16  416 101 HOH HOH A . 
G 5 HOH 17  417 13  HOH HOH A . 
G 5 HOH 18  418 53  HOH HOH A . 
G 5 HOH 19  419 69  HOH HOH A . 
G 5 HOH 20  420 208 HOH HOH A . 
G 5 HOH 21  421 211 HOH HOH A . 
G 5 HOH 22  422 157 HOH HOH A . 
G 5 HOH 23  423 94  HOH HOH A . 
G 5 HOH 24  424 6   HOH HOH A . 
G 5 HOH 25  425 117 HOH HOH A . 
G 5 HOH 26  426 124 HOH HOH A . 
G 5 HOH 27  427 179 HOH HOH A . 
G 5 HOH 28  428 48  HOH HOH A . 
G 5 HOH 29  429 197 HOH HOH A . 
G 5 HOH 30  430 36  HOH HOH A . 
G 5 HOH 31  431 20  HOH HOH A . 
G 5 HOH 32  432 97  HOH HOH A . 
G 5 HOH 33  433 80  HOH HOH A . 
G 5 HOH 34  434 210 HOH HOH A . 
G 5 HOH 35  435 109 HOH HOH A . 
G 5 HOH 36  436 116 HOH HOH A . 
G 5 HOH 37  437 158 HOH HOH A . 
G 5 HOH 38  438 25  HOH HOH A . 
G 5 HOH 39  439 26  HOH HOH A . 
G 5 HOH 40  440 137 HOH HOH A . 
G 5 HOH 41  441 108 HOH HOH A . 
G 5 HOH 42  442 24  HOH HOH A . 
G 5 HOH 43  443 118 HOH HOH A . 
G 5 HOH 44  444 58  HOH HOH A . 
G 5 HOH 45  445 34  HOH HOH A . 
G 5 HOH 46  446 18  HOH HOH A . 
G 5 HOH 47  447 19  HOH HOH A . 
G 5 HOH 48  448 39  HOH HOH A . 
G 5 HOH 49  449 62  HOH HOH A . 
G 5 HOH 50  450 38  HOH HOH A . 
G 5 HOH 51  451 146 HOH HOH A . 
G 5 HOH 52  452 186 HOH HOH A . 
G 5 HOH 53  453 49  HOH HOH A . 
G 5 HOH 54  454 110 HOH HOH A . 
G 5 HOH 55  455 159 HOH HOH A . 
G 5 HOH 56  456 105 HOH HOH A . 
G 5 HOH 57  457 201 HOH HOH A . 
G 5 HOH 58  458 51  HOH HOH A . 
G 5 HOH 59  459 15  HOH HOH A . 
G 5 HOH 60  460 78  HOH HOH A . 
G 5 HOH 61  461 14  HOH HOH A . 
G 5 HOH 62  462 141 HOH HOH A . 
G 5 HOH 63  463 10  HOH HOH A . 
G 5 HOH 64  464 103 HOH HOH A . 
G 5 HOH 65  465 104 HOH HOH A . 
G 5 HOH 66  466 193 HOH HOH A . 
G 5 HOH 67  467 22  HOH HOH A . 
G 5 HOH 68  468 35  HOH HOH A . 
G 5 HOH 69  469 99  HOH HOH A . 
G 5 HOH 70  470 45  HOH HOH A . 
G 5 HOH 71  471 3   HOH HOH A . 
G 5 HOH 72  472 7   HOH HOH A . 
G 5 HOH 73  473 59  HOH HOH A . 
G 5 HOH 74  474 61  HOH HOH A . 
G 5 HOH 75  475 85  HOH HOH A . 
G 5 HOH 76  476 139 HOH HOH A . 
G 5 HOH 77  477 42  HOH HOH A . 
G 5 HOH 78  478 125 HOH HOH A . 
G 5 HOH 79  479 11  HOH HOH A . 
G 5 HOH 80  480 12  HOH HOH A . 
G 5 HOH 81  481 182 HOH HOH A . 
G 5 HOH 82  482 37  HOH HOH A . 
G 5 HOH 83  483 102 HOH HOH A . 
G 5 HOH 84  484 56  HOH HOH A . 
G 5 HOH 85  485 153 HOH HOH A . 
G 5 HOH 86  486 2   HOH HOH A . 
G 5 HOH 87  487 8   HOH HOH A . 
G 5 HOH 88  488 1   HOH HOH A . 
G 5 HOH 89  489 212 HOH HOH A . 
G 5 HOH 90  490 28  HOH HOH A . 
G 5 HOH 91  491 40  HOH HOH A . 
G 5 HOH 92  492 75  HOH HOH A . 
G 5 HOH 93  493 98  HOH HOH A . 
G 5 HOH 94  494 72  HOH HOH A . 
G 5 HOH 95  495 27  HOH HOH A . 
G 5 HOH 96  496 71  HOH HOH A . 
G 5 HOH 97  497 17  HOH HOH A . 
G 5 HOH 98  498 121 HOH HOH A . 
G 5 HOH 99  499 152 HOH HOH A . 
G 5 HOH 100 500 66  HOH HOH A . 
G 5 HOH 101 501 55  HOH HOH A . 
G 5 HOH 102 502 30  HOH HOH A . 
G 5 HOH 103 503 206 HOH HOH A . 
G 5 HOH 104 504 106 HOH HOH A . 
G 5 HOH 105 505 145 HOH HOH A . 
G 5 HOH 106 506 31  HOH HOH A . 
G 5 HOH 107 507 154 HOH HOH A . 
G 5 HOH 108 508 155 HOH HOH A . 
G 5 HOH 109 509 88  HOH HOH A . 
G 5 HOH 110 510 176 HOH HOH A . 
G 5 HOH 111 511 21  HOH HOH A . 
G 5 HOH 112 512 170 HOH HOH A . 
G 5 HOH 113 513 5   HOH HOH A . 
G 5 HOH 114 514 194 HOH HOH A . 
G 5 HOH 115 515 96  HOH HOH A . 
G 5 HOH 116 516 63  HOH HOH A . 
G 5 HOH 117 517 149 HOH HOH A . 
G 5 HOH 118 518 200 HOH HOH A . 
G 5 HOH 119 519 43  HOH HOH A . 
G 5 HOH 120 520 23  HOH HOH A . 
G 5 HOH 121 521 126 HOH HOH A . 
G 5 HOH 122 522 138 HOH HOH A . 
G 5 HOH 123 523 191 HOH HOH A . 
G 5 HOH 124 524 127 HOH HOH A . 
G 5 HOH 125 525 147 HOH HOH A . 
G 5 HOH 126 526 46  HOH HOH A . 
G 5 HOH 127 527 119 HOH HOH A . 
G 5 HOH 128 528 150 HOH HOH A . 
G 5 HOH 129 529 129 HOH HOH A . 
G 5 HOH 130 530 57  HOH HOH A . 
G 5 HOH 131 531 111 HOH HOH A . 
G 5 HOH 132 532 122 HOH HOH A . 
G 5 HOH 133 533 173 HOH HOH A . 
G 5 HOH 134 534 174 HOH HOH A . 
G 5 HOH 135 535 169 HOH HOH A . 
G 5 HOH 136 536 172 HOH HOH A . 
G 5 HOH 137 537 16  HOH HOH A . 
G 5 HOH 138 538 161 HOH HOH A . 
G 5 HOH 139 539 205 HOH HOH A . 
G 5 HOH 140 540 177 HOH HOH A . 
G 5 HOH 141 541 144 HOH HOH A . 
G 5 HOH 142 542 204 HOH HOH A . 
G 5 HOH 143 543 178 HOH HOH A . 
G 5 HOH 144 544 44  HOH HOH A . 
G 5 HOH 145 545 50  HOH HOH A . 
G 5 HOH 146 546 192 HOH HOH A . 
G 5 HOH 147 547 168 HOH HOH A . 
G 5 HOH 148 548 123 HOH HOH A . 
G 5 HOH 149 549 131 HOH HOH A . 
G 5 HOH 150 550 29  HOH HOH A . 
G 5 HOH 151 551 133 HOH HOH A . 
G 5 HOH 152 552 52  HOH HOH A . 
G 5 HOH 153 553 190 HOH HOH A . 
G 5 HOH 154 554 93  HOH HOH A . 
G 5 HOH 155 555 184 HOH HOH A . 
G 5 HOH 156 556 54  HOH HOH A . 
G 5 HOH 157 557 188 HOH HOH A . 
G 5 HOH 158 558 185 HOH HOH A . 
G 5 HOH 159 559 195 HOH HOH A . 
G 5 HOH 160 560 207 HOH HOH A . 
G 5 HOH 161 561 132 HOH HOH A . 
G 5 HOH 162 562 130 HOH HOH A . 
G 5 HOH 163 563 165 HOH HOH A . 
G 5 HOH 164 564 171 HOH HOH A . 
G 5 HOH 165 565 148 HOH HOH A . 
G 5 HOH 166 566 68  HOH HOH A . 
G 5 HOH 167 567 164 HOH HOH A . 
G 5 HOH 168 568 115 HOH HOH A . 
# 
loop_
_pdbx_struct_mod_residue.id 
_pdbx_struct_mod_residue.label_asym_id 
_pdbx_struct_mod_residue.label_comp_id 
_pdbx_struct_mod_residue.label_seq_id 
_pdbx_struct_mod_residue.auth_asym_id 
_pdbx_struct_mod_residue.auth_comp_id 
_pdbx_struct_mod_residue.auth_seq_id 
_pdbx_struct_mod_residue.PDB_ins_code 
_pdbx_struct_mod_residue.parent_comp_id 
_pdbx_struct_mod_residue.details 
1 A HYP 88 A HYP 102 ? PRO 'modified residue' 
2 A CSO 95 A CSO 109 ? CYS 'modified residue' 
# 
_pdbx_struct_assembly.id                   1 
_pdbx_struct_assembly.details              author_and_software_defined_assembly 
_pdbx_struct_assembly.method_details       PISA 
_pdbx_struct_assembly.oligomeric_details   monomeric 
_pdbx_struct_assembly.oligomeric_count     1 
# 
_pdbx_struct_assembly_gen.assembly_id       1 
_pdbx_struct_assembly_gen.oper_expression   1 
_pdbx_struct_assembly_gen.asym_id_list      A,B,C,D,E,F,G 
# 
loop_
_pdbx_struct_assembly_prop.biol_id 
_pdbx_struct_assembly_prop.type 
_pdbx_struct_assembly_prop.value 
_pdbx_struct_assembly_prop.details 
1 'ABSA (A^2)' 760   ? 
1 MORE         5     ? 
1 'SSA (A^2)'  10420 ? 
# 
_pdbx_struct_oper_list.id                   1 
_pdbx_struct_oper_list.type                 'identity operation' 
_pdbx_struct_oper_list.name                 1_555 
_pdbx_struct_oper_list.symmetry_operation   x,y,z 
_pdbx_struct_oper_list.matrix[1][1]         1.0000000000 
_pdbx_struct_oper_list.matrix[1][2]         0.0000000000 
_pdbx_struct_oper_list.matrix[1][3]         0.0000000000 
_pdbx_struct_oper_list.vector[1]            0.0000000000 
_pdbx_struct_oper_list.matrix[2][1]         0.0000000000 
_pdbx_struct_oper_list.matrix[2][2]         1.0000000000 
_pdbx_struct_oper_list.matrix[2][3]         0.0000000000 
_pdbx_struct_oper_list.vector[2]            0.0000000000 
_pdbx_struct_oper_list.matrix[3][1]         0.0000000000 
_pdbx_struct_oper_list.matrix[3][2]         0.0000000000 
_pdbx_struct_oper_list.matrix[3][3]         1.0000000000 
_pdbx_struct_oper_list.vector[3]            0.0000000000 
# 
loop_
_pdbx_audit_revision_history.ordinal 
_pdbx_audit_revision_history.data_content_type 
_pdbx_audit_revision_history.major_revision 
_pdbx_audit_revision_history.minor_revision 
_pdbx_audit_revision_history.revision_date 
1 'Structure model' 1 0 2019-03-27 
2 'Structure model' 1 1 2023-11-15 
# 
_pdbx_audit_revision_details.ordinal             1 
_pdbx_audit_revision_details.revision_ordinal    1 
_pdbx_audit_revision_details.data_content_type   'Structure model' 
_pdbx_audit_revision_details.provider            repository 
_pdbx_audit_revision_details.type                'Initial release' 
_pdbx_audit_revision_details.description         ? 
_pdbx_audit_revision_details.details             ? 
# 
loop_
_pdbx_audit_revision_group.ordinal 
_pdbx_audit_revision_group.revision_ordinal 
_pdbx_audit_revision_group.data_content_type 
_pdbx_audit_revision_group.group 
1 2 'Structure model' 'Data collection'     
2 2 'Structure model' 'Database references' 
# 
loop_
_pdbx_audit_revision_category.ordinal 
_pdbx_audit_revision_category.revision_ordinal 
_pdbx_audit_revision_category.data_content_type 
_pdbx_audit_revision_category.category 
1 2 'Structure model' chem_comp_atom 
2 2 'Structure model' chem_comp_bond 
3 2 'Structure model' database_2     
# 
loop_
_pdbx_audit_revision_item.ordinal 
_pdbx_audit_revision_item.revision_ordinal 
_pdbx_audit_revision_item.data_content_type 
_pdbx_audit_revision_item.item 
1 2 'Structure model' '_database_2.pdbx_DOI'                
2 2 'Structure model' '_database_2.pdbx_database_accession' 
# 
_phasing.method   MR 
# 
loop_
_software.pdbx_ordinal 
_software.name 
_software.version 
_software.date 
_software.type 
_software.contact_author 
_software.contact_author_email 
_software.classification 
_software.location 
_software.language 
_software.citation_id 
1 REFMAC      5.8.0189 ?               program 'Garib N. Murshudov' garib@ysbl.york.ac.uk    refinement        
http://www.ccp4.ac.uk/dist/html/refmac5.html        Fortran_77 ? 
2 Aimless     0.5.31   12/12/16        program 'Phil Evans'         ?                        'data scaling'    
http://www.mrc-lmb.cam.ac.uk/harry/pre/aimless.html ?          ? 
3 PDB_EXTRACT 3.23     'SEP. 23, 2016' package PDB                  deposit@deposit.rcsb.org 'data extraction' 
http://sw-tools.pdb.org/apps/PDB_EXTRACT/           C++        ? 
4 XDS         .        ?               program ?                    ?                        'data reduction'  ? ?          ? 
5 REFMAC      .        ?               program ?                    ?                        phasing           ? ?          ? 
# 
loop_
_pdbx_validate_torsion.id 
_pdbx_validate_torsion.PDB_model_num 
_pdbx_validate_torsion.auth_comp_id 
_pdbx_validate_torsion.auth_asym_id 
_pdbx_validate_torsion.auth_seq_id 
_pdbx_validate_torsion.PDB_ins_code 
_pdbx_validate_torsion.label_alt_id 
_pdbx_validate_torsion.phi 
_pdbx_validate_torsion.psi 
1 1 ARG A 66  ? ? -69.06 -70.47 
2 1 THR A 118 ? ? 70.51  -17.09 
# 
loop_
_pdbx_unobs_or_zero_occ_atoms.id 
_pdbx_unobs_or_zero_occ_atoms.PDB_model_num 
_pdbx_unobs_or_zero_occ_atoms.polymer_flag 
_pdbx_unobs_or_zero_occ_atoms.occupancy_flag 
_pdbx_unobs_or_zero_occ_atoms.auth_asym_id 
_pdbx_unobs_or_zero_occ_atoms.auth_comp_id 
_pdbx_unobs_or_zero_occ_atoms.auth_seq_id 
_pdbx_unobs_or_zero_occ_atoms.PDB_ins_code 
_pdbx_unobs_or_zero_occ_atoms.auth_atom_id 
_pdbx_unobs_or_zero_occ_atoms.label_alt_id 
_pdbx_unobs_or_zero_occ_atoms.label_asym_id 
_pdbx_unobs_or_zero_occ_atoms.label_comp_id 
_pdbx_unobs_or_zero_occ_atoms.label_seq_id 
_pdbx_unobs_or_zero_occ_atoms.label_atom_id 
1 1 Y 1 A GLN 161 ? CG  ? A GLN 147 CG  
2 1 Y 1 A GLN 161 ? CD  ? A GLN 147 CD  
3 1 Y 1 A GLN 161 ? OE1 ? A GLN 147 OE1 
4 1 Y 1 A GLN 161 ? NE2 ? A GLN 147 NE2 
# 
loop_
_pdbx_unobs_or_zero_occ_residues.id 
_pdbx_unobs_or_zero_occ_residues.PDB_model_num 
_pdbx_unobs_or_zero_occ_residues.polymer_flag 
_pdbx_unobs_or_zero_occ_residues.occupancy_flag 
_pdbx_unobs_or_zero_occ_residues.auth_asym_id 
_pdbx_unobs_or_zero_occ_residues.auth_comp_id 
_pdbx_unobs_or_zero_occ_residues.auth_seq_id 
_pdbx_unobs_or_zero_occ_residues.PDB_ins_code 
_pdbx_unobs_or_zero_occ_residues.label_asym_id 
_pdbx_unobs_or_zero_occ_residues.label_comp_id 
_pdbx_unobs_or_zero_occ_residues.label_seq_id 
1  1 Y 1 A HIS 162 ? A HIS 148 
2  1 Y 1 A TYR 163 ? A TYR 149 
3  1 Y 1 A VAL 164 ? A VAL 150 
4  1 Y 1 A THR 165 ? A THR 151 
5  1 Y 1 A ARG 166 ? A ARG 152 
6  1 Y 1 A LEU 167 ? A LEU 153 
7  1 Y 1 A GLY 168 ? A GLY 154 
8  1 Y 1 A HIS 169 ? A HIS 155 
9  1 Y 1 A ARG 170 ? A ARG 156 
10 1 Y 1 A PHE 171 ? A PHE 157 
# 
loop_
_chem_comp_atom.comp_id 
_chem_comp_atom.atom_id 
_chem_comp_atom.type_symbol 
_chem_comp_atom.pdbx_aromatic_flag 
_chem_comp_atom.pdbx_stereo_config 
_chem_comp_atom.pdbx_ordinal 
ACT C    C N N 1   
ACT O    O N N 2   
ACT OXT  O N N 3   
ACT CH3  C N N 4   
ACT H1   H N N 5   
ACT H2   H N N 6   
ACT H3   H N N 7   
ALA N    N N N 8   
ALA CA   C N S 9   
ALA C    C N N 10  
ALA O    O N N 11  
ALA CB   C N N 12  
ALA OXT  O N N 13  
ALA H    H N N 14  
ALA H2   H N N 15  
ALA HA   H N N 16  
ALA HB1  H N N 17  
ALA HB2  H N N 18  
ALA HB3  H N N 19  
ALA HXT  H N N 20  
ARG N    N N N 21  
ARG CA   C N S 22  
ARG C    C N N 23  
ARG O    O N N 24  
ARG CB   C N N 25  
ARG CG   C N N 26  
ARG CD   C N N 27  
ARG NE   N N N 28  
ARG CZ   C N N 29  
ARG NH1  N N N 30  
ARG NH2  N N N 31  
ARG OXT  O N N 32  
ARG H    H N N 33  
ARG H2   H N N 34  
ARG HA   H N N 35  
ARG HB2  H N N 36  
ARG HB3  H N N 37  
ARG HG2  H N N 38  
ARG HG3  H N N 39  
ARG HD2  H N N 40  
ARG HD3  H N N 41  
ARG HE   H N N 42  
ARG HH11 H N N 43  
ARG HH12 H N N 44  
ARG HH21 H N N 45  
ARG HH22 H N N 46  
ARG HXT  H N N 47  
ASN N    N N N 48  
ASN CA   C N S 49  
ASN C    C N N 50  
ASN O    O N N 51  
ASN CB   C N N 52  
ASN CG   C N N 53  
ASN OD1  O N N 54  
ASN ND2  N N N 55  
ASN OXT  O N N 56  
ASN H    H N N 57  
ASN H2   H N N 58  
ASN HA   H N N 59  
ASN HB2  H N N 60  
ASN HB3  H N N 61  
ASN HD21 H N N 62  
ASN HD22 H N N 63  
ASN HXT  H N N 64  
ASP N    N N N 65  
ASP CA   C N S 66  
ASP C    C N N 67  
ASP O    O N N 68  
ASP CB   C N N 69  
ASP CG   C N N 70  
ASP OD1  O N N 71  
ASP OD2  O N N 72  
ASP OXT  O N N 73  
ASP H    H N N 74  
ASP H2   H N N 75  
ASP HA   H N N 76  
ASP HB2  H N N 77  
ASP HB3  H N N 78  
ASP HD2  H N N 79  
ASP HXT  H N N 80  
CSO N    N N N 81  
CSO CA   C N R 82  
CSO CB   C N N 83  
CSO SG   S N N 84  
CSO C    C N N 85  
CSO O    O N N 86  
CSO OXT  O N N 87  
CSO OD   O N N 88  
CSO H    H N N 89  
CSO H2   H N N 90  
CSO HA   H N N 91  
CSO HB2  H N N 92  
CSO HB3  H N N 93  
CSO HXT  H N N 94  
CSO HD   H N N 95  
CYS N    N N N 96  
CYS CA   C N R 97  
CYS C    C N N 98  
CYS O    O N N 99  
CYS CB   C N N 100 
CYS SG   S N N 101 
CYS OXT  O N N 102 
CYS H    H N N 103 
CYS H2   H N N 104 
CYS HA   H N N 105 
CYS HB2  H N N 106 
CYS HB3  H N N 107 
CYS HG   H N N 108 
CYS HXT  H N N 109 
DMS S    S N N 110 
DMS O    O N N 111 
DMS C1   C N N 112 
DMS C2   C N N 113 
DMS H11  H N N 114 
DMS H12  H N N 115 
DMS H13  H N N 116 
DMS H21  H N N 117 
DMS H22  H N N 118 
DMS H23  H N N 119 
GLN N    N N N 120 
GLN CA   C N S 121 
GLN C    C N N 122 
GLN O    O N N 123 
GLN CB   C N N 124 
GLN CG   C N N 125 
GLN CD   C N N 126 
GLN OE1  O N N 127 
GLN NE2  N N N 128 
GLN OXT  O N N 129 
GLN H    H N N 130 
GLN H2   H N N 131 
GLN HA   H N N 132 
GLN HB2  H N N 133 
GLN HB3  H N N 134 
GLN HG2  H N N 135 
GLN HG3  H N N 136 
GLN HE21 H N N 137 
GLN HE22 H N N 138 
GLN HXT  H N N 139 
GLU N    N N N 140 
GLU CA   C N S 141 
GLU C    C N N 142 
GLU O    O N N 143 
GLU CB   C N N 144 
GLU CG   C N N 145 
GLU CD   C N N 146 
GLU OE1  O N N 147 
GLU OE2  O N N 148 
GLU OXT  O N N 149 
GLU H    H N N 150 
GLU H2   H N N 151 
GLU HA   H N N 152 
GLU HB2  H N N 153 
GLU HB3  H N N 154 
GLU HG2  H N N 155 
GLU HG3  H N N 156 
GLU HE2  H N N 157 
GLU HXT  H N N 158 
GLY N    N N N 159 
GLY CA   C N N 160 
GLY C    C N N 161 
GLY O    O N N 162 
GLY OXT  O N N 163 
GLY H    H N N 164 
GLY H2   H N N 165 
GLY HA2  H N N 166 
GLY HA3  H N N 167 
GLY HXT  H N N 168 
H3G N1   N N N 169 
H3G C4   C N N 170 
H3G C5   C N N 171 
H3G C6   C N N 172 
H3G C7   C N N 173 
H3G C8   C N N 174 
H3G C10  C N N 175 
H3G C13  C Y N 176 
H3G C15  C Y N 177 
H3G C1   C N N 178 
H3G C2   C N N 179 
H3G C3   C N N 180 
H3G C9   C N N 181 
H3G O1   O N N 182 
H3G C11  C Y N 183 
H3G C12  C Y N 184 
H3G C14  C Y N 185 
H3G C16  C Y N 186 
H3G H1   H N N 187 
H3G H2   H N N 188 
H3G H3   H N N 189 
H3G H4   H N N 190 
H3G H5   H N N 191 
H3G H6   H N N 192 
H3G H7   H N N 193 
H3G H8   H N N 194 
H3G H9   H N N 195 
H3G H10  H N N 196 
H3G H11  H N N 197 
H3G H12  H N N 198 
H3G H13  H N N 199 
H3G H14  H N N 200 
H3G H15  H N N 201 
H3G H16  H N N 202 
H3G H17  H N N 203 
H3G H18  H N N 204 
H3G H19  H N N 205 
H3G H20  H N N 206 
H3G H21  H N N 207 
H3G H22  H N N 208 
H3G H23  H N N 209 
HIS N    N N N 210 
HIS CA   C N S 211 
HIS C    C N N 212 
HIS O    O N N 213 
HIS CB   C N N 214 
HIS CG   C Y N 215 
HIS ND1  N Y N 216 
HIS CD2  C Y N 217 
HIS CE1  C Y N 218 
HIS NE2  N Y N 219 
HIS OXT  O N N 220 
HIS H    H N N 221 
HIS H2   H N N 222 
HIS HA   H N N 223 
HIS HB2  H N N 224 
HIS HB3  H N N 225 
HIS HD1  H N N 226 
HIS HD2  H N N 227 
HIS HE1  H N N 228 
HIS HE2  H N N 229 
HIS HXT  H N N 230 
HOH O    O N N 231 
HOH H1   H N N 232 
HOH H2   H N N 233 
HYP N    N N N 234 
HYP CA   C N S 235 
HYP C    C N N 236 
HYP O    O N N 237 
HYP CB   C N N 238 
HYP CG   C N R 239 
HYP CD   C N N 240 
HYP OD1  O N N 241 
HYP OXT  O N N 242 
HYP H    H N N 243 
HYP HA   H N N 244 
HYP HB2  H N N 245 
HYP HB3  H N N 246 
HYP HG   H N N 247 
HYP HD22 H N N 248 
HYP HD23 H N N 249 
HYP HD1  H N N 250 
HYP HXT  H N N 251 
ILE N    N N N 252 
ILE CA   C N S 253 
ILE C    C N N 254 
ILE O    O N N 255 
ILE CB   C N S 256 
ILE CG1  C N N 257 
ILE CG2  C N N 258 
ILE CD1  C N N 259 
ILE OXT  O N N 260 
ILE H    H N N 261 
ILE H2   H N N 262 
ILE HA   H N N 263 
ILE HB   H N N 264 
ILE HG12 H N N 265 
ILE HG13 H N N 266 
ILE HG21 H N N 267 
ILE HG22 H N N 268 
ILE HG23 H N N 269 
ILE HD11 H N N 270 
ILE HD12 H N N 271 
ILE HD13 H N N 272 
ILE HXT  H N N 273 
LEU N    N N N 274 
LEU CA   C N S 275 
LEU C    C N N 276 
LEU O    O N N 277 
LEU CB   C N N 278 
LEU CG   C N N 279 
LEU CD1  C N N 280 
LEU CD2  C N N 281 
LEU OXT  O N N 282 
LEU H    H N N 283 
LEU H2   H N N 284 
LEU HA   H N N 285 
LEU HB2  H N N 286 
LEU HB3  H N N 287 
LEU HG   H N N 288 
LEU HD11 H N N 289 
LEU HD12 H N N 290 
LEU HD13 H N N 291 
LEU HD21 H N N 292 
LEU HD22 H N N 293 
LEU HD23 H N N 294 
LEU HXT  H N N 295 
LYS N    N N N 296 
LYS CA   C N S 297 
LYS C    C N N 298 
LYS O    O N N 299 
LYS CB   C N N 300 
LYS CG   C N N 301 
LYS CD   C N N 302 
LYS CE   C N N 303 
LYS NZ   N N N 304 
LYS OXT  O N N 305 
LYS H    H N N 306 
LYS H2   H N N 307 
LYS HA   H N N 308 
LYS HB2  H N N 309 
LYS HB3  H N N 310 
LYS HG2  H N N 311 
LYS HG3  H N N 312 
LYS HD2  H N N 313 
LYS HD3  H N N 314 
LYS HE2  H N N 315 
LYS HE3  H N N 316 
LYS HZ1  H N N 317 
LYS HZ2  H N N 318 
LYS HZ3  H N N 319 
LYS HXT  H N N 320 
MET N    N N N 321 
MET CA   C N S 322 
MET C    C N N 323 
MET O    O N N 324 
MET CB   C N N 325 
MET CG   C N N 326 
MET SD   S N N 327 
MET CE   C N N 328 
MET OXT  O N N 329 
MET H    H N N 330 
MET H2   H N N 331 
MET HA   H N N 332 
MET HB2  H N N 333 
MET HB3  H N N 334 
MET HG2  H N N 335 
MET HG3  H N N 336 
MET HE1  H N N 337 
MET HE2  H N N 338 
MET HE3  H N N 339 
MET HXT  H N N 340 
PHE N    N N N 341 
PHE CA   C N S 342 
PHE C    C N N 343 
PHE O    O N N 344 
PHE CB   C N N 345 
PHE CG   C Y N 346 
PHE CD1  C Y N 347 
PHE CD2  C Y N 348 
PHE CE1  C Y N 349 
PHE CE2  C Y N 350 
PHE CZ   C Y N 351 
PHE OXT  O N N 352 
PHE H    H N N 353 
PHE H2   H N N 354 
PHE HA   H N N 355 
PHE HB2  H N N 356 
PHE HB3  H N N 357 
PHE HD1  H N N 358 
PHE HD2  H N N 359 
PHE HE1  H N N 360 
PHE HE2  H N N 361 
PHE HZ   H N N 362 
PHE HXT  H N N 363 
PRO N    N N N 364 
PRO CA   C N S 365 
PRO C    C N N 366 
PRO O    O N N 367 
PRO CB   C N N 368 
PRO CG   C N N 369 
PRO CD   C N N 370 
PRO OXT  O N N 371 
PRO H    H N N 372 
PRO HA   H N N 373 
PRO HB2  H N N 374 
PRO HB3  H N N 375 
PRO HG2  H N N 376 
PRO HG3  H N N 377 
PRO HD2  H N N 378 
PRO HD3  H N N 379 
PRO HXT  H N N 380 
SER N    N N N 381 
SER CA   C N S 382 
SER C    C N N 383 
SER O    O N N 384 
SER CB   C N N 385 
SER OG   O N N 386 
SER OXT  O N N 387 
SER H    H N N 388 
SER H2   H N N 389 
SER HA   H N N 390 
SER HB2  H N N 391 
SER HB3  H N N 392 
SER HG   H N N 393 
SER HXT  H N N 394 
THR N    N N N 395 
THR CA   C N S 396 
THR C    C N N 397 
THR O    O N N 398 
THR CB   C N R 399 
THR OG1  O N N 400 
THR CG2  C N N 401 
THR OXT  O N N 402 
THR H    H N N 403 
THR H2   H N N 404 
THR HA   H N N 405 
THR HB   H N N 406 
THR HG1  H N N 407 
THR HG21 H N N 408 
THR HG22 H N N 409 
THR HG23 H N N 410 
THR HXT  H N N 411 
TYR N    N N N 412 
TYR CA   C N S 413 
TYR C    C N N 414 
TYR O    O N N 415 
TYR CB   C N N 416 
TYR CG   C Y N 417 
TYR CD1  C Y N 418 
TYR CD2  C Y N 419 
TYR CE1  C Y N 420 
TYR CE2  C Y N 421 
TYR CZ   C Y N 422 
TYR OH   O N N 423 
TYR OXT  O N N 424 
TYR H    H N N 425 
TYR H2   H N N 426 
TYR HA   H N N 427 
TYR HB2  H N N 428 
TYR HB3  H N N 429 
TYR HD1  H N N 430 
TYR HD2  H N N 431 
TYR HE1  H N N 432 
TYR HE2  H N N 433 
TYR HH   H N N 434 
TYR HXT  H N N 435 
VAL N    N N N 436 
VAL CA   C N S 437 
VAL C    C N N 438 
VAL O    O N N 439 
VAL CB   C N N 440 
VAL CG1  C N N 441 
VAL CG2  C N N 442 
VAL OXT  O N N 443 
VAL H    H N N 444 
VAL H2   H N N 445 
VAL HA   H N N 446 
VAL HB   H N N 447 
VAL HG11 H N N 448 
VAL HG12 H N N 449 
VAL HG13 H N N 450 
VAL HG21 H N N 451 
VAL HG22 H N N 452 
VAL HG23 H N N 453 
VAL HXT  H N N 454 
# 
loop_
_chem_comp_bond.comp_id 
_chem_comp_bond.atom_id_1 
_chem_comp_bond.atom_id_2 
_chem_comp_bond.value_order 
_chem_comp_bond.pdbx_aromatic_flag 
_chem_comp_bond.pdbx_stereo_config 
_chem_comp_bond.pdbx_ordinal 
ACT C   O    doub N N 1   
ACT C   OXT  sing N N 2   
ACT C   CH3  sing N N 3   
ACT CH3 H1   sing N N 4   
ACT CH3 H2   sing N N 5   
ACT CH3 H3   sing N N 6   
ALA N   CA   sing N N 7   
ALA N   H    sing N N 8   
ALA N   H2   sing N N 9   
ALA CA  C    sing N N 10  
ALA CA  CB   sing N N 11  
ALA CA  HA   sing N N 12  
ALA C   O    doub N N 13  
ALA C   OXT  sing N N 14  
ALA CB  HB1  sing N N 15  
ALA CB  HB2  sing N N 16  
ALA CB  HB3  sing N N 17  
ALA OXT HXT  sing N N 18  
ARG N   CA   sing N N 19  
ARG N   H    sing N N 20  
ARG N   H2   sing N N 21  
ARG CA  C    sing N N 22  
ARG CA  CB   sing N N 23  
ARG CA  HA   sing N N 24  
ARG C   O    doub N N 25  
ARG C   OXT  sing N N 26  
ARG CB  CG   sing N N 27  
ARG CB  HB2  sing N N 28  
ARG CB  HB3  sing N N 29  
ARG CG  CD   sing N N 30  
ARG CG  HG2  sing N N 31  
ARG CG  HG3  sing N N 32  
ARG CD  NE   sing N N 33  
ARG CD  HD2  sing N N 34  
ARG CD  HD3  sing N N 35  
ARG NE  CZ   sing N N 36  
ARG NE  HE   sing N N 37  
ARG CZ  NH1  sing N N 38  
ARG CZ  NH2  doub N N 39  
ARG NH1 HH11 sing N N 40  
ARG NH1 HH12 sing N N 41  
ARG NH2 HH21 sing N N 42  
ARG NH2 HH22 sing N N 43  
ARG OXT HXT  sing N N 44  
ASN N   CA   sing N N 45  
ASN N   H    sing N N 46  
ASN N   H2   sing N N 47  
ASN CA  C    sing N N 48  
ASN CA  CB   sing N N 49  
ASN CA  HA   sing N N 50  
ASN C   O    doub N N 51  
ASN C   OXT  sing N N 52  
ASN CB  CG   sing N N 53  
ASN CB  HB2  sing N N 54  
ASN CB  HB3  sing N N 55  
ASN CG  OD1  doub N N 56  
ASN CG  ND2  sing N N 57  
ASN ND2 HD21 sing N N 58  
ASN ND2 HD22 sing N N 59  
ASN OXT HXT  sing N N 60  
ASP N   CA   sing N N 61  
ASP N   H    sing N N 62  
ASP N   H2   sing N N 63  
ASP CA  C    sing N N 64  
ASP CA  CB   sing N N 65  
ASP CA  HA   sing N N 66  
ASP C   O    doub N N 67  
ASP C   OXT  sing N N 68  
ASP CB  CG   sing N N 69  
ASP CB  HB2  sing N N 70  
ASP CB  HB3  sing N N 71  
ASP CG  OD1  doub N N 72  
ASP CG  OD2  sing N N 73  
ASP OD2 HD2  sing N N 74  
ASP OXT HXT  sing N N 75  
CSO N   CA   sing N N 76  
CSO N   H    sing N N 77  
CSO N   H2   sing N N 78  
CSO CA  CB   sing N N 79  
CSO CA  C    sing N N 80  
CSO CA  HA   sing N N 81  
CSO CB  SG   sing N N 82  
CSO CB  HB2  sing N N 83  
CSO CB  HB3  sing N N 84  
CSO SG  OD   sing N N 85  
CSO C   O    doub N N 86  
CSO C   OXT  sing N N 87  
CSO OXT HXT  sing N N 88  
CSO OD  HD   sing N N 89  
CYS N   CA   sing N N 90  
CYS N   H    sing N N 91  
CYS N   H2   sing N N 92  
CYS CA  C    sing N N 93  
CYS CA  CB   sing N N 94  
CYS CA  HA   sing N N 95  
CYS C   O    doub N N 96  
CYS C   OXT  sing N N 97  
CYS CB  SG   sing N N 98  
CYS CB  HB2  sing N N 99  
CYS CB  HB3  sing N N 100 
CYS SG  HG   sing N N 101 
CYS OXT HXT  sing N N 102 
DMS S   O    doub N N 103 
DMS S   C1   sing N N 104 
DMS S   C2   sing N N 105 
DMS C1  H11  sing N N 106 
DMS C1  H12  sing N N 107 
DMS C1  H13  sing N N 108 
DMS C2  H21  sing N N 109 
DMS C2  H22  sing N N 110 
DMS C2  H23  sing N N 111 
GLN N   CA   sing N N 112 
GLN N   H    sing N N 113 
GLN N   H2   sing N N 114 
GLN CA  C    sing N N 115 
GLN CA  CB   sing N N 116 
GLN CA  HA   sing N N 117 
GLN C   O    doub N N 118 
GLN C   OXT  sing N N 119 
GLN CB  CG   sing N N 120 
GLN CB  HB2  sing N N 121 
GLN CB  HB3  sing N N 122 
GLN CG  CD   sing N N 123 
GLN CG  HG2  sing N N 124 
GLN CG  HG3  sing N N 125 
GLN CD  OE1  doub N N 126 
GLN CD  NE2  sing N N 127 
GLN NE2 HE21 sing N N 128 
GLN NE2 HE22 sing N N 129 
GLN OXT HXT  sing N N 130 
GLU N   CA   sing N N 131 
GLU N   H    sing N N 132 
GLU N   H2   sing N N 133 
GLU CA  C    sing N N 134 
GLU CA  CB   sing N N 135 
GLU CA  HA   sing N N 136 
GLU C   O    doub N N 137 
GLU C   OXT  sing N N 138 
GLU CB  CG   sing N N 139 
GLU CB  HB2  sing N N 140 
GLU CB  HB3  sing N N 141 
GLU CG  CD   sing N N 142 
GLU CG  HG2  sing N N 143 
GLU CG  HG3  sing N N 144 
GLU CD  OE1  doub N N 145 
GLU CD  OE2  sing N N 146 
GLU OE2 HE2  sing N N 147 
GLU OXT HXT  sing N N 148 
GLY N   CA   sing N N 149 
GLY N   H    sing N N 150 
GLY N   H2   sing N N 151 
GLY CA  C    sing N N 152 
GLY CA  HA2  sing N N 153 
GLY CA  HA3  sing N N 154 
GLY C   O    doub N N 155 
GLY C   OXT  sing N N 156 
GLY OXT HXT  sing N N 157 
H3G C13 C14  doub Y N 158 
H3G C13 C12  sing Y N 159 
H3G C14 C15  sing Y N 160 
H3G C12 C11  doub Y N 161 
H3G C15 C16  doub Y N 162 
H3G C1  C2   sing N N 163 
H3G C11 C16  sing Y N 164 
H3G C11 C10  sing N N 165 
H3G C6  C7   sing N N 166 
H3G C6  C5   sing N N 167 
H3G C10 O1   doub N N 168 
H3G C10 N1   sing N N 169 
H3G C4  C2   sing N N 170 
H3G C2  C5   sing N N 171 
H3G C2  C3   sing N N 172 
H3G C7  N1   sing N N 173 
H3G N1  C8   sing N N 174 
H3G C5  C9   sing N N 175 
H3G C9  C8   sing N N 176 
H3G C4  H1   sing N N 177 
H3G C4  H2   sing N N 178 
H3G C4  H3   sing N N 179 
H3G C5  H4   sing N N 180 
H3G C6  H5   sing N N 181 
H3G C6  H6   sing N N 182 
H3G C7  H7   sing N N 183 
H3G C7  H8   sing N N 184 
H3G C8  H9   sing N N 185 
H3G C8  H10  sing N N 186 
H3G C13 H11  sing N N 187 
H3G C15 H12  sing N N 188 
H3G C1  H13  sing N N 189 
H3G C1  H14  sing N N 190 
H3G C1  H15  sing N N 191 
H3G C3  H16  sing N N 192 
H3G C3  H17  sing N N 193 
H3G C3  H18  sing N N 194 
H3G C9  H19  sing N N 195 
H3G C9  H20  sing N N 196 
H3G C12 H21  sing N N 197 
H3G C14 H22  sing N N 198 
H3G C16 H23  sing N N 199 
HIS N   CA   sing N N 200 
HIS N   H    sing N N 201 
HIS N   H2   sing N N 202 
HIS CA  C    sing N N 203 
HIS CA  CB   sing N N 204 
HIS CA  HA   sing N N 205 
HIS C   O    doub N N 206 
HIS C   OXT  sing N N 207 
HIS CB  CG   sing N N 208 
HIS CB  HB2  sing N N 209 
HIS CB  HB3  sing N N 210 
HIS CG  ND1  sing Y N 211 
HIS CG  CD2  doub Y N 212 
HIS ND1 CE1  doub Y N 213 
HIS ND1 HD1  sing N N 214 
HIS CD2 NE2  sing Y N 215 
HIS CD2 HD2  sing N N 216 
HIS CE1 NE2  sing Y N 217 
HIS CE1 HE1  sing N N 218 
HIS NE2 HE2  sing N N 219 
HIS OXT HXT  sing N N 220 
HOH O   H1   sing N N 221 
HOH O   H2   sing N N 222 
HYP N   CA   sing N N 223 
HYP N   CD   sing N N 224 
HYP N   H    sing N N 225 
HYP CA  C    sing N N 226 
HYP CA  CB   sing N N 227 
HYP CA  HA   sing N N 228 
HYP C   O    doub N N 229 
HYP C   OXT  sing N N 230 
HYP CB  CG   sing N N 231 
HYP CB  HB2  sing N N 232 
HYP CB  HB3  sing N N 233 
HYP CG  CD   sing N N 234 
HYP CG  OD1  sing N N 235 
HYP CG  HG   sing N N 236 
HYP CD  HD22 sing N N 237 
HYP CD  HD23 sing N N 238 
HYP OD1 HD1  sing N N 239 
HYP OXT HXT  sing N N 240 
ILE N   CA   sing N N 241 
ILE N   H    sing N N 242 
ILE N   H2   sing N N 243 
ILE CA  C    sing N N 244 
ILE CA  CB   sing N N 245 
ILE CA  HA   sing N N 246 
ILE C   O    doub N N 247 
ILE C   OXT  sing N N 248 
ILE CB  CG1  sing N N 249 
ILE CB  CG2  sing N N 250 
ILE CB  HB   sing N N 251 
ILE CG1 CD1  sing N N 252 
ILE CG1 HG12 sing N N 253 
ILE CG1 HG13 sing N N 254 
ILE CG2 HG21 sing N N 255 
ILE CG2 HG22 sing N N 256 
ILE CG2 HG23 sing N N 257 
ILE CD1 HD11 sing N N 258 
ILE CD1 HD12 sing N N 259 
ILE CD1 HD13 sing N N 260 
ILE OXT HXT  sing N N 261 
LEU N   CA   sing N N 262 
LEU N   H    sing N N 263 
LEU N   H2   sing N N 264 
LEU CA  C    sing N N 265 
LEU CA  CB   sing N N 266 
LEU CA  HA   sing N N 267 
LEU C   O    doub N N 268 
LEU C   OXT  sing N N 269 
LEU CB  CG   sing N N 270 
LEU CB  HB2  sing N N 271 
LEU CB  HB3  sing N N 272 
LEU CG  CD1  sing N N 273 
LEU CG  CD2  sing N N 274 
LEU CG  HG   sing N N 275 
LEU CD1 HD11 sing N N 276 
LEU CD1 HD12 sing N N 277 
LEU CD1 HD13 sing N N 278 
LEU CD2 HD21 sing N N 279 
LEU CD2 HD22 sing N N 280 
LEU CD2 HD23 sing N N 281 
LEU OXT HXT  sing N N 282 
LYS N   CA   sing N N 283 
LYS N   H    sing N N 284 
LYS N   H2   sing N N 285 
LYS CA  C    sing N N 286 
LYS CA  CB   sing N N 287 
LYS CA  HA   sing N N 288 
LYS C   O    doub N N 289 
LYS C   OXT  sing N N 290 
LYS CB  CG   sing N N 291 
LYS CB  HB2  sing N N 292 
LYS CB  HB3  sing N N 293 
LYS CG  CD   sing N N 294 
LYS CG  HG2  sing N N 295 
LYS CG  HG3  sing N N 296 
LYS CD  CE   sing N N 297 
LYS CD  HD2  sing N N 298 
LYS CD  HD3  sing N N 299 
LYS CE  NZ   sing N N 300 
LYS CE  HE2  sing N N 301 
LYS CE  HE3  sing N N 302 
LYS NZ  HZ1  sing N N 303 
LYS NZ  HZ2  sing N N 304 
LYS NZ  HZ3  sing N N 305 
LYS OXT HXT  sing N N 306 
MET N   CA   sing N N 307 
MET N   H    sing N N 308 
MET N   H2   sing N N 309 
MET CA  C    sing N N 310 
MET CA  CB   sing N N 311 
MET CA  HA   sing N N 312 
MET C   O    doub N N 313 
MET C   OXT  sing N N 314 
MET CB  CG   sing N N 315 
MET CB  HB2  sing N N 316 
MET CB  HB3  sing N N 317 
MET CG  SD   sing N N 318 
MET CG  HG2  sing N N 319 
MET CG  HG3  sing N N 320 
MET SD  CE   sing N N 321 
MET CE  HE1  sing N N 322 
MET CE  HE2  sing N N 323 
MET CE  HE3  sing N N 324 
MET OXT HXT  sing N N 325 
PHE N   CA   sing N N 326 
PHE N   H    sing N N 327 
PHE N   H2   sing N N 328 
PHE CA  C    sing N N 329 
PHE CA  CB   sing N N 330 
PHE CA  HA   sing N N 331 
PHE C   O    doub N N 332 
PHE C   OXT  sing N N 333 
PHE CB  CG   sing N N 334 
PHE CB  HB2  sing N N 335 
PHE CB  HB3  sing N N 336 
PHE CG  CD1  doub Y N 337 
PHE CG  CD2  sing Y N 338 
PHE CD1 CE1  sing Y N 339 
PHE CD1 HD1  sing N N 340 
PHE CD2 CE2  doub Y N 341 
PHE CD2 HD2  sing N N 342 
PHE CE1 CZ   doub Y N 343 
PHE CE1 HE1  sing N N 344 
PHE CE2 CZ   sing Y N 345 
PHE CE2 HE2  sing N N 346 
PHE CZ  HZ   sing N N 347 
PHE OXT HXT  sing N N 348 
PRO N   CA   sing N N 349 
PRO N   CD   sing N N 350 
PRO N   H    sing N N 351 
PRO CA  C    sing N N 352 
PRO CA  CB   sing N N 353 
PRO CA  HA   sing N N 354 
PRO C   O    doub N N 355 
PRO C   OXT  sing N N 356 
PRO CB  CG   sing N N 357 
PRO CB  HB2  sing N N 358 
PRO CB  HB3  sing N N 359 
PRO CG  CD   sing N N 360 
PRO CG  HG2  sing N N 361 
PRO CG  HG3  sing N N 362 
PRO CD  HD2  sing N N 363 
PRO CD  HD3  sing N N 364 
PRO OXT HXT  sing N N 365 
SER N   CA   sing N N 366 
SER N   H    sing N N 367 
SER N   H2   sing N N 368 
SER CA  C    sing N N 369 
SER CA  CB   sing N N 370 
SER CA  HA   sing N N 371 
SER C   O    doub N N 372 
SER C   OXT  sing N N 373 
SER CB  OG   sing N N 374 
SER CB  HB2  sing N N 375 
SER CB  HB3  sing N N 376 
SER OG  HG   sing N N 377 
SER OXT HXT  sing N N 378 
THR N   CA   sing N N 379 
THR N   H    sing N N 380 
THR N   H2   sing N N 381 
THR CA  C    sing N N 382 
THR CA  CB   sing N N 383 
THR CA  HA   sing N N 384 
THR C   O    doub N N 385 
THR C   OXT  sing N N 386 
THR CB  OG1  sing N N 387 
THR CB  CG2  sing N N 388 
THR CB  HB   sing N N 389 
THR OG1 HG1  sing N N 390 
THR CG2 HG21 sing N N 391 
THR CG2 HG22 sing N N 392 
THR CG2 HG23 sing N N 393 
THR OXT HXT  sing N N 394 
TYR N   CA   sing N N 395 
TYR N   H    sing N N 396 
TYR N   H2   sing N N 397 
TYR CA  C    sing N N 398 
TYR CA  CB   sing N N 399 
TYR CA  HA   sing N N 400 
TYR C   O    doub N N 401 
TYR C   OXT  sing N N 402 
TYR CB  CG   sing N N 403 
TYR CB  HB2  sing N N 404 
TYR CB  HB3  sing N N 405 
TYR CG  CD1  doub Y N 406 
TYR CG  CD2  sing Y N 407 
TYR CD1 CE1  sing Y N 408 
TYR CD1 HD1  sing N N 409 
TYR CD2 CE2  doub Y N 410 
TYR CD2 HD2  sing N N 411 
TYR CE1 CZ   doub Y N 412 
TYR CE1 HE1  sing N N 413 
TYR CE2 CZ   sing Y N 414 
TYR CE2 HE2  sing N N 415 
TYR CZ  OH   sing N N 416 
TYR OH  HH   sing N N 417 
TYR OXT HXT  sing N N 418 
VAL N   CA   sing N N 419 
VAL N   H    sing N N 420 
VAL N   H2   sing N N 421 
VAL CA  C    sing N N 422 
VAL CA  CB   sing N N 423 
VAL CA  HA   sing N N 424 
VAL C   O    doub N N 425 
VAL C   OXT  sing N N 426 
VAL CB  CG1  sing N N 427 
VAL CB  CG2  sing N N 428 
VAL CB  HB   sing N N 429 
VAL CG1 HG11 sing N N 430 
VAL CG1 HG12 sing N N 431 
VAL CG1 HG13 sing N N 432 
VAL CG2 HG21 sing N N 433 
VAL CG2 HG22 sing N N 434 
VAL CG2 HG23 sing N N 435 
VAL OXT HXT  sing N N 436 
# 
_pdbx_deposit_group.group_id            G_1002045 
_pdbx_deposit_group.group_description   
;human NUDT7 screened against the 3D-Fragment Consortium Library by X-ray Crystallography at the XChem facility of Diamond Light Source beamline I04-1
;
_pdbx_deposit_group.group_title         'PanDDA analysis group deposition of models with modelled events (e.g. bound ligands)' 
_pdbx_deposit_group.group_type          'changed state' 
# 
loop_
_pdbx_entity_nonpoly.entity_id 
_pdbx_entity_nonpoly.name 
_pdbx_entity_nonpoly.comp_id 
2 'ACETATE ION'                                   ACT 
3 'DIMETHYL SULFOXIDE'                            DMS 
4 '(4-tert-butylpiperidin-1-yl)(phenyl)methanone' H3G 
5 water                                           HOH 
# 
_pdbx_related_exp_data_set.ordinal              1 
_pdbx_related_exp_data_set.data_reference       10.5281/zenodo.1244111 
_pdbx_related_exp_data_set.metadata_reference   10.5281/zenodo.1244111 
_pdbx_related_exp_data_set.data_set_type        'other data' 
_pdbx_related_exp_data_set.details              'Complete PanDDA analysis' 
# 
